data_4AM3
#
_entry.id   4AM3
#
_cell.length_a   93.640
_cell.length_b   112.060
_cell.length_c   236.220
_cell.angle_alpha   90.00
_cell.angle_beta   90.00
_cell.angle_gamma   90.00
#
_symmetry.space_group_name_H-M   'P 2 21 21'
#
loop_
_entity.id
_entity.type
_entity.pdbx_description
1 polymer 'POLYRIBONUCLEOTIDE NUCLEOTIDYLTRANSFERASE'
2 polymer "RNA, 5'-R(*UP*AP*AP*CP*UP*UP*UP*GP*GP)-3'"
3 non-polymer 'PHOSPHATE ION'
4 water water
#
loop_
_entity_poly.entity_id
_entity_poly.type
_entity_poly.pdbx_seq_one_letter_code
_entity_poly.pdbx_strand_id
1 'polypeptide(L)'
;GPLGSMFDIKRKTIEWGGKTLVLETGRIARQADGAVLATMGETVVLATAVFAKSQKPGQDFFPLTVNYQEKTFAAGKIPG
GFFKREGRPSEKETLVSRLIDRPIRPLFVKGFKNEVQVVVTVLQHDLENDPDILGMVAASAALCLSGAPFMGPIGAARVG
WVDGAYVLNPTLDEMKESKMDLVVAGTADAVMMVESEIQELSEEIVLGGVNFAHQQMQAVIDAIIDLAEHAAKEPFAFEP
EDTDAIKAKMKDLVGADIAAAYKIQKKQDRYEAVGAAKKKAIAALGLSDENPTGYDPLKLGAIFKELEADVVRRGILDTG
LRIDGRDVKTVRPILGEVGILPRTHGSALFTRGETQAIVVATLGTGDDEQFIDALEGTYKESFLLHYNFPPYSVGETGRM
GSPGRREIGHGKLAWRALRPMLPTKEDFPYTIRLVSEITESNGSSSMATVCGSSLAMMDAGVPLVRPVSGIAMGLILEQD
GFAVLSDILGDEDHLGDMDFKVAGTSEGLTSLQMDIKIAGITPAIMEQALAQAKEGRAHILGEMNKAMDAPRADVGDFAP
KIETINIPTDKIREVIGSGGKVIREIVATTGAKVDINDDGVVKVSASDGAKIKAAIDWIKSITDEAEVGKIYDGKVVKVV
DFGAFVNFFGAKDGLVHVSQISNERVAKPSDVLKEGQMVKVKLLGFDDRGKTKLSMKVVDQETGEDLSKKEAAAEEA
;
A,B,C
2 'polyribonucleotide' UAACUUUGG D,E,H,I
#
# COMPACT_ATOMS: atom_id res chain seq x y z
N GLY A 4 -29.39 0.45 -25.32
CA GLY A 4 -28.98 0.77 -26.72
C GLY A 4 -28.74 -0.48 -27.57
N SER A 5 -29.42 -0.55 -28.73
CA SER A 5 -29.34 -1.68 -29.66
C SER A 5 -27.91 -2.01 -30.05
N MET A 6 -27.65 -3.29 -30.22
CA MET A 6 -26.29 -3.85 -30.28
C MET A 6 -26.10 -4.50 -31.65
N PHE A 7 -24.85 -4.65 -32.09
CA PHE A 7 -24.65 -5.42 -33.31
C PHE A 7 -23.48 -6.40 -33.15
N ASP A 8 -23.76 -7.51 -32.46
CA ASP A 8 -22.88 -8.66 -32.35
C ASP A 8 -23.56 -9.64 -33.18
N ILE A 9 -22.90 -10.50 -33.97
CA ILE A 9 -21.45 -10.79 -34.13
C ILE A 9 -20.77 -11.57 -33.00
N LYS A 10 -20.85 -12.90 -33.16
CA LYS A 10 -20.55 -13.93 -32.18
C LYS A 10 -19.93 -15.06 -33.00
N ARG A 11 -19.11 -15.90 -32.41
CA ARG A 11 -18.57 -17.03 -33.14
C ARG A 11 -18.79 -18.24 -32.22
N LYS A 12 -20.08 -18.47 -31.91
CA LYS A 12 -20.53 -19.45 -30.85
C LYS A 12 -20.03 -20.83 -31.16
N THR A 13 -19.00 -20.82 -31.99
CA THR A 13 -18.54 -21.95 -32.71
C THR A 13 -17.51 -22.73 -31.97
N ILE A 14 -16.82 -23.56 -32.74
CA ILE A 14 -15.78 -24.41 -32.23
C ILE A 14 -16.34 -25.36 -31.16
N GLU A 15 -16.25 -26.64 -31.47
CA GLU A 15 -16.17 -27.59 -30.44
C GLU A 15 -14.66 -27.67 -30.32
N TRP A 16 -14.16 -27.37 -29.14
CA TRP A 16 -12.74 -27.33 -29.02
C TRP A 16 -12.37 -28.21 -27.90
N GLY A 17 -11.71 -29.31 -28.26
CA GLY A 17 -11.39 -30.35 -27.28
C GLY A 17 -12.63 -30.83 -26.59
N GLY A 18 -13.76 -30.85 -27.32
CA GLY A 18 -15.01 -31.29 -26.73
C GLY A 18 -15.53 -30.35 -25.65
N LYS A 19 -15.04 -29.09 -25.65
CA LYS A 19 -15.73 -28.02 -24.90
C LYS A 19 -16.28 -27.01 -25.89
N THR A 20 -17.31 -26.26 -25.50
CA THR A 20 -17.91 -25.34 -26.45
C THR A 20 -17.38 -23.94 -26.23
N LEU A 21 -16.66 -23.40 -27.21
CA LEU A 21 -16.08 -22.06 -27.10
C LEU A 21 -16.88 -20.99 -27.83
N VAL A 22 -17.35 -19.98 -27.11
CA VAL A 22 -18.04 -18.86 -27.71
C VAL A 22 -17.22 -17.58 -27.65
N LEU A 23 -17.15 -16.86 -28.79
CA LEU A 23 -16.46 -15.57 -28.83
C LEU A 23 -17.44 -14.48 -29.24
N GLU A 24 -17.84 -13.59 -28.32
CA GLU A 24 -18.82 -12.54 -28.64
C GLU A 24 -18.24 -11.12 -28.60
N THR A 25 -18.68 -10.28 -29.53
CA THR A 25 -18.25 -8.89 -29.55
C THR A 25 -19.42 -7.96 -29.90
N GLY A 26 -19.33 -6.68 -29.62
CA GLY A 26 -20.42 -5.79 -30.05
C GLY A 26 -21.59 -5.56 -29.10
N ARG A 27 -21.74 -6.40 -28.08
CA ARG A 27 -22.63 -6.09 -26.96
C ARG A 27 -21.92 -5.35 -25.82
N ILE A 28 -20.79 -5.89 -25.36
CA ILE A 28 -20.10 -5.35 -24.19
C ILE A 28 -18.78 -4.60 -24.45
N ALA A 29 -18.65 -3.46 -23.77
CA ALA A 29 -17.43 -2.63 -23.81
C ALA A 29 -17.08 -2.14 -25.21
N ARG A 30 -18.08 -1.50 -25.84
CA ARG A 30 -17.97 -1.10 -27.24
C ARG A 30 -17.08 0.12 -27.42
N GLN A 31 -16.62 0.67 -26.29
CA GLN A 31 -15.77 1.84 -26.29
C GLN A 31 -14.25 1.48 -26.24
N ALA A 32 -13.94 0.24 -25.88
CA ALA A 32 -12.59 -0.29 -26.05
C ALA A 32 -12.28 -0.41 -27.55
N ASP A 33 -11.02 -0.55 -27.89
CA ASP A 33 -10.69 -0.79 -29.28
C ASP A 33 -11.15 -2.18 -29.70
N GLY A 34 -10.92 -3.17 -28.83
CA GLY A 34 -11.47 -4.50 -29.05
C GLY A 34 -11.97 -5.10 -27.78
N ALA A 35 -13.13 -5.77 -27.81
CA ALA A 35 -13.70 -6.35 -26.61
C ALA A 35 -14.46 -7.64 -26.86
N VAL A 36 -13.92 -8.73 -26.31
CA VAL A 36 -14.53 -10.03 -26.52
C VAL A 36 -14.92 -10.66 -25.19
N LEU A 37 -16.19 -11.10 -25.13
CA LEU A 37 -16.67 -11.92 -24.02
C LEU A 37 -16.53 -13.36 -24.46
N ALA A 38 -15.53 -14.07 -23.93
CA ALA A 38 -15.36 -15.48 -24.28
C ALA A 38 -15.91 -16.47 -23.23
N THR A 39 -16.58 -17.50 -23.71
CA THR A 39 -17.09 -18.54 -22.83
C THR A 39 -16.56 -19.89 -23.28
N MET A 40 -16.02 -20.65 -22.33
CA MET A 40 -15.66 -22.01 -22.63
C MET A 40 -16.53 -22.91 -21.75
N GLY A 41 -17.69 -23.26 -22.29
CA GLY A 41 -18.80 -23.95 -21.63
C GLY A 41 -18.85 -23.57 -20.18
N GLU A 42 -19.72 -22.63 -19.84
CA GLU A 42 -19.87 -22.18 -18.42
C GLU A 42 -18.76 -21.34 -17.70
N THR A 43 -17.49 -21.42 -18.10
CA THR A 43 -16.51 -20.40 -17.65
C THR A 43 -16.55 -19.22 -18.59
N VAL A 44 -16.72 -18.01 -18.04
CA VAL A 44 -16.86 -16.79 -18.83
C VAL A 44 -15.80 -15.75 -18.45
N VAL A 45 -15.09 -15.22 -19.45
CA VAL A 45 -14.21 -14.07 -19.20
C VAL A 45 -14.46 -12.96 -20.17
N LEU A 46 -14.17 -11.74 -19.72
CA LEU A 46 -14.22 -10.55 -20.57
C LEU A 46 -12.82 -10.01 -20.78
N ALA A 47 -12.41 -9.94 -22.05
CA ALA A 47 -11.12 -9.37 -22.38
C ALA A 47 -11.34 -8.10 -23.18
N THR A 48 -10.55 -7.08 -22.83
CA THR A 48 -10.52 -5.84 -23.62
C THR A 48 -9.10 -5.51 -24.05
N ALA A 49 -8.99 -4.87 -25.21
CA ALA A 49 -7.73 -4.29 -25.69
C ALA A 49 -7.98 -2.83 -26.03
N VAL A 50 -7.12 -1.94 -25.51
CA VAL A 50 -7.11 -0.53 -25.88
C VAL A 50 -5.69 -0.09 -26.18
N PHE A 51 -5.54 0.71 -27.23
CA PHE A 51 -4.23 1.31 -27.60
C PHE A 51 -4.25 2.80 -27.92
N ALA A 52 -3.28 3.53 -27.38
CA ALA A 52 -3.15 5.00 -27.61
C ALA A 52 -2.90 5.30 -29.08
N LYS A 53 -3.52 6.34 -29.64
CA LYS A 53 -3.33 6.53 -31.09
C LYS A 53 -2.09 7.34 -31.45
N SER A 54 -1.29 7.67 -30.45
CA SER A 54 -0.09 8.44 -30.63
C SER A 54 0.92 8.08 -29.57
N GLN A 55 2.16 8.50 -29.77
CA GLN A 55 3.25 8.12 -28.89
C GLN A 55 3.51 9.22 -27.85
N LYS A 56 3.86 8.81 -26.64
CA LYS A 56 4.25 9.73 -25.58
C LYS A 56 5.60 10.28 -26.04
N PRO A 57 5.84 11.62 -25.83
CA PRO A 57 7.07 12.32 -26.14
C PRO A 57 8.21 11.41 -26.64
N GLY A 58 9.17 11.09 -25.79
CA GLY A 58 10.31 10.32 -26.25
C GLY A 58 10.19 8.96 -25.62
N GLN A 59 9.33 8.10 -26.18
CA GLN A 59 8.94 6.86 -25.51
C GLN A 59 10.12 5.98 -25.14
N ASP A 60 10.76 5.29 -26.10
CA ASP A 60 11.96 4.52 -25.74
C ASP A 60 11.70 3.02 -25.88
N PHE A 61 10.59 2.57 -25.32
CA PHE A 61 10.28 1.13 -25.26
C PHE A 61 8.79 0.93 -25.51
N PHE A 62 8.42 -0.27 -25.91
CA PHE A 62 7.03 -0.58 -26.18
C PHE A 62 6.29 -0.80 -24.87
N PRO A 63 5.31 0.06 -24.53
CA PRO A 63 4.65 0.03 -23.23
C PRO A 63 3.36 -0.81 -23.20
N LEU A 64 3.51 -2.13 -23.06
CA LEU A 64 2.39 -3.05 -23.05
C LEU A 64 1.99 -3.41 -21.62
N THR A 65 0.70 -3.37 -21.30
CA THR A 65 0.27 -3.79 -19.96
C THR A 65 -0.89 -4.77 -19.97
N VAL A 66 -0.74 -5.86 -19.21
CA VAL A 66 -1.77 -6.86 -19.13
C VAL A 66 -2.26 -7.07 -17.71
N ASN A 67 -3.56 -6.96 -17.52
CA ASN A 67 -4.18 -7.17 -16.21
C ASN A 67 -5.17 -8.31 -16.22
N TYR A 68 -4.74 -9.43 -15.69
CA TYR A 68 -5.69 -10.51 -15.50
C TYR A 68 -6.24 -10.39 -14.08
N GLN A 69 -7.56 -10.41 -13.96
CA GLN A 69 -8.15 -10.29 -12.65
C GLN A 69 -9.34 -11.21 -12.47
N GLU A 70 -9.45 -11.78 -11.28
CA GLU A 70 -10.61 -12.61 -10.94
C GLU A 70 -11.53 -11.89 -9.96
N LYS A 71 -12.83 -12.02 -10.17
CA LYS A 71 -13.77 -11.43 -9.29
C LYS A 71 -14.48 -12.57 -8.57
N THR A 72 -14.42 -12.55 -7.24
CA THR A 72 -14.91 -13.67 -6.42
C THR A 72 -16.39 -14.08 -6.66
N PHE A 73 -17.17 -13.16 -7.23
CA PHE A 73 -18.55 -13.47 -7.56
C PHE A 73 -18.61 -14.51 -8.70
N ALA A 74 -17.49 -14.69 -9.39
CA ALA A 74 -17.45 -15.59 -10.53
C ALA A 74 -17.63 -17.02 -10.06
N ALA A 75 -17.55 -17.22 -8.74
CA ALA A 75 -17.72 -18.56 -8.18
C ALA A 75 -18.67 -18.45 -7.01
N GLY A 76 -19.46 -17.40 -7.02
CA GLY A 76 -20.56 -17.26 -6.09
C GLY A 76 -20.08 -17.07 -4.68
N LYS A 77 -18.92 -16.43 -4.54
CA LYS A 77 -18.33 -16.24 -3.21
C LYS A 77 -18.01 -14.79 -2.92
N ILE A 78 -17.97 -14.46 -1.63
CA ILE A 78 -17.62 -13.13 -1.19
C ILE A 78 -16.21 -13.13 -0.63
N PRO A 79 -15.35 -12.18 -1.06
CA PRO A 79 -13.96 -12.19 -0.60
C PRO A 79 -13.84 -12.31 0.91
N GLY A 80 -12.83 -13.03 1.36
CA GLY A 80 -12.68 -13.31 2.77
C GLY A 80 -11.89 -12.29 3.55
N GLY A 81 -11.36 -11.26 2.87
CA GLY A 81 -10.63 -10.20 3.58
C GLY A 81 -11.41 -9.54 4.72
N PHE A 82 -10.76 -8.67 5.48
CA PHE A 82 -11.49 -7.84 6.43
C PHE A 82 -12.26 -6.76 5.65
N PHE A 83 -11.86 -6.55 4.40
CA PHE A 83 -12.54 -5.59 3.53
C PHE A 83 -13.64 -6.17 2.64
N LYS A 84 -13.58 -7.49 2.43
CA LYS A 84 -14.59 -8.22 1.65
C LYS A 84 -14.64 -7.72 0.21
N ARG A 85 -13.54 -7.12 -0.23
CA ARG A 85 -13.38 -6.69 -1.60
C ARG A 85 -12.08 -7.24 -2.16
N GLU A 86 -12.08 -7.65 -3.41
CA GLU A 86 -10.85 -8.04 -4.08
C GLU A 86 -9.86 -6.87 -4.09
N GLY A 87 -8.56 -7.14 -3.83
CA GLY A 87 -7.55 -6.09 -3.69
C GLY A 87 -6.30 -6.26 -4.52
N ARG A 88 -5.14 -6.33 -3.86
CA ARG A 88 -3.83 -6.69 -4.46
C ARG A 88 -3.99 -7.93 -5.32
N PRO A 89 -3.20 -8.06 -6.40
CA PRO A 89 -3.41 -9.27 -7.18
C PRO A 89 -2.93 -10.52 -6.40
N SER A 90 -3.59 -11.64 -6.61
CA SER A 90 -3.07 -12.91 -6.11
C SER A 90 -1.95 -13.51 -6.97
N GLU A 91 -1.27 -14.54 -6.46
CA GLU A 91 -0.27 -15.23 -7.22
C GLU A 91 -0.84 -15.60 -8.57
N LYS A 92 -2.02 -16.25 -8.60
CA LYS A 92 -2.63 -16.68 -9.87
C LYS A 92 -2.75 -15.48 -10.81
N GLU A 93 -3.35 -14.42 -10.28
CA GLU A 93 -3.55 -13.21 -11.00
C GLU A 93 -2.25 -12.67 -11.59
N THR A 94 -1.18 -12.67 -10.82
CA THR A 94 0.06 -12.13 -11.29
C THR A 94 0.60 -13.02 -12.38
N LEU A 95 0.64 -14.32 -12.14
CA LEU A 95 1.27 -15.25 -13.10
C LEU A 95 0.52 -15.30 -14.42
N VAL A 96 -0.80 -15.32 -14.36
CA VAL A 96 -1.60 -15.40 -15.58
C VAL A 96 -1.45 -14.14 -16.41
N SER A 97 -1.26 -12.99 -15.78
CA SER A 97 -0.94 -11.76 -16.51
C SER A 97 0.34 -11.95 -17.31
N ARG A 98 1.34 -12.55 -16.69
CA ARG A 98 2.61 -12.78 -17.35
C ARG A 98 2.44 -13.76 -18.50
N LEU A 99 1.66 -14.81 -18.23
CA LEU A 99 1.37 -15.83 -19.19
C LEU A 99 0.82 -15.24 -20.49
N ILE A 100 -0.03 -14.22 -20.35
CA ILE A 100 -0.65 -13.57 -21.49
C ILE A 100 0.36 -12.60 -22.13
N ASP A 101 1.06 -11.87 -21.27
CA ASP A 101 1.99 -10.84 -21.69
C ASP A 101 3.01 -11.41 -22.60
N ARG A 102 3.63 -12.50 -22.16
CA ARG A 102 4.83 -13.08 -22.80
C ARG A 102 4.75 -13.35 -24.32
N PRO A 103 3.72 -14.12 -24.76
CA PRO A 103 3.59 -14.37 -26.21
C PRO A 103 3.19 -13.19 -27.07
N ILE A 104 2.40 -12.24 -26.57
CA ILE A 104 1.92 -11.17 -27.44
C ILE A 104 2.91 -10.03 -27.59
N ARG A 105 3.62 -9.74 -26.51
CA ARG A 105 4.57 -8.64 -26.48
C ARG A 105 5.44 -8.60 -27.77
N PRO A 106 6.07 -9.73 -28.13
CA PRO A 106 6.96 -9.63 -29.30
C PRO A 106 6.24 -9.80 -30.63
N LEU A 107 4.91 -9.72 -30.61
CA LEU A 107 4.15 -9.84 -31.84
C LEU A 107 3.67 -8.48 -32.34
N PHE A 108 4.05 -7.40 -31.67
CA PHE A 108 3.63 -6.11 -32.22
C PHE A 108 4.67 -5.66 -33.25
N VAL A 109 4.18 -5.23 -34.40
CA VAL A 109 4.97 -4.70 -35.51
C VAL A 109 6.17 -3.87 -35.05
N LYS A 110 7.31 -4.12 -35.70
CA LYS A 110 8.57 -3.47 -35.36
C LYS A 110 8.44 -1.95 -35.23
N GLY A 111 8.98 -1.43 -34.14
CA GLY A 111 8.94 0.00 -33.90
C GLY A 111 7.70 0.58 -33.25
N PHE A 112 6.63 -0.20 -33.12
CA PHE A 112 5.41 0.31 -32.45
C PHE A 112 5.70 0.53 -30.98
N LYS A 113 5.35 1.70 -30.46
CA LYS A 113 5.63 2.07 -29.06
C LYS A 113 4.55 2.94 -28.47
N ASN A 114 3.31 2.67 -28.87
CA ASN A 114 2.15 3.29 -28.25
C ASN A 114 1.59 2.48 -27.10
N GLU A 115 0.93 3.12 -26.15
CA GLU A 115 0.37 2.40 -25.01
C GLU A 115 -0.61 1.34 -25.47
N VAL A 116 -0.45 0.12 -24.97
CA VAL A 116 -1.48 -0.89 -25.19
C VAL A 116 -1.83 -1.60 -23.89
N GLN A 117 -3.11 -1.69 -23.60
CA GLN A 117 -3.53 -2.38 -22.40
C GLN A 117 -4.57 -3.48 -22.59
N VAL A 118 -4.26 -4.63 -22.06
CA VAL A 118 -5.18 -5.74 -22.12
C VAL A 118 -5.75 -6.08 -20.75
N VAL A 119 -7.05 -5.89 -20.57
CA VAL A 119 -7.60 -6.28 -19.28
C VAL A 119 -8.43 -7.55 -19.43
N VAL A 120 -8.09 -8.59 -18.66
CA VAL A 120 -8.97 -9.76 -18.67
C VAL A 120 -9.64 -9.98 -17.34
N THR A 121 -10.97 -9.92 -17.33
CA THR A 121 -11.69 -10.10 -16.08
C THR A 121 -12.48 -11.38 -16.11
N VAL A 122 -12.23 -12.28 -15.17
CA VAL A 122 -13.00 -13.51 -15.05
C VAL A 122 -14.35 -13.21 -14.40
N LEU A 123 -15.42 -13.57 -15.09
CA LEU A 123 -16.78 -13.25 -14.62
C LEU A 123 -17.57 -14.42 -14.09
N GLN A 124 -17.19 -15.63 -14.46
CA GLN A 124 -17.89 -16.81 -14.02
C GLN A 124 -16.97 -18.01 -14.25
N HIS A 125 -16.94 -18.87 -13.22
CA HIS A 125 -16.02 -20.01 -13.19
C HIS A 125 -16.82 -21.21 -12.91
N ASP A 126 -16.75 -22.19 -13.81
CA ASP A 126 -17.65 -23.34 -13.72
C ASP A 126 -17.03 -24.46 -12.93
N LEU A 127 -15.98 -24.17 -12.15
CA LEU A 127 -15.28 -25.15 -11.32
C LEU A 127 -14.64 -26.31 -12.11
N GLU A 128 -14.50 -26.19 -13.44
CA GLU A 128 -13.99 -27.27 -14.26
C GLU A 128 -12.98 -26.81 -15.32
N ASN A 129 -13.39 -25.86 -16.14
CA ASN A 129 -12.53 -25.28 -17.16
C ASN A 129 -11.85 -24.04 -16.67
N ASP A 130 -10.53 -24.07 -16.64
CA ASP A 130 -9.75 -23.00 -16.02
C ASP A 130 -9.90 -21.75 -16.84
N PRO A 131 -10.09 -20.60 -16.19
CA PRO A 131 -10.14 -19.38 -16.97
C PRO A 131 -8.81 -18.93 -17.59
N ASP A 132 -7.68 -19.49 -17.19
CA ASP A 132 -6.37 -18.99 -17.73
C ASP A 132 -6.16 -19.18 -19.26
N ILE A 133 -6.38 -20.41 -19.74
CA ILE A 133 -6.35 -20.63 -21.18
C ILE A 133 -7.38 -19.75 -21.91
N LEU A 134 -8.59 -19.74 -21.38
CA LEU A 134 -9.65 -18.94 -21.95
C LEU A 134 -9.24 -17.48 -21.98
N GLY A 135 -8.60 -17.10 -20.88
CA GLY A 135 -8.09 -15.77 -20.70
C GLY A 135 -7.20 -15.37 -21.86
N MET A 136 -6.20 -16.23 -22.12
CA MET A 136 -5.23 -15.95 -23.17
C MET A 136 -5.95 -15.88 -24.50
N VAL A 137 -6.84 -16.85 -24.76
CA VAL A 137 -7.58 -16.85 -26.02
C VAL A 137 -8.33 -15.52 -26.21
N ALA A 138 -9.10 -15.15 -25.18
CA ALA A 138 -9.93 -13.96 -25.22
C ALA A 138 -9.08 -12.71 -25.47
N ALA A 139 -7.93 -12.62 -24.80
CA ALA A 139 -6.99 -11.54 -24.98
C ALA A 139 -6.63 -11.45 -26.47
N SER A 140 -6.13 -12.56 -27.02
CA SER A 140 -5.73 -12.65 -28.42
C SER A 140 -6.87 -12.15 -29.30
N ALA A 141 -8.06 -12.66 -29.05
CA ALA A 141 -9.19 -12.29 -29.84
C ALA A 141 -9.40 -10.77 -29.77
N ALA A 142 -9.45 -10.24 -28.55
CA ALA A 142 -9.73 -8.81 -28.37
C ALA A 142 -8.69 -7.96 -29.10
N LEU A 143 -7.43 -8.38 -28.99
CA LEU A 143 -6.35 -7.67 -29.60
C LEU A 143 -6.57 -7.61 -31.11
N CYS A 144 -6.79 -8.76 -31.73
CA CYS A 144 -6.88 -8.66 -33.17
C CYS A 144 -8.28 -8.51 -33.64
N LEU A 145 -8.95 -7.54 -33.02
CA LEU A 145 -10.30 -7.12 -33.30
C LEU A 145 -10.19 -5.64 -33.12
N SER A 146 -9.19 -5.23 -32.34
CA SER A 146 -8.88 -3.86 -32.00
C SER A 146 -8.26 -3.12 -33.16
N GLY A 147 -7.61 -3.85 -34.05
CA GLY A 147 -6.97 -3.26 -35.20
C GLY A 147 -5.63 -2.64 -34.88
N ALA A 148 -5.12 -2.92 -33.69
CA ALA A 148 -3.73 -2.55 -33.35
C ALA A 148 -2.76 -3.30 -34.29
N PRO A 149 -1.55 -2.76 -34.53
CA PRO A 149 -0.61 -3.56 -35.32
C PRO A 149 -0.05 -4.75 -34.52
N PHE A 150 -0.82 -5.83 -34.51
CA PHE A 150 -0.55 -7.02 -33.75
C PHE A 150 -0.62 -8.21 -34.70
N MET A 151 0.50 -8.91 -34.80
CA MET A 151 0.65 -9.93 -35.82
C MET A 151 0.08 -11.30 -35.41
N GLY A 152 -1.01 -11.30 -34.67
CA GLY A 152 -1.65 -12.56 -34.30
C GLY A 152 -2.44 -13.20 -35.42
N PRO A 153 -3.49 -13.96 -35.08
CA PRO A 153 -3.85 -14.17 -33.68
C PRO A 153 -2.90 -15.17 -33.05
N ILE A 154 -2.89 -15.25 -31.73
CA ILE A 154 -2.31 -16.39 -31.04
C ILE A 154 -3.39 -17.27 -30.46
N GLY A 155 -3.06 -18.55 -30.29
CA GLY A 155 -3.94 -19.50 -29.61
C GLY A 155 -3.20 -19.92 -28.37
N ALA A 156 -3.80 -20.84 -27.62
CA ALA A 156 -3.18 -21.40 -26.42
C ALA A 156 -3.84 -22.73 -26.16
N ALA A 157 -3.25 -23.55 -25.29
CA ALA A 157 -3.87 -24.81 -24.92
C ALA A 157 -3.15 -25.20 -23.71
N ARG A 158 -3.72 -26.10 -22.91
CA ARG A 158 -2.98 -26.75 -21.87
C ARG A 158 -3.00 -28.20 -22.26
N VAL A 159 -1.85 -28.86 -22.18
CA VAL A 159 -1.78 -30.27 -22.47
C VAL A 159 -1.53 -31.07 -21.21
N GLY A 160 -2.32 -32.13 -21.01
CA GLY A 160 -2.10 -33.05 -19.90
C GLY A 160 -1.51 -34.34 -20.42
N TRP A 161 -1.20 -35.25 -19.50
CA TRP A 161 -0.68 -36.57 -19.84
C TRP A 161 -1.31 -37.53 -18.89
N VAL A 162 -2.43 -38.12 -19.30
CA VAL A 162 -3.07 -39.18 -18.51
C VAL A 162 -3.04 -40.45 -19.31
N ASP A 163 -2.75 -41.52 -18.59
CA ASP A 163 -2.72 -42.88 -19.11
C ASP A 163 -1.97 -42.97 -20.44
N GLY A 164 -0.83 -42.31 -20.48
CA GLY A 164 0.07 -42.37 -21.62
C GLY A 164 -0.44 -41.70 -22.88
N ALA A 165 -1.31 -40.71 -22.76
CA ALA A 165 -1.75 -40.00 -23.97
C ALA A 165 -1.90 -38.53 -23.67
N TYR A 166 -1.68 -37.69 -24.67
CA TYR A 166 -1.90 -36.24 -24.53
C TYR A 166 -3.38 -35.98 -24.34
N VAL A 167 -3.71 -35.09 -23.40
CA VAL A 167 -5.08 -34.70 -23.13
C VAL A 167 -5.16 -33.19 -23.39
N LEU A 168 -6.11 -32.72 -24.18
CA LEU A 168 -6.23 -31.28 -24.46
C LEU A 168 -7.13 -30.56 -23.46
N ASN A 169 -6.66 -29.42 -22.95
CA ASN A 169 -7.39 -28.60 -21.98
C ASN A 169 -8.05 -29.37 -20.85
N PRO A 170 -7.29 -30.26 -20.20
CA PRO A 170 -7.83 -31.03 -19.10
C PRO A 170 -8.55 -30.14 -18.09
N THR A 171 -9.63 -30.66 -17.56
CA THR A 171 -10.40 -29.99 -16.57
C THR A 171 -9.70 -30.13 -15.25
N LEU A 172 -10.08 -29.33 -14.27
CA LEU A 172 -9.37 -29.39 -12.97
C LEU A 172 -9.45 -30.79 -12.40
N ASP A 173 -10.54 -31.51 -12.68
CA ASP A 173 -10.61 -32.89 -12.23
C ASP A 173 -9.69 -33.81 -13.02
N GLU A 174 -9.62 -33.62 -14.34
CA GLU A 174 -8.73 -34.40 -15.18
C GLU A 174 -7.27 -34.15 -14.77
N MET A 175 -6.94 -32.92 -14.38
CA MET A 175 -5.58 -32.59 -14.00
C MET A 175 -5.13 -33.36 -12.79
N LYS A 176 -6.06 -33.83 -11.95
CA LYS A 176 -5.76 -34.59 -10.73
C LYS A 176 -5.09 -35.94 -11.01
N GLU A 177 -5.10 -36.31 -12.28
CA GLU A 177 -4.75 -37.63 -12.72
C GLU A 177 -3.57 -37.50 -13.66
N SER A 178 -3.39 -36.30 -14.19
CA SER A 178 -2.36 -35.95 -15.18
C SER A 178 -0.94 -35.90 -14.59
N LYS A 179 0.07 -36.27 -15.38
CA LYS A 179 1.46 -36.25 -14.92
C LYS A 179 2.22 -35.12 -15.61
N MET A 180 1.47 -34.12 -16.06
CA MET A 180 2.06 -33.00 -16.78
C MET A 180 1.06 -31.88 -16.88
N ASP A 181 1.42 -30.71 -16.38
CA ASP A 181 0.67 -29.49 -16.67
C ASP A 181 1.54 -28.62 -17.56
N LEU A 182 1.20 -28.60 -18.85
CA LEU A 182 1.97 -27.88 -19.86
C LEU A 182 1.14 -26.83 -20.57
N VAL A 183 1.39 -25.55 -20.35
CA VAL A 183 0.61 -24.57 -21.09
C VAL A 183 1.45 -23.96 -22.17
N VAL A 184 0.83 -23.78 -23.34
CA VAL A 184 1.51 -23.41 -24.56
C VAL A 184 0.72 -22.38 -25.33
N ALA A 185 1.45 -21.39 -25.87
CA ALA A 185 0.89 -20.34 -26.73
C ALA A 185 1.78 -20.10 -27.95
N GLY A 186 1.14 -19.68 -29.03
CA GLY A 186 1.84 -19.44 -30.29
C GLY A 186 0.89 -18.99 -31.37
N THR A 187 1.47 -18.60 -32.50
CA THR A 187 0.75 -18.19 -33.70
C THR A 187 0.49 -19.43 -34.55
N ALA A 188 0.02 -19.25 -35.78
CA ALA A 188 -0.19 -20.40 -36.64
C ALA A 188 1.16 -20.94 -37.09
N ASP A 189 2.13 -20.05 -37.30
CA ASP A 189 3.44 -20.46 -37.79
C ASP A 189 4.43 -20.95 -36.72
N ALA A 190 4.48 -20.31 -35.55
CA ALA A 190 5.49 -20.62 -34.51
C ALA A 190 4.87 -20.90 -33.17
N VAL A 191 5.44 -21.81 -32.39
CA VAL A 191 5.13 -21.81 -30.94
C VAL A 191 5.90 -20.67 -30.30
N MET A 192 5.24 -19.90 -29.43
CA MET A 192 5.86 -18.71 -28.80
C MET A 192 6.24 -18.83 -27.32
N MET A 193 5.47 -19.60 -26.53
CA MET A 193 5.60 -19.56 -25.10
C MET A 193 5.34 -20.93 -24.55
N VAL A 194 6.15 -21.37 -23.61
CA VAL A 194 5.91 -22.63 -22.94
C VAL A 194 6.22 -22.44 -21.47
N GLU A 195 5.34 -22.99 -20.65
CA GLU A 195 5.41 -22.93 -19.20
C GLU A 195 4.91 -24.28 -18.77
N SER A 196 5.63 -24.99 -17.92
CA SER A 196 5.13 -26.30 -17.53
C SER A 196 5.56 -26.73 -16.14
N GLU A 197 4.87 -27.74 -15.62
CA GLU A 197 5.27 -28.44 -14.39
C GLU A 197 5.07 -29.87 -14.82
N ILE A 198 6.09 -30.72 -14.58
CA ILE A 198 6.18 -32.01 -15.26
C ILE A 198 6.58 -33.09 -14.28
N GLN A 199 5.89 -34.23 -14.28
CA GLN A 199 6.28 -35.33 -13.38
C GLN A 199 7.38 -36.23 -13.96
N GLU A 200 8.60 -35.70 -14.10
CA GLU A 200 9.75 -36.51 -14.54
C GLU A 200 9.53 -37.20 -15.86
N LEU A 201 9.03 -36.48 -16.86
CA LEU A 201 8.77 -37.07 -18.17
C LEU A 201 9.93 -36.82 -19.15
N SER A 202 10.07 -37.68 -20.16
CA SER A 202 11.19 -37.62 -21.11
C SER A 202 11.13 -36.38 -21.97
N GLU A 203 12.29 -35.90 -22.46
CA GLU A 203 12.32 -34.81 -23.43
C GLU A 203 11.42 -35.13 -24.61
N GLU A 204 11.49 -36.38 -25.08
CA GLU A 204 10.67 -36.91 -26.16
C GLU A 204 9.22 -36.65 -25.88
N ILE A 205 8.72 -37.08 -24.72
CA ILE A 205 7.27 -36.97 -24.47
C ILE A 205 6.85 -35.52 -24.32
N VAL A 206 7.67 -34.75 -23.60
CA VAL A 206 7.40 -33.32 -23.38
C VAL A 206 7.33 -32.53 -24.70
N LEU A 207 8.35 -32.68 -25.54
CA LEU A 207 8.33 -32.00 -26.84
C LEU A 207 7.13 -32.44 -27.70
N GLY A 208 6.75 -33.71 -27.52
CA GLY A 208 5.60 -34.27 -28.18
C GLY A 208 4.39 -33.47 -27.81
N GLY A 209 4.27 -33.17 -26.52
CA GLY A 209 3.15 -32.38 -26.02
C GLY A 209 3.16 -30.96 -26.52
N VAL A 210 4.35 -30.42 -26.73
CA VAL A 210 4.46 -29.09 -27.31
C VAL A 210 3.88 -29.05 -28.73
N ASN A 211 4.22 -30.04 -29.54
CA ASN A 211 3.64 -30.08 -30.89
C ASN A 211 2.15 -30.40 -30.87
N PHE A 212 1.75 -31.26 -29.93
CA PHE A 212 0.36 -31.59 -29.78
C PHE A 212 -0.47 -30.32 -29.58
N ALA A 213 0.00 -29.45 -28.69
CA ALA A 213 -0.73 -28.22 -28.41
C ALA A 213 -0.79 -27.36 -29.66
N HIS A 214 0.35 -27.28 -30.35
CA HIS A 214 0.46 -26.36 -31.46
C HIS A 214 -0.55 -26.67 -32.53
N GLN A 215 -0.81 -27.96 -32.75
CA GLN A 215 -1.79 -28.41 -33.71
C GLN A 215 -3.19 -28.15 -33.17
N GLN A 216 -3.45 -28.58 -31.93
CA GLN A 216 -4.81 -28.43 -31.40
C GLN A 216 -5.27 -26.97 -31.24
N MET A 217 -4.34 -26.03 -31.18
CA MET A 217 -4.71 -24.64 -30.98
C MET A 217 -5.08 -23.92 -32.28
N GLN A 218 -4.71 -24.50 -33.41
CA GLN A 218 -5.01 -23.91 -34.72
C GLN A 218 -6.52 -23.65 -34.87
N ALA A 219 -7.32 -24.59 -34.35
CA ALA A 219 -8.76 -24.50 -34.37
C ALA A 219 -9.24 -23.14 -33.85
N VAL A 220 -8.58 -22.70 -32.78
CA VAL A 220 -8.99 -21.47 -32.12
C VAL A 220 -8.46 -20.25 -32.84
N ILE A 221 -7.24 -20.36 -33.33
CA ILE A 221 -6.66 -19.30 -34.17
C ILE A 221 -7.60 -19.03 -35.33
N ASP A 222 -7.96 -20.07 -36.09
CA ASP A 222 -8.90 -19.93 -37.22
C ASP A 222 -10.20 -19.29 -36.78
N ALA A 223 -10.79 -19.79 -35.68
CA ALA A 223 -12.00 -19.19 -35.11
C ALA A 223 -11.87 -17.67 -34.94
N ILE A 224 -10.75 -17.23 -34.38
CA ILE A 224 -10.49 -15.81 -34.20
C ILE A 224 -10.36 -15.09 -35.54
N ILE A 225 -9.54 -15.60 -36.44
CA ILE A 225 -9.41 -15.00 -37.76
C ILE A 225 -10.78 -14.82 -38.42
N ASP A 226 -11.65 -15.80 -38.22
CA ASP A 226 -13.01 -15.73 -38.74
C ASP A 226 -13.81 -14.58 -38.10
N LEU A 227 -13.77 -14.46 -36.78
CA LEU A 227 -14.55 -13.42 -36.12
C LEU A 227 -13.99 -12.06 -36.49
N ALA A 228 -12.68 -11.98 -36.67
CA ALA A 228 -12.03 -10.72 -37.02
C ALA A 228 -12.50 -10.20 -38.38
N GLU A 229 -12.69 -11.11 -39.33
CA GLU A 229 -13.14 -10.70 -40.65
C GLU A 229 -14.60 -10.23 -40.69
N HIS A 230 -15.40 -10.62 -39.70
CA HIS A 230 -16.78 -10.15 -39.64
C HIS A 230 -16.95 -8.94 -38.75
N ALA A 231 -15.92 -8.62 -37.98
CA ALA A 231 -16.10 -7.67 -36.90
C ALA A 231 -14.91 -6.81 -36.51
N ALA A 232 -13.71 -7.15 -36.96
CA ALA A 232 -12.55 -6.36 -36.52
C ALA A 232 -12.65 -4.94 -37.05
N LYS A 233 -11.82 -4.06 -36.53
CA LYS A 233 -11.83 -2.67 -36.90
C LYS A 233 -10.92 -2.46 -38.10
N GLU A 234 -10.94 -1.24 -38.62
CA GLU A 234 -10.01 -0.80 -39.64
C GLU A 234 -8.58 -0.82 -39.02
N PRO A 235 -7.61 -1.46 -39.69
CA PRO A 235 -6.28 -1.52 -39.07
C PRO A 235 -5.77 -0.13 -38.81
N PHE A 236 -5.15 0.06 -37.66
CA PHE A 236 -4.52 1.34 -37.33
C PHE A 236 -3.31 1.51 -38.21
N ALA A 237 -3.30 2.54 -39.07
CA ALA A 237 -2.11 2.72 -39.95
C ALA A 237 -0.82 3.02 -39.16
N PHE A 238 0.08 2.05 -39.21
CA PHE A 238 1.43 2.24 -38.70
C PHE A 238 2.30 1.28 -39.49
N GLU A 239 3.12 1.83 -40.36
CA GLU A 239 4.02 1.04 -41.19
C GLU A 239 5.37 0.95 -40.51
N PRO A 240 5.98 -0.26 -40.50
CA PRO A 240 7.33 -0.43 -39.93
C PRO A 240 8.32 0.44 -40.69
N GLU A 241 9.60 0.27 -40.45
CA GLU A 241 10.51 1.13 -41.14
C GLU A 241 11.71 0.35 -41.58
N ASP A 242 11.89 0.21 -42.89
CA ASP A 242 13.05 -0.52 -43.38
C ASP A 242 14.29 0.11 -42.76
N THR A 243 14.83 -0.64 -41.80
CA THR A 243 15.93 -0.18 -40.99
C THR A 243 17.25 -0.68 -41.58
N ASP A 244 17.15 -1.75 -42.38
CA ASP A 244 18.25 -2.27 -43.20
C ASP A 244 19.01 -1.15 -43.93
N ALA A 245 18.26 -0.15 -44.38
CA ALA A 245 18.79 1.07 -45.00
C ALA A 245 19.92 1.66 -44.15
N ILE A 246 19.55 2.37 -43.08
CA ILE A 246 20.55 3.01 -42.22
C ILE A 246 21.53 1.95 -41.75
N LYS A 247 21.00 0.86 -41.19
CA LYS A 247 21.75 -0.14 -40.39
C LYS A 247 23.07 -0.63 -40.99
N ALA A 248 23.18 -0.63 -42.32
CA ALA A 248 24.42 -1.00 -43.00
C ALA A 248 25.52 0.03 -42.82
N LYS A 249 25.14 1.32 -42.87
CA LYS A 249 26.05 2.45 -42.71
C LYS A 249 26.72 2.39 -41.32
N MET A 250 25.95 2.00 -40.32
CA MET A 250 26.40 2.02 -38.94
C MET A 250 27.33 0.85 -38.67
N LYS A 251 27.13 -0.25 -39.39
CA LYS A 251 28.06 -1.40 -39.33
C LYS A 251 29.47 -0.96 -39.69
N ASP A 252 29.53 -0.09 -40.70
CA ASP A 252 30.78 0.51 -41.22
C ASP A 252 31.50 1.44 -40.23
N LEU A 253 30.76 1.99 -39.26
CA LEU A 253 31.33 2.83 -38.22
C LEU A 253 31.61 2.05 -36.93
N VAL A 254 30.58 1.71 -36.18
CA VAL A 254 30.76 1.12 -34.84
C VAL A 254 30.91 -0.42 -34.80
N GLY A 255 30.66 -1.07 -35.92
CA GLY A 255 30.81 -2.53 -36.06
C GLY A 255 32.17 -3.08 -35.65
N ALA A 256 33.21 -2.26 -35.81
CA ALA A 256 34.52 -2.52 -35.22
C ALA A 256 34.55 -2.07 -33.74
N ASP A 257 34.02 -0.87 -33.48
CA ASP A 257 34.06 -0.29 -32.15
C ASP A 257 33.35 -1.13 -31.09
N ILE A 258 32.26 -1.80 -31.47
CA ILE A 258 31.52 -2.72 -30.60
C ILE A 258 32.25 -4.05 -30.34
N ALA A 259 32.78 -4.68 -31.39
CA ALA A 259 33.33 -6.03 -31.28
C ALA A 259 34.41 -6.12 -30.19
N ALA A 260 35.18 -5.05 -30.08
CA ALA A 260 36.31 -5.03 -29.17
C ALA A 260 35.83 -4.88 -27.75
N ALA A 261 34.77 -4.11 -27.54
CA ALA A 261 34.24 -3.80 -26.20
C ALA A 261 33.65 -5.03 -25.50
N TYR A 262 33.00 -5.86 -26.30
CA TYR A 262 32.58 -7.18 -25.88
C TYR A 262 33.83 -7.99 -25.57
N LYS A 263 34.70 -8.16 -26.58
CA LYS A 263 36.05 -8.68 -26.36
C LYS A 263 36.64 -8.14 -25.04
N ILE A 264 36.16 -6.98 -24.59
CA ILE A 264 36.46 -6.47 -23.22
C ILE A 264 35.80 -7.42 -22.20
N GLN A 265 35.35 -6.89 -21.06
CA GLN A 265 34.85 -7.68 -19.91
C GLN A 265 35.79 -7.52 -18.72
N LYS A 266 35.23 -7.50 -17.51
CA LYS A 266 33.87 -7.01 -17.25
C LYS A 266 33.99 -5.65 -16.59
N LYS A 267 33.25 -4.67 -17.13
CA LYS A 267 33.41 -3.26 -16.78
C LYS A 267 32.42 -2.71 -15.70
N GLN A 268 31.22 -3.25 -15.51
CA GLN A 268 30.62 -4.32 -16.30
C GLN A 268 30.79 -4.06 -17.83
N ASP A 269 30.61 -2.83 -18.33
CA ASP A 269 30.20 -1.59 -17.64
C ASP A 269 29.05 -0.99 -18.47
N ARG A 270 29.22 -0.96 -19.79
CA ARG A 270 30.55 -1.16 -20.38
C ARG A 270 30.89 0.15 -21.06
N TYR A 271 31.69 0.95 -20.36
CA TYR A 271 32.10 2.29 -20.81
C TYR A 271 32.36 2.32 -22.32
N GLU A 272 33.07 1.30 -22.80
CA GLU A 272 33.35 1.10 -24.22
C GLU A 272 32.09 1.19 -25.08
N ALA A 273 31.22 0.18 -25.02
CA ALA A 273 29.91 0.22 -25.67
C ALA A 273 29.29 1.61 -25.48
N VAL A 274 29.29 2.08 -24.22
CA VAL A 274 28.70 3.40 -23.87
C VAL A 274 29.13 4.47 -24.88
N GLY A 275 30.37 4.96 -24.76
CA GLY A 275 30.88 5.93 -25.71
C GLY A 275 30.78 5.49 -27.17
N ALA A 276 31.56 4.48 -27.52
CA ALA A 276 31.78 4.14 -28.95
C ALA A 276 30.55 3.68 -29.77
N ALA A 277 29.44 3.38 -29.12
CA ALA A 277 28.17 3.29 -29.83
C ALA A 277 27.77 4.72 -29.82
N LYS A 278 26.67 4.94 -29.11
CA LYS A 278 26.33 6.23 -28.51
C LYS A 278 26.53 7.38 -29.50
N LYS A 279 26.97 8.52 -28.95
CA LYS A 279 27.35 9.67 -29.74
C LYS A 279 28.31 9.36 -30.91
N LYS A 280 29.16 8.31 -30.82
CA LYS A 280 30.06 8.01 -31.95
C LYS A 280 29.27 7.76 -33.23
N ALA A 281 28.46 6.70 -33.24
CA ALA A 281 27.59 6.39 -34.38
C ALA A 281 26.59 7.52 -34.65
N ILE A 282 26.11 8.15 -33.58
CA ILE A 282 25.23 9.32 -33.68
C ILE A 282 25.87 10.56 -34.33
N ALA A 283 27.13 10.87 -33.98
CA ALA A 283 27.91 11.87 -34.71
C ALA A 283 27.89 11.59 -36.22
N ALA A 284 28.16 10.35 -36.57
CA ALA A 284 28.17 9.91 -37.95
C ALA A 284 26.79 10.14 -38.56
N LEU A 285 25.77 9.60 -37.91
CA LEU A 285 24.40 9.56 -38.48
C LEU A 285 23.45 10.18 -37.47
N GLY A 286 22.58 11.11 -37.83
CA GLY A 286 21.70 11.66 -36.77
C GLY A 286 21.39 13.13 -36.65
N LEU A 287 20.10 13.42 -36.54
CA LEU A 287 19.58 14.79 -36.53
C LEU A 287 20.34 15.67 -35.55
N SER A 288 20.43 16.93 -35.94
CA SER A 288 21.26 17.99 -35.36
C SER A 288 21.04 19.05 -36.46
N ASP A 289 21.63 20.26 -36.44
CA ASP A 289 22.24 20.93 -35.30
C ASP A 289 23.47 20.16 -34.74
N GLU A 290 24.57 20.05 -35.49
CA GLU A 290 24.89 20.71 -36.77
C GLU A 290 24.11 20.20 -37.97
N ASN A 291 24.62 19.10 -38.55
CA ASN A 291 23.95 18.33 -39.62
C ASN A 291 22.45 17.98 -39.38
N PRO A 292 21.54 18.47 -40.26
CA PRO A 292 20.19 17.91 -40.24
C PRO A 292 20.25 16.47 -40.73
N THR A 293 19.45 16.11 -41.76
CA THR A 293 19.46 14.78 -42.42
C THR A 293 20.53 13.73 -41.97
N GLY A 294 20.12 12.60 -41.41
CA GLY A 294 18.75 12.29 -41.11
C GLY A 294 18.63 11.78 -39.67
N TYR A 295 18.91 10.49 -39.48
CA TYR A 295 18.27 9.66 -38.43
C TYR A 295 18.10 10.22 -37.04
N ASP A 296 17.01 9.80 -36.42
CA ASP A 296 16.59 10.28 -35.10
C ASP A 296 17.39 9.69 -33.97
N PRO A 297 17.97 10.55 -33.12
CA PRO A 297 18.83 10.15 -32.00
C PRO A 297 18.26 8.98 -31.17
N LEU A 298 16.93 8.99 -30.99
CA LEU A 298 16.20 7.91 -30.32
C LEU A 298 16.27 6.59 -31.14
N LYS A 299 15.59 6.58 -32.30
CA LYS A 299 15.52 5.44 -33.20
C LYS A 299 16.87 4.82 -33.64
N LEU A 300 17.99 5.54 -33.53
CA LEU A 300 19.30 4.89 -33.76
C LEU A 300 19.66 4.01 -32.58
N GLY A 301 19.30 4.45 -31.37
CA GLY A 301 19.42 3.65 -30.14
C GLY A 301 18.95 2.24 -30.39
N ALA A 302 17.70 2.11 -30.83
CA ALA A 302 17.13 0.82 -31.24
C ALA A 302 17.97 0.12 -32.30
N ILE A 303 18.31 0.83 -33.37
CA ILE A 303 19.14 0.27 -34.44
C ILE A 303 20.48 -0.11 -33.86
N PHE A 304 20.96 0.64 -32.87
CA PHE A 304 22.25 0.33 -32.27
C PHE A 304 22.21 -1.01 -31.54
N LYS A 305 21.25 -1.16 -30.63
CA LYS A 305 21.01 -2.42 -29.94
C LYS A 305 20.95 -3.58 -30.95
N GLU A 306 20.17 -3.40 -32.03
CA GLU A 306 20.08 -4.43 -33.06
C GLU A 306 21.42 -4.71 -33.75
N LEU A 307 22.26 -3.69 -33.90
CA LEU A 307 23.59 -3.92 -34.45
C LEU A 307 24.48 -4.67 -33.45
N GLU A 308 24.41 -4.21 -32.19
CA GLU A 308 25.01 -4.84 -31.03
C GLU A 308 24.78 -6.35 -31.12
N ALA A 309 23.52 -6.74 -30.93
CA ALA A 309 23.10 -8.13 -31.08
C ALA A 309 23.73 -8.77 -32.31
N ASP A 310 23.50 -8.20 -33.48
CA ASP A 310 24.03 -8.72 -34.74
C ASP A 310 25.51 -9.02 -34.71
N VAL A 311 26.31 -8.08 -34.21
CA VAL A 311 27.75 -8.31 -34.11
C VAL A 311 28.00 -9.53 -33.22
N VAL A 312 27.64 -9.40 -31.94
CA VAL A 312 27.69 -10.49 -30.96
C VAL A 312 27.26 -11.84 -31.50
N ARG A 313 26.05 -11.92 -32.07
CA ARG A 313 25.55 -13.19 -32.63
C ARG A 313 26.54 -13.74 -33.65
N ARG A 314 26.86 -12.90 -34.64
CA ARG A 314 27.71 -13.25 -35.76
C ARG A 314 29.01 -13.87 -35.27
N GLY A 315 29.62 -13.20 -34.27
CA GLY A 315 30.80 -13.71 -33.57
C GLY A 315 30.71 -15.16 -33.12
N ILE A 316 29.51 -15.60 -32.77
CA ILE A 316 29.29 -16.96 -32.27
C ILE A 316 29.15 -17.98 -33.41
N LEU A 317 28.53 -17.56 -34.51
CA LEU A 317 28.45 -18.39 -35.71
C LEU A 317 29.81 -18.51 -36.37
N ASP A 318 30.56 -17.39 -36.38
CA ASP A 318 31.92 -17.37 -36.93
C ASP A 318 32.99 -17.45 -35.85
N THR A 319 33.33 -18.67 -35.40
CA THR A 319 34.07 -18.94 -34.16
C THR A 319 33.02 -19.36 -33.16
N GLY A 320 32.92 -20.65 -32.86
CA GLY A 320 32.00 -21.09 -31.81
C GLY A 320 32.37 -20.55 -30.43
N LEU A 321 32.82 -19.29 -30.39
CA LEU A 321 33.34 -18.68 -29.16
C LEU A 321 32.54 -17.47 -28.77
N ARG A 322 32.20 -17.37 -27.49
CA ARG A 322 31.20 -16.37 -27.06
C ARG A 322 31.90 -15.26 -26.30
N ILE A 323 31.18 -14.16 -26.02
CA ILE A 323 31.75 -13.02 -25.29
C ILE A 323 32.83 -13.38 -24.26
N ASP A 324 32.54 -14.31 -23.34
CA ASP A 324 33.42 -14.68 -22.24
C ASP A 324 34.41 -15.75 -22.69
N GLY A 325 34.54 -15.94 -23.98
CA GLY A 325 35.61 -16.83 -24.46
C GLY A 325 35.30 -18.30 -24.39
N ARG A 326 34.05 -18.67 -24.12
CA ARG A 326 33.75 -20.09 -24.04
C ARG A 326 32.92 -20.63 -25.19
N ASP A 327 32.97 -21.94 -25.27
CA ASP A 327 32.27 -22.76 -26.23
C ASP A 327 30.77 -22.64 -26.07
N VAL A 328 30.00 -23.05 -27.08
CA VAL A 328 28.54 -23.08 -26.97
C VAL A 328 28.06 -24.09 -25.93
N LYS A 329 28.78 -25.21 -25.80
CA LYS A 329 28.37 -26.32 -24.92
C LYS A 329 28.91 -26.15 -23.49
N THR A 330 29.87 -25.23 -23.32
CA THR A 330 30.54 -25.06 -22.04
C THR A 330 29.69 -24.32 -21.00
N VAL A 331 29.43 -24.99 -19.88
CA VAL A 331 28.78 -24.38 -18.71
C VAL A 331 29.86 -23.65 -17.93
N ARG A 332 29.52 -22.50 -17.31
CA ARG A 332 30.45 -21.75 -16.46
C ARG A 332 30.85 -22.52 -15.20
N PRO A 333 32.00 -22.18 -14.59
CA PRO A 333 32.40 -22.87 -13.35
C PRO A 333 31.28 -22.84 -12.29
N ILE A 334 31.18 -23.85 -11.46
CA ILE A 334 30.05 -23.97 -10.57
C ILE A 334 30.57 -24.43 -9.22
N LEU A 335 30.03 -23.91 -8.13
CA LEU A 335 30.46 -24.40 -6.82
C LEU A 335 29.26 -24.28 -5.88
N GLY A 336 28.84 -25.39 -5.30
CA GLY A 336 27.74 -25.37 -4.35
C GLY A 336 28.31 -25.62 -2.97
N GLU A 337 27.61 -25.19 -1.93
CA GLU A 337 28.12 -25.27 -0.58
C GLU A 337 26.93 -25.36 0.36
N VAL A 338 26.90 -26.39 1.20
CA VAL A 338 25.71 -26.60 2.06
C VAL A 338 25.99 -26.38 3.52
N GLY A 339 24.97 -26.14 4.31
CA GLY A 339 25.17 -25.75 5.70
C GLY A 339 26.03 -24.50 5.95
N ILE A 340 25.90 -23.50 5.09
CA ILE A 340 26.52 -22.19 5.31
C ILE A 340 25.84 -21.39 6.43
N LEU A 341 24.60 -21.72 6.75
CA LEU A 341 23.93 -21.11 7.88
C LEU A 341 23.46 -22.30 8.72
N PRO A 342 24.38 -22.84 9.50
CA PRO A 342 24.20 -24.13 10.16
C PRO A 342 23.02 -24.22 11.15
N ARG A 343 22.52 -23.08 11.63
CA ARG A 343 21.35 -23.10 12.51
C ARG A 343 20.05 -23.08 11.74
N THR A 344 20.11 -22.62 10.48
CA THR A 344 18.91 -22.58 9.65
C THR A 344 18.63 -24.02 9.28
N HIS A 345 17.35 -24.34 9.07
CA HIS A 345 17.00 -25.75 8.89
C HIS A 345 17.74 -26.41 7.80
N GLY A 346 18.02 -25.69 6.72
CA GLY A 346 18.87 -26.17 5.62
C GLY A 346 19.37 -25.02 4.79
N SER A 347 20.62 -25.01 4.39
CA SER A 347 21.09 -23.83 3.67
C SER A 347 22.10 -24.19 2.60
N ALA A 348 22.16 -23.41 1.54
CA ALA A 348 23.13 -23.67 0.49
C ALA A 348 23.59 -22.39 -0.16
N LEU A 349 24.80 -22.39 -0.69
CA LEU A 349 25.19 -21.31 -1.58
C LEU A 349 25.37 -21.93 -2.95
N PHE A 350 24.66 -21.42 -3.94
CA PHE A 350 24.92 -21.87 -5.28
C PHE A 350 25.55 -20.78 -6.13
N THR A 351 26.75 -21.02 -6.66
CA THR A 351 27.38 -20.04 -7.55
C THR A 351 27.69 -20.68 -8.90
N ARG A 352 27.24 -20.07 -9.99
CA ARG A 352 27.59 -20.51 -11.34
C ARG A 352 28.06 -19.31 -12.18
N GLY A 353 29.34 -19.23 -12.41
CA GLY A 353 29.87 -18.04 -13.08
C GLY A 353 29.69 -16.81 -12.20
N GLU A 354 28.83 -15.89 -12.65
CA GLU A 354 28.59 -14.68 -11.90
C GLU A 354 27.11 -14.60 -11.57
N THR A 355 26.50 -15.75 -11.35
CA THR A 355 25.14 -15.79 -10.84
C THR A 355 25.25 -16.56 -9.53
N GLN A 356 24.59 -16.08 -8.48
CA GLN A 356 24.78 -16.67 -7.17
C GLN A 356 23.53 -16.47 -6.34
N ALA A 357 23.14 -17.53 -5.61
CA ALA A 357 21.93 -17.55 -4.80
C ALA A 357 22.23 -18.07 -3.41
N ILE A 358 21.79 -17.39 -2.37
CA ILE A 358 21.76 -18.00 -1.05
C ILE A 358 20.40 -18.60 -0.91
N VAL A 359 20.30 -19.87 -0.58
CA VAL A 359 18.97 -20.48 -0.43
C VAL A 359 18.77 -21.11 0.93
N VAL A 360 17.69 -20.75 1.59
CA VAL A 360 17.42 -21.31 2.91
C VAL A 360 16.08 -22.04 3.05
N ALA A 361 16.18 -23.34 3.31
CA ALA A 361 14.99 -24.15 3.69
C ALA A 361 14.55 -23.94 5.15
N THR A 362 13.26 -23.90 5.35
CA THR A 362 12.70 -23.79 6.69
C THR A 362 11.53 -24.73 6.78
N LEU A 363 11.56 -25.60 7.80
CA LEU A 363 10.48 -26.56 8.10
C LEU A 363 9.45 -26.01 9.07
N GLY A 364 8.18 -26.19 8.73
CA GLY A 364 7.08 -25.77 9.60
C GLY A 364 5.98 -26.80 9.66
N THR A 365 4.92 -26.48 10.40
CA THR A 365 3.83 -27.41 10.70
C THR A 365 2.59 -26.82 10.07
N GLY A 366 1.41 -27.28 10.46
CA GLY A 366 0.18 -26.86 9.76
C GLY A 366 -0.17 -25.39 9.86
N ASP A 367 0.21 -24.75 10.97
CA ASP A 367 -0.06 -23.32 11.15
C ASP A 367 0.72 -22.44 10.20
N ASP A 368 1.71 -23.03 9.52
CA ASP A 368 2.66 -22.33 8.65
C ASP A 368 2.32 -22.50 7.19
N GLU A 369 1.38 -23.39 6.86
CA GLU A 369 0.97 -23.51 5.46
C GLU A 369 0.10 -22.33 5.05
N GLN A 370 0.12 -22.02 3.75
CA GLN A 370 -0.52 -20.84 3.26
C GLN A 370 -1.92 -21.03 2.70
N PHE A 371 -2.86 -20.22 3.19
CA PHE A 371 -4.23 -20.25 2.70
C PHE A 371 -4.27 -19.58 1.35
N ILE A 372 -4.84 -20.27 0.38
CA ILE A 372 -5.03 -19.72 -0.94
C ILE A 372 -6.50 -19.87 -1.33
N ASP A 373 -7.25 -18.78 -1.36
CA ASP A 373 -8.61 -18.89 -1.81
C ASP A 373 -8.73 -18.65 -3.29
N ALA A 374 -8.37 -19.69 -4.05
CA ALA A 374 -8.72 -19.81 -5.45
C ALA A 374 -10.24 -19.71 -5.65
N LEU A 375 -10.64 -19.25 -6.84
CA LEU A 375 -12.04 -19.25 -7.20
C LEU A 375 -12.59 -20.65 -7.06
N GLU A 376 -11.79 -21.63 -7.53
CA GLU A 376 -12.27 -22.98 -7.66
C GLU A 376 -12.40 -23.73 -6.35
N GLY A 377 -12.15 -23.04 -5.23
CA GLY A 377 -12.08 -23.70 -3.93
C GLY A 377 -10.81 -23.34 -3.17
N THR A 378 -10.98 -22.83 -1.96
CA THR A 378 -9.85 -22.48 -1.14
C THR A 378 -8.99 -23.70 -0.74
N TYR A 379 -7.69 -23.63 -0.87
CA TYR A 379 -6.81 -24.74 -0.44
C TYR A 379 -5.66 -24.26 0.52
N LYS A 380 -4.87 -25.21 1.02
CA LYS A 380 -3.78 -24.91 1.94
C LYS A 380 -2.46 -25.36 1.28
N GLU A 381 -1.59 -24.42 0.95
CA GLU A 381 -0.35 -24.72 0.26
C GLU A 381 0.73 -24.94 1.29
N SER A 382 1.44 -26.06 1.19
CA SER A 382 2.47 -26.42 2.18
C SER A 382 3.87 -26.37 1.66
N PHE A 383 4.05 -25.98 0.40
CA PHE A 383 5.38 -25.82 -0.18
C PHE A 383 5.45 -24.40 -0.68
N LEU A 384 6.26 -23.59 -0.03
CA LEU A 384 6.39 -22.19 -0.33
C LEU A 384 7.77 -21.87 -0.83
N LEU A 385 7.82 -21.20 -1.96
CA LEU A 385 9.11 -20.77 -2.53
C LEU A 385 9.13 -19.31 -2.86
N HIS A 386 9.91 -18.53 -2.13
CA HIS A 386 9.98 -17.09 -2.36
C HIS A 386 11.30 -16.67 -2.92
N TYR A 387 11.27 -15.95 -4.04
CA TYR A 387 12.48 -15.61 -4.78
C TYR A 387 12.63 -14.11 -4.67
N ASN A 388 13.85 -13.65 -4.39
CA ASN A 388 14.16 -12.26 -4.08
C ASN A 388 15.30 -11.80 -4.95
N PHE A 389 15.13 -10.71 -5.66
CA PHE A 389 16.17 -10.32 -6.60
C PHE A 389 16.52 -8.89 -6.31
N PRO A 390 17.41 -8.65 -5.33
CA PRO A 390 17.70 -7.30 -4.90
C PRO A 390 18.68 -6.61 -5.81
N PRO A 391 18.53 -5.30 -6.01
CA PRO A 391 19.32 -4.61 -7.04
C PRO A 391 20.81 -4.79 -6.88
N TYR A 392 21.33 -5.01 -5.68
CA TYR A 392 22.81 -5.11 -5.58
C TYR A 392 23.36 -6.40 -6.25
N SER A 393 22.49 -7.32 -6.61
CA SER A 393 22.93 -8.54 -7.21
C SER A 393 23.49 -8.20 -8.58
N VAL A 394 23.07 -7.10 -9.19
CA VAL A 394 23.61 -6.73 -10.50
C VAL A 394 24.38 -5.43 -10.41
N GLY A 395 24.83 -5.07 -9.22
CA GLY A 395 25.57 -3.83 -9.05
C GLY A 395 24.77 -2.54 -9.09
N GLU A 396 23.45 -2.64 -9.06
CA GLU A 396 22.57 -1.44 -9.05
C GLU A 396 21.99 -1.05 -7.67
N THR A 397 21.41 0.15 -7.60
CA THR A 397 20.59 0.58 -6.46
C THR A 397 19.14 0.56 -6.86
N GLY A 398 18.19 0.33 -5.95
CA GLY A 398 16.79 0.39 -6.36
C GLY A 398 15.82 0.13 -5.26
N ARG A 399 14.55 0.47 -5.47
CA ARG A 399 13.53 0.29 -4.43
C ARG A 399 13.57 -1.11 -3.85
N MET A 400 13.55 -1.23 -2.55
CA MET A 400 13.42 -2.54 -1.94
C MET A 400 11.97 -2.75 -1.54
N GLY A 401 11.50 -3.98 -1.64
CA GLY A 401 10.23 -4.30 -1.00
C GLY A 401 9.03 -4.61 -1.88
N SER A 402 8.38 -5.70 -1.48
CA SER A 402 7.24 -6.39 -2.11
C SER A 402 7.58 -6.87 -3.51
N PRO A 403 7.63 -8.20 -3.66
CA PRO A 403 8.09 -8.85 -4.88
C PRO A 403 7.33 -8.35 -6.09
N GLY A 404 8.02 -8.09 -7.20
CA GLY A 404 7.37 -7.65 -8.45
C GLY A 404 7.07 -8.86 -9.29
N ARG A 405 6.36 -8.71 -10.41
CA ARG A 405 5.93 -9.82 -11.27
C ARG A 405 7.03 -10.81 -11.64
N ARG A 406 8.17 -10.29 -12.01
CA ARG A 406 9.27 -11.12 -12.45
C ARG A 406 9.74 -12.07 -11.36
N GLU A 407 9.73 -11.56 -10.11
CA GLU A 407 10.15 -12.32 -8.94
C GLU A 407 9.12 -13.34 -8.56
N ILE A 408 7.86 -13.00 -8.82
CA ILE A 408 6.79 -13.91 -8.52
C ILE A 408 6.88 -15.03 -9.54
N GLY A 409 7.09 -14.68 -10.80
CA GLY A 409 7.32 -15.66 -11.85
C GLY A 409 8.50 -16.61 -11.60
N HIS A 410 9.67 -16.03 -11.41
CA HIS A 410 10.85 -16.85 -11.20
C HIS A 410 10.69 -17.75 -10.00
N GLY A 411 10.29 -17.23 -8.86
CA GLY A 411 9.85 -18.08 -7.77
C GLY A 411 8.96 -19.23 -8.24
N LYS A 412 7.89 -18.90 -8.98
CA LYS A 412 6.95 -19.94 -9.46
C LYS A 412 7.64 -20.99 -10.33
N LEU A 413 8.56 -20.53 -11.18
CA LEU A 413 9.30 -21.44 -12.06
C LEU A 413 10.07 -22.46 -11.28
N ALA A 414 10.97 -21.97 -10.41
CA ALA A 414 11.75 -22.80 -9.52
C ALA A 414 10.79 -23.71 -8.76
N TRP A 415 9.65 -23.18 -8.34
CA TRP A 415 8.69 -23.99 -7.61
C TRP A 415 8.26 -25.18 -8.44
N ARG A 416 7.85 -24.91 -9.68
CA ARG A 416 7.40 -25.98 -10.54
C ARG A 416 8.49 -26.97 -10.72
N ALA A 417 9.73 -26.51 -10.81
CA ALA A 417 10.87 -27.40 -11.04
C ALA A 417 11.11 -28.35 -9.88
N LEU A 418 10.85 -27.91 -8.67
CA LEU A 418 11.19 -28.76 -7.54
C LEU A 418 10.01 -29.60 -7.09
N ARG A 419 8.81 -29.06 -7.19
CA ARG A 419 7.67 -29.69 -6.57
C ARG A 419 7.55 -31.18 -6.83
N PRO A 420 7.67 -31.60 -8.10
CA PRO A 420 7.48 -33.00 -8.45
C PRO A 420 8.38 -33.97 -7.72
N MET A 421 9.46 -33.49 -7.13
CA MET A 421 10.38 -34.38 -6.41
C MET A 421 10.25 -34.29 -4.91
N LEU A 422 9.24 -33.56 -4.42
CA LEU A 422 8.93 -33.55 -3.00
C LEU A 422 8.54 -34.93 -2.45
N PRO A 423 8.82 -35.22 -1.19
CA PRO A 423 8.39 -36.49 -0.64
C PRO A 423 6.91 -36.44 -0.43
N THR A 424 6.23 -37.57 -0.25
CA THR A 424 4.79 -37.54 -0.01
C THR A 424 4.59 -37.10 1.45
N LYS A 425 3.40 -36.55 1.75
CA LYS A 425 3.12 -36.07 3.09
C LYS A 425 3.38 -37.15 4.15
N GLU A 426 2.91 -38.38 3.87
CA GLU A 426 3.20 -39.55 4.69
C GLU A 426 4.62 -39.59 5.20
N ASP A 427 5.58 -39.44 4.28
CA ASP A 427 6.99 -39.65 4.62
C ASP A 427 7.52 -38.43 5.34
N PHE A 428 6.95 -37.26 5.02
CA PHE A 428 7.50 -35.99 5.47
C PHE A 428 6.41 -34.93 5.64
N PRO A 429 5.72 -34.94 6.80
CA PRO A 429 4.53 -34.14 7.10
C PRO A 429 4.76 -32.66 7.47
N TYR A 430 5.70 -31.99 6.80
CA TYR A 430 6.14 -30.65 7.18
C TYR A 430 5.65 -29.61 6.21
N THR A 431 5.56 -28.35 6.60
CA THR A 431 5.49 -27.28 5.62
C THR A 431 6.92 -26.97 5.19
N ILE A 432 7.18 -26.83 3.90
CA ILE A 432 8.49 -26.39 3.49
C ILE A 432 8.46 -24.95 2.94
N ARG A 433 9.25 -24.06 3.52
CA ARG A 433 9.48 -22.78 2.86
C ARG A 433 10.90 -22.56 2.47
N LEU A 434 11.11 -22.45 1.17
CA LEU A 434 12.40 -22.10 0.63
C LEU A 434 12.49 -20.63 0.39
N VAL A 435 13.52 -19.98 0.88
CA VAL A 435 13.76 -18.62 0.39
C VAL A 435 15.04 -18.51 -0.39
N SER A 436 14.95 -17.96 -1.58
CA SER A 436 16.16 -17.86 -2.39
C SER A 436 16.50 -16.42 -2.58
N GLU A 437 17.68 -16.04 -2.09
CA GLU A 437 18.16 -14.69 -2.18
C GLU A 437 19.16 -14.56 -3.28
N ILE A 438 18.80 -13.93 -4.38
CA ILE A 438 19.75 -13.76 -5.49
C ILE A 438 20.83 -12.74 -5.21
N THR A 439 22.04 -13.20 -4.92
CA THR A 439 23.10 -12.29 -4.47
C THR A 439 24.05 -11.76 -5.54
N GLU A 440 24.03 -12.41 -6.70
CA GLU A 440 24.77 -11.95 -7.88
C GLU A 440 23.96 -12.47 -9.07
N SER A 441 23.93 -11.69 -10.14
CA SER A 441 23.24 -12.23 -11.32
C SER A 441 23.86 -11.89 -12.68
N ASN A 442 24.07 -12.96 -13.45
CA ASN A 442 24.49 -12.88 -14.83
C ASN A 442 23.98 -14.07 -15.67
N GLY A 443 22.66 -14.19 -15.73
CA GLY A 443 22.00 -15.28 -16.43
C GLY A 443 21.48 -16.38 -15.54
N SER A 444 20.29 -16.86 -15.87
CA SER A 444 19.39 -17.57 -14.94
C SER A 444 19.73 -17.75 -13.47
N SER A 445 19.36 -16.73 -12.72
CA SER A 445 19.25 -16.80 -11.29
C SER A 445 18.13 -17.78 -10.92
N SER A 446 17.07 -17.87 -11.74
CA SER A 446 16.00 -18.84 -11.46
C SER A 446 16.52 -20.28 -11.40
N MET A 447 17.34 -20.63 -12.37
CA MET A 447 17.95 -21.97 -12.37
C MET A 447 18.89 -22.13 -11.18
N ALA A 448 19.67 -21.08 -10.90
CA ALA A 448 20.51 -21.09 -9.72
C ALA A 448 19.61 -21.37 -8.52
N THR A 449 18.42 -20.76 -8.52
CA THR A 449 17.48 -20.96 -7.41
C THR A 449 17.09 -22.42 -7.25
N VAL A 450 16.77 -23.12 -8.36
CA VAL A 450 16.36 -24.52 -8.18
C VAL A 450 17.53 -25.38 -7.66
N CYS A 451 18.72 -25.15 -8.19
CA CYS A 451 19.88 -25.91 -7.73
C CYS A 451 20.17 -25.75 -6.23
N GLY A 452 20.20 -24.48 -5.81
CA GLY A 452 20.44 -24.18 -4.41
C GLY A 452 19.35 -24.75 -3.53
N SER A 453 18.11 -24.73 -4.02
CA SER A 453 17.00 -25.32 -3.29
C SER A 453 17.17 -26.82 -3.08
N SER A 454 17.45 -27.54 -4.17
CA SER A 454 17.73 -28.99 -4.12
C SER A 454 18.75 -29.27 -3.03
N LEU A 455 19.83 -28.52 -3.02
CA LEU A 455 20.86 -28.63 -1.99
C LEU A 455 20.35 -28.26 -0.61
N ALA A 456 19.71 -27.09 -0.51
CA ALA A 456 19.24 -26.58 0.77
C ALA A 456 18.23 -27.52 1.43
N MET A 457 17.32 -28.08 0.64
CA MET A 457 16.40 -29.09 1.15
C MET A 457 17.16 -30.35 1.59
N MET A 458 18.13 -30.82 0.81
CA MET A 458 18.88 -31.98 1.23
C MET A 458 19.59 -31.71 2.57
N ASP A 459 20.26 -30.55 2.66
CA ASP A 459 20.88 -30.10 3.90
C ASP A 459 19.89 -30.16 5.09
N ALA A 460 18.63 -29.80 4.79
CA ALA A 460 17.55 -29.71 5.77
C ALA A 460 17.04 -31.12 6.21
N GLY A 461 17.49 -32.12 5.48
CA GLY A 461 17.06 -33.47 5.70
C GLY A 461 15.77 -33.90 4.99
N VAL A 462 15.39 -33.29 3.87
CA VAL A 462 14.11 -33.67 3.28
C VAL A 462 14.31 -34.82 2.28
N PRO A 463 13.62 -35.96 2.51
CA PRO A 463 13.71 -37.11 1.63
C PRO A 463 13.16 -36.76 0.24
N LEU A 464 13.92 -35.92 -0.44
CA LEU A 464 13.73 -35.60 -1.85
C LEU A 464 13.82 -36.92 -2.62
N VAL A 465 12.88 -37.19 -3.54
CA VAL A 465 12.95 -38.51 -4.20
C VAL A 465 14.15 -38.60 -5.12
N ARG A 466 14.59 -37.46 -5.66
CA ARG A 466 15.74 -37.35 -6.55
C ARG A 466 16.05 -35.85 -6.58
N PRO A 467 17.33 -35.46 -6.77
CA PRO A 467 17.63 -34.04 -6.77
C PRO A 467 17.34 -33.43 -8.15
N VAL A 468 17.27 -32.10 -8.22
CA VAL A 468 16.85 -31.43 -9.46
C VAL A 468 17.82 -30.32 -9.82
N SER A 469 18.14 -30.17 -11.11
CA SER A 469 19.08 -29.12 -11.56
C SER A 469 18.40 -28.32 -12.63
N GLY A 470 18.91 -27.13 -12.92
CA GLY A 470 18.37 -26.40 -14.04
C GLY A 470 19.44 -25.66 -14.80
N ILE A 471 19.18 -25.42 -16.07
CA ILE A 471 20.11 -24.69 -16.92
C ILE A 471 19.31 -23.80 -17.81
N ALA A 472 19.80 -22.59 -18.08
CA ALA A 472 19.16 -21.68 -19.01
C ALA A 472 19.93 -21.69 -20.31
N MET A 473 19.19 -21.80 -21.42
CA MET A 473 19.74 -21.95 -22.77
C MET A 473 19.30 -20.83 -23.70
N GLY A 474 20.03 -20.62 -24.77
CA GLY A 474 19.62 -19.66 -25.80
C GLY A 474 19.79 -20.27 -27.19
N LEU A 475 19.23 -19.61 -28.20
CA LEU A 475 19.36 -20.06 -29.59
C LEU A 475 19.57 -18.95 -30.61
N ILE A 476 20.68 -18.97 -31.33
CA ILE A 476 20.88 -18.08 -32.48
C ILE A 476 20.41 -18.87 -33.71
N LEU A 477 19.62 -18.22 -34.55
CA LEU A 477 19.14 -18.87 -35.76
C LEU A 477 19.28 -17.95 -36.96
N GLU A 478 20.23 -18.27 -37.82
CA GLU A 478 20.56 -17.47 -38.98
C GLU A 478 20.16 -18.12 -40.28
N GLN A 479 20.16 -17.30 -41.33
CA GLN A 479 19.83 -17.66 -42.72
C GLN A 479 20.38 -19.00 -43.19
N ASP A 480 21.51 -19.44 -42.61
CA ASP A 480 22.18 -20.67 -43.02
C ASP A 480 22.18 -21.71 -41.90
N GLY A 481 22.58 -21.29 -40.70
CA GLY A 481 22.85 -22.21 -39.58
C GLY A 481 22.43 -21.71 -38.20
N PHE A 482 22.55 -22.56 -37.20
CA PHE A 482 22.04 -22.23 -35.87
C PHE A 482 22.95 -22.68 -34.73
N ALA A 483 23.03 -21.86 -33.69
CA ALA A 483 23.77 -22.27 -32.49
C ALA A 483 22.86 -22.36 -31.27
N VAL A 484 23.06 -23.41 -30.48
CA VAL A 484 22.34 -23.58 -29.21
C VAL A 484 23.33 -23.31 -28.07
N LEU A 485 23.02 -22.32 -27.23
CA LEU A 485 23.96 -21.89 -26.20
C LEU A 485 23.61 -22.41 -24.80
N SER A 486 24.61 -22.88 -24.09
CA SER A 486 24.37 -23.51 -22.83
C SER A 486 24.81 -22.62 -21.72
N ASP A 487 23.95 -22.50 -20.72
CA ASP A 487 24.13 -21.59 -19.60
C ASP A 487 24.48 -20.21 -20.16
N ILE A 488 23.45 -19.53 -20.68
CA ILE A 488 23.65 -18.21 -21.25
C ILE A 488 23.95 -17.13 -20.23
N LEU A 489 24.82 -16.22 -20.65
CA LEU A 489 25.13 -14.96 -19.99
C LEU A 489 23.92 -14.03 -20.01
N GLY A 490 23.95 -12.96 -19.20
CA GLY A 490 22.90 -11.96 -19.24
C GLY A 490 22.80 -11.38 -20.63
N ASP A 491 23.94 -10.93 -21.16
CA ASP A 491 24.05 -10.29 -22.45
C ASP A 491 23.53 -11.16 -23.59
N GLU A 492 23.56 -12.46 -23.37
CA GLU A 492 23.18 -13.45 -24.37
C GLU A 492 21.69 -13.76 -24.41
N ASP A 493 20.98 -13.28 -23.39
CA ASP A 493 19.55 -13.44 -23.28
C ASP A 493 18.87 -12.63 -24.36
N HIS A 494 19.32 -11.40 -24.55
CA HIS A 494 18.67 -10.49 -25.49
C HIS A 494 18.75 -10.97 -26.92
N LEU A 495 19.94 -11.35 -27.36
CA LEU A 495 20.20 -11.78 -28.73
C LEU A 495 19.50 -13.04 -29.20
N GLY A 496 19.22 -13.98 -28.30
CA GLY A 496 18.61 -15.25 -28.70
C GLY A 496 17.27 -15.08 -29.40
N ASP A 497 17.01 -15.88 -30.41
CA ASP A 497 15.68 -15.92 -31.04
C ASP A 497 14.70 -16.69 -30.16
N MET A 498 15.31 -17.44 -29.25
CA MET A 498 14.62 -18.27 -28.33
C MET A 498 15.42 -18.41 -27.06
N ASP A 499 14.77 -18.12 -25.93
CA ASP A 499 15.30 -18.47 -24.62
C ASP A 499 14.49 -19.58 -23.97
N PHE A 500 15.20 -20.47 -23.31
CA PHE A 500 14.53 -21.52 -22.60
C PHE A 500 15.27 -22.04 -21.39
N LYS A 501 14.49 -22.45 -20.43
CA LYS A 501 15.03 -22.90 -19.17
C LYS A 501 14.56 -24.34 -18.89
N VAL A 502 15.52 -25.24 -18.66
CA VAL A 502 15.17 -26.64 -18.41
C VAL A 502 15.67 -27.19 -17.08
N ALA A 503 14.78 -27.84 -16.38
CA ALA A 503 15.13 -28.38 -15.09
C ALA A 503 14.54 -29.73 -14.97
N GLY A 504 15.29 -30.64 -14.36
CA GLY A 504 14.75 -31.96 -14.11
C GLY A 504 15.73 -32.78 -13.32
N THR A 505 15.44 -34.07 -13.29
CA THR A 505 16.24 -35.01 -12.55
C THR A 505 16.97 -35.82 -13.58
N SER A 506 17.72 -36.81 -13.09
CA SER A 506 18.50 -37.68 -13.94
C SER A 506 17.61 -38.63 -14.72
N GLU A 507 16.31 -38.50 -14.56
CA GLU A 507 15.38 -39.47 -15.14
C GLU A 507 14.26 -38.84 -15.96
N GLY A 508 14.19 -37.51 -15.95
CA GLY A 508 13.18 -36.79 -16.73
C GLY A 508 13.05 -35.33 -16.41
N LEU A 509 12.23 -34.65 -17.19
CA LEU A 509 12.07 -33.22 -17.07
C LEU A 509 11.04 -32.95 -16.04
N THR A 510 11.22 -31.81 -15.39
CA THR A 510 10.46 -31.42 -14.25
C THR A 510 9.79 -30.09 -14.55
N SER A 511 10.53 -29.20 -15.22
CA SER A 511 9.93 -27.99 -15.76
C SER A 511 10.67 -27.48 -16.96
N LEU A 512 9.90 -27.14 -17.99
CA LEU A 512 10.44 -26.56 -19.21
C LEU A 512 9.73 -25.25 -19.46
N GLN A 513 10.51 -24.21 -19.68
CA GLN A 513 9.93 -22.92 -20.00
C GLN A 513 10.60 -22.42 -21.26
N MET A 514 9.80 -21.85 -22.16
CA MET A 514 10.33 -21.38 -23.42
C MET A 514 9.74 -20.03 -23.78
N ASP A 515 10.59 -19.13 -24.25
CA ASP A 515 10.10 -17.88 -24.80
C ASP A 515 10.75 -17.64 -26.12
N ILE A 516 9.93 -17.52 -27.18
CA ILE A 516 10.41 -17.55 -28.55
C ILE A 516 9.99 -16.34 -29.36
N LYS A 517 10.97 -15.74 -30.04
CA LYS A 517 10.80 -14.46 -30.73
C LYS A 517 10.47 -14.59 -32.22
N ILE A 518 10.74 -15.72 -32.83
CA ILE A 518 10.53 -15.84 -34.28
C ILE A 518 10.10 -17.27 -34.69
N ALA A 519 9.52 -17.39 -35.88
CA ALA A 519 9.24 -18.70 -36.49
C ALA A 519 10.53 -19.30 -37.06
N GLY A 520 10.45 -20.55 -37.50
CA GLY A 520 11.60 -21.18 -38.13
C GLY A 520 12.21 -22.27 -37.29
N ILE A 521 11.66 -22.45 -36.09
CA ILE A 521 12.19 -23.40 -35.14
C ILE A 521 11.62 -24.80 -35.37
N THR A 522 12.13 -25.48 -36.39
CA THR A 522 11.77 -26.87 -36.63
C THR A 522 11.77 -27.71 -35.33
N PRO A 523 10.84 -28.68 -35.24
CA PRO A 523 10.88 -29.67 -34.14
C PRO A 523 12.22 -30.43 -34.04
N ALA A 524 12.99 -30.45 -35.13
CA ALA A 524 14.33 -31.00 -35.16
C ALA A 524 15.31 -30.12 -34.39
N ILE A 525 15.13 -28.79 -34.46
CA ILE A 525 15.97 -27.88 -33.69
C ILE A 525 15.67 -28.04 -32.20
N MET A 526 14.39 -28.03 -31.83
CA MET A 526 14.01 -28.19 -30.42
C MET A 526 14.53 -29.49 -29.82
N GLU A 527 14.39 -30.58 -30.57
CA GLU A 527 14.93 -31.88 -30.13
C GLU A 527 16.39 -31.74 -29.69
N GLN A 528 17.18 -31.08 -30.53
CA GLN A 528 18.62 -30.87 -30.30
C GLN A 528 18.92 -29.93 -29.18
N ALA A 529 18.17 -28.83 -29.17
CA ALA A 529 18.26 -27.81 -28.13
C ALA A 529 18.13 -28.50 -26.78
N LEU A 530 17.08 -29.31 -26.64
CA LEU A 530 16.82 -29.97 -25.38
C LEU A 530 17.88 -30.96 -25.04
N ALA A 531 18.43 -31.62 -26.06
CA ALA A 531 19.40 -32.66 -25.80
C ALA A 531 20.69 -32.05 -25.34
N GLN A 532 21.07 -30.93 -25.92
CA GLN A 532 22.21 -30.19 -25.38
C GLN A 532 21.97 -29.76 -23.92
N ALA A 533 20.77 -29.26 -23.63
CA ALA A 533 20.41 -28.91 -22.26
C ALA A 533 20.43 -30.12 -21.33
N LYS A 534 19.94 -31.26 -21.82
CA LYS A 534 20.08 -32.52 -21.10
C LYS A 534 21.51 -32.68 -20.63
N GLU A 535 22.47 -32.47 -21.52
CA GLU A 535 23.87 -32.62 -21.13
C GLU A 535 24.27 -31.60 -20.08
N GLY A 536 23.77 -30.37 -20.23
CA GLY A 536 24.08 -29.30 -19.30
C GLY A 536 23.57 -29.55 -17.90
N ARG A 537 22.28 -29.87 -17.77
CA ARG A 537 21.69 -30.03 -16.46
C ARG A 537 22.27 -31.27 -15.79
N ALA A 538 22.59 -32.26 -16.63
CA ALA A 538 23.32 -33.44 -16.16
C ALA A 538 24.67 -32.99 -15.55
N HIS A 539 25.43 -32.21 -16.33
CA HIS A 539 26.70 -31.68 -15.89
C HIS A 539 26.59 -30.95 -14.59
N ILE A 540 25.62 -30.03 -14.54
CA ILE A 540 25.39 -29.20 -13.38
C ILE A 540 25.05 -30.04 -12.17
N LEU A 541 24.09 -30.96 -12.33
CA LEU A 541 23.75 -31.88 -11.25
C LEU A 541 25.02 -32.53 -10.72
N GLY A 542 25.87 -33.00 -11.65
CA GLY A 542 27.15 -33.63 -11.32
C GLY A 542 27.90 -32.78 -10.36
N GLU A 543 28.15 -31.53 -10.77
CA GLU A 543 28.85 -30.55 -9.94
C GLU A 543 28.09 -30.23 -8.65
N MET A 544 26.79 -30.42 -8.70
CA MET A 544 25.97 -30.10 -7.56
C MET A 544 26.23 -31.12 -6.49
N ASN A 545 26.02 -32.38 -6.79
CA ASN A 545 26.07 -33.29 -5.69
C ASN A 545 27.51 -33.68 -5.25
N LYS A 546 28.51 -32.98 -5.79
CA LYS A 546 29.82 -32.84 -5.15
C LYS A 546 29.68 -32.13 -3.81
N ALA A 547 28.65 -31.30 -3.73
CA ALA A 547 28.42 -30.53 -2.53
C ALA A 547 27.60 -31.37 -1.56
N MET A 548 26.63 -32.13 -2.09
CA MET A 548 25.72 -32.78 -1.20
C MET A 548 25.42 -34.23 -1.52
N ASP A 549 24.81 -34.55 -2.68
CA ASP A 549 24.74 -36.00 -3.09
C ASP A 549 23.46 -36.78 -2.65
N ALA A 550 23.10 -36.72 -1.37
CA ALA A 550 21.86 -37.31 -0.89
C ALA A 550 21.32 -36.51 0.32
N PRO A 551 20.02 -36.59 0.61
CA PRO A 551 19.46 -35.91 1.79
C PRO A 551 20.20 -36.32 3.06
N ARG A 552 20.21 -35.45 4.05
CA ARG A 552 20.66 -35.84 5.36
C ARG A 552 19.71 -36.89 5.88
N ALA A 553 20.24 -37.72 6.77
CA ALA A 553 19.44 -38.72 7.45
C ALA A 553 18.36 -38.08 8.29
N ASP A 554 18.65 -36.92 8.90
CA ASP A 554 17.71 -36.28 9.83
C ASP A 554 17.52 -34.81 9.58
N VAL A 555 16.46 -34.25 10.16
CA VAL A 555 16.21 -32.81 10.09
C VAL A 555 17.22 -32.08 10.99
N GLY A 556 17.41 -30.78 10.77
CA GLY A 556 18.31 -29.98 11.60
C GLY A 556 18.08 -30.11 13.09
N ASP A 557 19.10 -29.83 13.90
CA ASP A 557 18.98 -29.85 15.37
C ASP A 557 17.97 -28.81 15.87
N PHE A 558 17.75 -27.78 15.05
CA PHE A 558 16.78 -26.72 15.39
C PHE A 558 15.43 -26.94 14.70
N ALA A 559 15.21 -28.22 14.36
CA ALA A 559 13.91 -28.95 14.44
C ALA A 559 13.04 -28.37 13.41
N PRO A 560 11.72 -28.43 13.68
CA PRO A 560 11.01 -29.25 14.67
C PRO A 560 10.88 -30.69 14.24
N LYS A 561 10.34 -31.52 15.13
CA LYS A 561 10.00 -32.90 14.85
C LYS A 561 8.47 -33.00 14.85
N ILE A 562 7.95 -33.92 14.05
CA ILE A 562 6.54 -34.15 13.94
C ILE A 562 6.36 -35.64 14.12
N GLU A 563 5.50 -36.06 15.03
CA GLU A 563 5.07 -37.44 14.96
C GLU A 563 3.55 -37.37 14.78
N THR A 564 2.96 -38.43 14.24
CA THR A 564 1.54 -38.35 13.93
C THR A 564 0.73 -39.57 14.41
N ILE A 565 -0.52 -39.31 14.82
CA ILE A 565 -1.42 -40.36 15.36
C ILE A 565 -2.85 -40.18 14.87
N ASN A 566 -3.60 -41.29 14.79
CA ASN A 566 -5.01 -41.23 14.38
C ASN A 566 -5.96 -41.35 15.57
N ILE A 567 -7.01 -40.54 15.61
CA ILE A 567 -8.05 -40.65 16.66
C ILE A 567 -9.47 -40.65 16.08
N PRO A 568 -10.42 -41.37 16.71
CA PRO A 568 -11.83 -41.36 16.26
C PRO A 568 -12.33 -39.94 16.00
N THR A 569 -13.15 -39.72 14.97
CA THR A 569 -13.65 -38.34 14.71
C THR A 569 -14.57 -37.83 15.82
N ASP A 570 -15.41 -38.72 16.37
CA ASP A 570 -16.34 -38.36 17.44
C ASP A 570 -15.64 -38.05 18.79
N LYS A 571 -14.31 -38.10 18.78
CA LYS A 571 -13.49 -37.82 19.95
C LYS A 571 -12.79 -36.48 19.88
N ILE A 572 -12.68 -35.91 18.67
CA ILE A 572 -12.03 -34.59 18.44
C ILE A 572 -12.52 -33.53 19.46
N ARG A 573 -13.82 -33.56 19.75
CA ARG A 573 -14.46 -32.66 20.71
C ARG A 573 -13.86 -32.78 22.11
N GLU A 574 -13.59 -34.00 22.58
CA GLU A 574 -12.97 -34.19 23.91
C GLU A 574 -11.49 -33.81 24.03
N VAL A 575 -10.79 -33.79 22.90
CA VAL A 575 -9.41 -33.35 22.87
C VAL A 575 -9.31 -31.83 22.74
N ILE A 576 -10.17 -31.21 21.93
CA ILE A 576 -10.23 -29.73 21.94
C ILE A 576 -10.80 -29.24 23.27
N GLY A 577 -11.83 -29.91 23.78
CA GLY A 577 -12.47 -29.54 25.05
C GLY A 577 -13.30 -28.29 24.95
N SER A 578 -14.14 -28.04 25.96
CA SER A 578 -15.07 -26.91 25.98
C SER A 578 -14.35 -25.57 25.88
N GLY A 579 -14.41 -24.99 24.67
CA GLY A 579 -13.78 -23.70 24.39
C GLY A 579 -12.26 -23.73 24.32
N GLY A 580 -11.73 -24.89 23.92
CA GLY A 580 -10.30 -25.15 23.86
C GLY A 580 -9.68 -25.57 25.18
N LYS A 581 -10.50 -25.63 26.24
CA LYS A 581 -10.07 -25.95 27.60
C LYS A 581 -8.99 -27.05 27.73
N VAL A 582 -9.15 -28.13 26.96
CA VAL A 582 -8.23 -29.27 27.04
C VAL A 582 -6.99 -28.98 26.20
N ILE A 583 -7.19 -28.77 24.90
CA ILE A 583 -6.09 -28.66 23.94
C ILE A 583 -5.06 -27.59 24.29
N ARG A 584 -5.49 -26.44 24.76
CA ARG A 584 -4.51 -25.40 25.09
C ARG A 584 -3.70 -25.80 26.30
N GLU A 585 -4.36 -26.46 27.26
CA GLU A 585 -3.69 -26.98 28.45
C GLU A 585 -2.63 -28.01 28.05
N ILE A 586 -2.98 -28.82 27.05
CA ILE A 586 -2.04 -29.80 26.49
C ILE A 586 -0.87 -29.08 25.83
N VAL A 587 -1.15 -28.06 25.01
CA VAL A 587 -0.08 -27.32 24.35
C VAL A 587 0.77 -26.47 25.31
N ALA A 588 0.10 -25.86 26.28
CA ALA A 588 0.75 -25.20 27.40
C ALA A 588 1.70 -26.17 28.15
N THR A 589 1.17 -27.24 28.73
CA THR A 589 1.96 -28.16 29.55
C THR A 589 3.05 -28.96 28.79
N THR A 590 2.64 -29.72 27.77
CA THR A 590 3.55 -30.56 26.96
C THR A 590 4.51 -29.71 26.09
N GLY A 591 4.08 -28.50 25.73
CA GLY A 591 4.89 -27.62 24.89
C GLY A 591 4.95 -28.03 23.44
N ALA A 592 4.03 -28.89 23.02
CA ALA A 592 3.97 -29.37 21.65
C ALA A 592 2.84 -28.64 20.94
N LYS A 593 3.00 -28.42 19.64
CA LYS A 593 1.92 -27.90 18.80
C LYS A 593 1.03 -29.09 18.49
N VAL A 594 -0.28 -28.89 18.58
CA VAL A 594 -1.22 -29.98 18.35
C VAL A 594 -2.15 -29.68 17.19
N ASP A 595 -1.94 -30.44 16.10
CA ASP A 595 -2.57 -30.22 14.77
C ASP A 595 -3.63 -31.28 14.50
N ILE A 596 -4.92 -30.99 14.73
CA ILE A 596 -5.98 -31.99 14.53
C ILE A 596 -6.69 -31.73 13.22
N ASN A 597 -6.66 -32.68 12.29
CA ASN A 597 -7.25 -32.51 10.97
C ASN A 597 -8.77 -32.69 11.04
N ASP A 598 -9.31 -33.66 10.31
CA ASP A 598 -10.76 -33.84 10.29
C ASP A 598 -11.08 -35.29 10.32
N ASP A 599 -10.34 -36.04 9.49
CA ASP A 599 -10.37 -37.49 9.50
C ASP A 599 -10.00 -38.05 10.87
N GLY A 600 -9.51 -37.17 11.75
CA GLY A 600 -9.03 -37.53 13.08
C GLY A 600 -7.54 -37.78 13.06
N VAL A 601 -6.89 -37.28 12.01
CA VAL A 601 -5.45 -37.43 11.85
C VAL A 601 -4.72 -36.29 12.54
N VAL A 602 -4.22 -36.58 13.75
CA VAL A 602 -3.53 -35.61 14.61
C VAL A 602 -2.01 -35.66 14.42
N LYS A 603 -1.43 -34.55 13.97
CA LYS A 603 0.03 -34.45 13.92
C LYS A 603 0.59 -33.48 14.98
N VAL A 604 1.43 -34.05 15.84
CA VAL A 604 1.97 -33.39 17.02
C VAL A 604 3.42 -33.00 16.76
N SER A 605 3.79 -31.76 17.02
CA SER A 605 5.17 -31.33 16.66
C SER A 605 5.85 -30.47 17.73
N ALA A 606 7.17 -30.59 17.84
CA ALA A 606 7.94 -29.85 18.85
C ALA A 606 9.42 -30.08 18.59
N SER A 607 10.27 -29.49 19.42
CA SER A 607 11.74 -29.67 19.31
C SER A 607 12.29 -30.92 20.00
N ASP A 608 11.62 -31.44 21.03
CA ASP A 608 11.99 -32.72 21.66
C ASP A 608 11.09 -33.79 21.09
N GLY A 609 11.58 -35.03 21.07
CA GLY A 609 10.72 -36.19 20.98
C GLY A 609 9.94 -36.32 22.28
N ALA A 610 10.52 -35.86 23.38
CA ALA A 610 9.91 -36.02 24.70
C ALA A 610 8.64 -35.19 24.83
N LYS A 611 8.63 -34.02 24.20
CA LYS A 611 7.46 -33.16 24.24
C LYS A 611 6.31 -33.81 23.47
N ILE A 612 6.64 -34.25 22.25
CA ILE A 612 5.71 -34.96 21.39
C ILE A 612 5.09 -36.19 22.07
N LYS A 613 5.90 -37.01 22.73
CA LYS A 613 5.38 -38.21 23.39
C LYS A 613 4.43 -37.85 24.55
N ALA A 614 4.77 -36.79 25.27
CA ALA A 614 3.95 -36.28 26.36
C ALA A 614 2.58 -35.90 25.82
N ALA A 615 2.57 -35.10 24.75
CA ALA A 615 1.36 -34.73 24.07
C ALA A 615 0.58 -35.98 23.64
N ILE A 616 1.20 -36.83 22.82
CA ILE A 616 0.57 -38.04 22.32
C ILE A 616 -0.04 -38.87 23.45
N ASP A 617 0.70 -39.09 24.55
CA ASP A 617 0.18 -39.88 25.69
C ASP A 617 -1.08 -39.26 26.28
N TRP A 618 -1.04 -37.94 26.45
CA TRP A 618 -2.16 -37.17 26.92
C TRP A 618 -3.37 -37.36 26.05
N ILE A 619 -3.24 -37.14 24.75
CA ILE A 619 -4.39 -37.31 23.84
C ILE A 619 -4.97 -38.72 23.90
N LYS A 620 -4.09 -39.72 23.83
CA LYS A 620 -4.45 -41.14 23.87
C LYS A 620 -5.20 -41.56 25.14
N SER A 621 -4.84 -40.98 26.28
CA SER A 621 -5.54 -41.20 27.55
C SER A 621 -6.99 -40.72 27.44
N ILE A 622 -7.21 -39.64 26.70
CA ILE A 622 -8.56 -39.15 26.45
C ILE A 622 -9.31 -40.07 25.44
N THR A 623 -8.57 -40.68 24.52
CA THR A 623 -9.12 -41.40 23.37
C THR A 623 -9.54 -42.87 23.60
N ASP A 624 -8.73 -43.63 24.34
CA ASP A 624 -8.86 -45.11 24.41
C ASP A 624 -10.19 -45.63 24.99
N GLU A 625 -10.32 -46.97 25.10
CA GLU A 625 -11.53 -47.67 25.58
C GLU A 625 -12.86 -47.10 25.05
N GLY B 4 -2.39 32.33 29.61
CA GLY B 4 -2.09 33.80 29.54
C GLY B 4 -1.13 34.15 28.40
N SER B 5 -0.35 33.15 27.97
CA SER B 5 0.35 33.20 26.67
C SER B 5 -0.77 32.91 25.67
N MET B 6 -0.50 32.92 24.37
CA MET B 6 -1.55 32.72 23.38
C MET B 6 -2.85 33.50 23.66
N PHE B 7 -3.68 33.68 22.65
CA PHE B 7 -4.71 34.68 22.74
C PHE B 7 -5.92 34.21 21.95
N ASP B 8 -6.74 33.37 22.58
CA ASP B 8 -8.06 33.00 22.01
C ASP B 8 -9.00 33.77 22.84
N ILE B 9 -10.10 34.33 22.34
CA ILE B 9 -10.77 34.24 21.01
C ILE B 9 -11.52 32.92 20.70
N LYS B 10 -12.80 32.94 21.06
CA LYS B 10 -13.71 31.80 21.07
C LYS B 10 -15.09 32.36 20.70
N ARG B 11 -15.96 31.54 20.12
CA ARG B 11 -17.34 31.97 19.90
C ARG B 11 -18.25 30.86 20.46
N LYS B 12 -17.98 30.56 21.74
CA LYS B 12 -18.67 29.54 22.58
C LYS B 12 -20.15 29.56 22.32
N THR B 13 -20.56 30.56 21.55
CA THR B 13 -21.90 30.90 21.32
C THR B 13 -22.63 29.83 20.56
N ILE B 14 -23.82 30.23 20.15
CA ILE B 14 -24.74 29.40 19.43
C ILE B 14 -25.16 28.19 20.26
N GLU B 15 -26.46 28.13 20.44
CA GLU B 15 -27.12 26.88 20.71
C GLU B 15 -27.84 26.61 19.40
N TRP B 16 -27.35 25.57 18.75
CA TRP B 16 -27.75 25.28 17.39
C TRP B 16 -28.48 23.99 17.37
N GLY B 17 -29.75 24.07 16.99
CA GLY B 17 -30.68 22.96 17.10
C GLY B 17 -30.73 22.52 18.55
N GLY B 18 -30.61 23.46 19.49
CA GLY B 18 -30.59 23.16 20.92
C GLY B 18 -29.41 22.31 21.36
N LYS B 19 -28.40 22.18 20.50
CA LYS B 19 -27.14 21.50 20.82
C LYS B 19 -26.05 22.57 20.91
N THR B 20 -25.04 22.36 21.73
CA THR B 20 -24.19 23.50 22.08
C THR B 20 -22.88 23.53 21.32
N LEU B 21 -22.70 24.52 20.47
CA LEU B 21 -21.55 24.51 19.55
C LEU B 21 -20.53 25.59 19.88
N VAL B 22 -19.30 25.17 20.15
CA VAL B 22 -18.23 26.11 20.44
C VAL B 22 -17.24 26.21 19.29
N LEU B 23 -16.83 27.41 18.94
CA LEU B 23 -15.77 27.59 17.94
C LEU B 23 -14.57 28.27 18.61
N GLU B 24 -13.44 27.58 18.72
CA GLU B 24 -12.25 28.17 19.36
C GLU B 24 -11.08 28.35 18.43
N THR B 25 -10.36 29.47 18.54
CA THR B 25 -9.13 29.64 17.77
C THR B 25 -8.04 30.34 18.57
N GLY B 26 -6.78 30.19 18.15
CA GLY B 26 -5.70 30.90 18.81
C GLY B 26 -5.03 30.24 20.00
N ARG B 27 -5.53 29.07 20.42
CA ARG B 27 -4.79 28.20 21.34
C ARG B 27 -4.00 27.16 20.56
N ILE B 28 -4.66 26.42 19.67
CA ILE B 28 -4.09 25.24 19.02
C ILE B 28 -3.73 25.44 17.55
N ALA B 29 -2.56 24.92 17.17
CA ALA B 29 -2.06 24.90 15.78
C ALA B 29 -1.97 26.30 15.20
N ARG B 30 -1.28 27.19 15.93
CA ARG B 30 -1.30 28.61 15.59
C ARG B 30 -0.42 28.92 14.39
N GLN B 31 0.21 27.90 13.85
CA GLN B 31 1.10 27.99 12.72
C GLN B 31 0.40 27.62 11.40
N ALA B 32 -0.79 27.03 11.47
CA ALA B 32 -1.61 26.85 10.26
C ALA B 32 -2.13 28.23 9.94
N ASP B 33 -2.59 28.44 8.70
CA ASP B 33 -3.15 29.72 8.34
C ASP B 33 -4.40 30.01 9.14
N GLY B 34 -5.25 28.99 9.32
CA GLY B 34 -6.38 29.05 10.25
C GLY B 34 -6.57 27.70 10.91
N ALA B 35 -6.99 27.68 12.17
CA ALA B 35 -7.12 26.46 12.94
C ALA B 35 -8.25 26.58 13.95
N VAL B 36 -9.25 25.71 13.84
CA VAL B 36 -10.39 25.79 14.74
C VAL B 36 -10.62 24.53 15.54
N LEU B 37 -10.67 24.64 16.84
CA LEU B 37 -11.14 23.52 17.66
C LEU B 37 -12.65 23.70 17.89
N ALA B 38 -13.46 22.90 17.19
CA ALA B 38 -14.91 23.04 17.33
C ALA B 38 -15.49 21.93 18.19
N THR B 39 -16.43 22.30 19.06
CA THR B 39 -17.10 21.34 19.92
C THR B 39 -18.60 21.42 19.67
N MET B 40 -19.23 20.28 19.46
CA MET B 40 -20.68 20.29 19.46
C MET B 40 -21.17 19.37 20.58
N GLY B 41 -21.33 20.00 21.74
CA GLY B 41 -21.65 19.34 22.99
C GLY B 41 -20.94 18.02 23.06
N GLU B 42 -19.78 17.98 23.70
CA GLU B 42 -19.02 16.70 23.87
C GLU B 42 -18.31 16.01 22.65
N THR B 43 -18.77 16.20 21.42
CA THR B 43 -17.99 15.77 20.27
C THR B 43 -17.07 16.91 19.89
N VAL B 44 -15.78 16.64 19.74
CA VAL B 44 -14.78 17.69 19.48
C VAL B 44 -13.96 17.37 18.23
N VAL B 45 -13.82 18.32 17.31
CA VAL B 45 -12.88 18.12 16.19
C VAL B 45 -11.95 19.30 16.02
N LEU B 46 -10.76 19.02 15.50
CA LEU B 46 -9.81 20.07 15.15
C LEU B 46 -9.66 20.21 13.63
N ALA B 47 -9.90 21.39 13.10
CA ALA B 47 -9.79 21.59 11.67
C ALA B 47 -8.72 22.62 11.35
N THR B 48 -7.89 22.35 10.34
CA THR B 48 -6.86 23.29 9.95
C THR B 48 -6.91 23.65 8.45
N ALA B 49 -6.58 24.89 8.14
CA ALA B 49 -6.41 25.31 6.74
C ALA B 49 -5.01 25.90 6.53
N VAL B 50 -4.32 25.40 5.50
CA VAL B 50 -3.04 25.97 5.06
C VAL B 50 -3.08 26.18 3.55
N PHE B 51 -2.53 27.31 3.09
CA PHE B 51 -2.44 27.62 1.67
C PHE B 51 -1.09 28.23 1.22
N ALA B 52 -0.60 27.80 0.07
CA ALA B 52 0.66 28.34 -0.49
C ALA B 52 0.54 29.84 -0.80
N LYS B 53 1.58 30.61 -0.53
CA LYS B 53 1.47 32.05 -0.84
C LYS B 53 1.97 32.38 -2.26
N SER B 54 2.09 31.37 -3.10
CA SER B 54 2.45 31.56 -4.48
C SER B 54 2.13 30.30 -5.27
N GLN B 55 2.12 30.43 -6.60
CA GLN B 55 1.72 29.36 -7.48
C GLN B 55 2.93 28.56 -7.97
N LYS B 56 2.76 27.25 -8.15
CA LYS B 56 3.74 26.38 -8.78
C LYS B 56 3.80 26.83 -10.24
N PRO B 57 5.01 26.97 -10.82
CA PRO B 57 5.23 27.40 -12.21
C PRO B 57 4.00 27.33 -13.14
N GLY B 58 3.75 26.20 -13.79
CA GLY B 58 2.59 26.14 -14.65
C GLY B 58 1.54 25.28 -14.00
N GLN B 59 0.81 25.82 -13.03
CA GLN B 59 -0.21 25.03 -12.34
C GLN B 59 -1.28 24.46 -13.28
N ASP B 60 -2.23 25.28 -13.68
CA ASP B 60 -3.35 24.90 -14.60
C ASP B 60 -4.66 24.43 -13.99
N PHE B 61 -4.60 23.91 -12.76
CA PHE B 61 -5.81 23.52 -12.03
C PHE B 61 -5.61 23.84 -10.55
N PHE B 62 -6.74 24.02 -9.88
CA PHE B 62 -6.74 24.36 -8.47
C PHE B 62 -6.48 23.12 -7.61
N PRO B 63 -5.33 23.10 -6.91
CA PRO B 63 -4.91 21.95 -6.12
C PRO B 63 -5.40 22.01 -4.67
N LEU B 64 -6.61 21.49 -4.43
CA LEU B 64 -7.23 21.51 -3.10
C LEU B 64 -7.18 20.12 -2.57
N THR B 65 -6.84 19.96 -1.28
CA THR B 65 -6.86 18.65 -0.64
C THR B 65 -7.53 18.68 0.70
N VAL B 66 -8.42 17.72 0.93
CA VAL B 66 -9.12 17.64 2.21
C VAL B 66 -8.92 16.31 2.89
N ASN B 67 -8.40 16.32 4.12
CA ASN B 67 -8.24 15.11 4.90
C ASN B 67 -9.03 15.05 6.17
N TYR B 68 -10.15 14.34 6.14
CA TYR B 68 -10.90 14.09 7.37
C TYR B 68 -10.35 12.80 7.92
N GLN B 69 -10.03 12.83 9.22
CA GLN B 69 -9.44 11.66 9.86
C GLN B 69 -9.92 11.49 11.26
N GLU B 70 -10.26 10.24 11.60
CA GLU B 70 -10.71 9.91 12.96
C GLU B 70 -9.64 9.19 13.76
N LYS B 71 -9.53 9.55 15.02
CA LYS B 71 -8.54 8.89 15.86
C LYS B 71 -9.32 8.08 16.90
N THR B 72 -9.09 6.78 16.94
CA THR B 72 -9.86 5.87 17.78
C THR B 72 -9.87 6.25 19.28
N PHE B 73 -8.91 7.06 19.73
CA PHE B 73 -8.92 7.51 21.12
C PHE B 73 -10.09 8.46 21.37
N ALA B 74 -10.69 8.96 20.30
CA ALA B 74 -11.79 9.89 20.40
C ALA B 74 -13.02 9.19 21.00
N ALA B 75 -12.94 7.88 21.10
CA ALA B 75 -14.02 7.02 21.52
C ALA B 75 -13.48 6.12 22.63
N GLY B 76 -12.28 6.43 23.12
CA GLY B 76 -11.69 5.67 24.19
C GLY B 76 -11.34 4.24 23.76
N LYS B 77 -11.01 4.07 22.49
CA LYS B 77 -10.56 2.79 22.01
C LYS B 77 -9.14 2.83 21.40
N ILE B 78 -8.58 1.61 21.28
CA ILE B 78 -7.34 1.32 20.59
C ILE B 78 -7.70 0.60 19.27
N PRO B 79 -7.05 0.96 18.14
CA PRO B 79 -7.36 0.38 16.85
C PRO B 79 -7.34 -1.15 16.89
N GLY B 80 -8.19 -1.73 16.07
CA GLY B 80 -8.38 -3.17 16.02
C GLY B 80 -7.32 -3.92 15.26
N GLY B 81 -6.67 -3.23 14.32
CA GLY B 81 -5.67 -3.86 13.41
C GLY B 81 -4.60 -4.71 14.10
N PHE B 82 -3.80 -5.41 13.31
CA PHE B 82 -2.67 -6.13 13.88
C PHE B 82 -1.61 -5.10 14.30
N PHE B 83 -1.73 -3.89 13.77
CA PHE B 83 -0.73 -2.85 14.03
C PHE B 83 -1.07 -1.93 15.22
N LYS B 84 -2.37 -1.89 15.54
CA LYS B 84 -2.92 -1.06 16.61
C LYS B 84 -2.67 0.40 16.33
N ARG B 85 -2.52 0.77 15.07
CA ARG B 85 -2.41 2.17 14.71
C ARG B 85 -3.37 2.48 13.58
N GLU B 86 -4.02 3.64 13.61
CA GLU B 86 -4.82 4.01 12.45
C GLU B 86 -3.94 4.20 11.20
N GLY B 87 -4.48 3.78 10.06
CA GLY B 87 -3.74 3.83 8.79
C GLY B 87 -4.55 4.40 7.65
N ARG B 88 -4.63 3.65 6.56
CA ARG B 88 -5.34 4.03 5.33
C ARG B 88 -6.76 4.47 5.66
N PRO B 89 -7.30 5.42 4.89
CA PRO B 89 -8.58 5.97 5.37
C PRO B 89 -9.68 4.89 5.31
N SER B 90 -10.65 5.00 6.21
CA SER B 90 -11.80 4.09 6.18
C SER B 90 -12.84 4.59 5.17
N GLU B 91 -13.89 3.81 4.92
CA GLU B 91 -14.95 4.27 4.06
C GLU B 91 -15.45 5.62 4.60
N LYS B 92 -15.74 5.70 5.91
CA LYS B 92 -16.25 6.93 6.50
C LYS B 92 -15.31 8.07 6.20
N GLU B 93 -14.04 7.87 6.50
CA GLU B 93 -13.05 8.91 6.27
C GLU B 93 -12.99 9.37 4.81
N THR B 94 -13.11 8.43 3.88
CA THR B 94 -13.04 8.80 2.48
C THR B 94 -14.26 9.60 2.14
N LEU B 95 -15.43 9.12 2.53
CA LEU B 95 -16.68 9.78 2.15
C LEU B 95 -16.77 11.21 2.71
N VAL B 96 -16.48 11.32 3.99
CA VAL B 96 -16.59 12.60 4.70
C VAL B 96 -15.60 13.60 4.12
N SER B 97 -14.41 13.15 3.75
CA SER B 97 -13.48 14.06 3.07
C SER B 97 -14.11 14.66 1.84
N ARG B 98 -14.78 13.81 1.07
CA ARG B 98 -15.42 14.25 -0.17
C ARG B 98 -16.54 15.21 0.14
N LEU B 99 -17.30 14.87 1.16
CA LEU B 99 -18.39 15.68 1.62
C LEU B 99 -17.95 17.12 1.86
N ILE B 100 -16.76 17.29 2.43
CA ILE B 100 -16.21 18.59 2.72
C ILE B 100 -15.67 19.23 1.45
N ASP B 101 -14.99 18.42 0.65
CA ASP B 101 -14.35 18.89 -0.58
C ASP B 101 -15.37 19.57 -1.46
N ARG B 102 -16.47 18.85 -1.68
CA ARG B 102 -17.46 19.17 -2.69
C ARG B 102 -18.03 20.61 -2.68
N PRO B 103 -18.56 21.09 -1.54
CA PRO B 103 -19.04 22.46 -1.47
C PRO B 103 -17.97 23.56 -1.53
N ILE B 104 -16.78 23.36 -0.97
CA ILE B 104 -15.82 24.47 -0.85
C ILE B 104 -15.01 24.66 -2.11
N ARG B 105 -14.69 23.55 -2.79
CA ARG B 105 -13.88 23.59 -3.99
C ARG B 105 -14.28 24.74 -4.90
N PRO B 106 -15.57 24.83 -5.28
CA PRO B 106 -15.91 25.87 -6.25
C PRO B 106 -16.14 27.25 -5.62
N LEU B 107 -15.76 27.41 -4.37
CA LEU B 107 -15.95 28.69 -3.69
C LEU B 107 -14.64 29.47 -3.61
N PHE B 108 -13.58 29.00 -4.25
CA PHE B 108 -12.38 29.78 -4.23
C PHE B 108 -12.45 30.80 -5.34
N VAL B 109 -12.04 32.02 -5.03
CA VAL B 109 -11.96 33.09 -6.02
C VAL B 109 -11.42 32.65 -7.37
N LYS B 110 -12.11 33.07 -8.43
CA LYS B 110 -11.77 32.71 -9.81
C LYS B 110 -10.27 32.80 -10.05
N GLY B 111 -9.72 31.79 -10.68
CA GLY B 111 -8.30 31.85 -11.04
C GLY B 111 -7.27 31.50 -9.97
N PHE B 112 -7.68 31.44 -8.71
CA PHE B 112 -6.81 30.96 -7.62
C PHE B 112 -6.42 29.51 -7.83
N LYS B 113 -5.11 29.25 -7.83
CA LYS B 113 -4.59 27.90 -8.07
C LYS B 113 -3.36 27.63 -7.24
N ASN B 114 -3.38 28.12 -6.01
CA ASN B 114 -2.38 27.79 -5.03
C ASN B 114 -2.82 26.61 -4.19
N GLU B 115 -1.85 25.86 -3.67
CA GLU B 115 -2.10 24.71 -2.82
C GLU B 115 -2.97 25.12 -1.65
N VAL B 116 -4.07 24.40 -1.44
CA VAL B 116 -4.81 24.53 -0.20
C VAL B 116 -5.04 23.16 0.41
N GLN B 117 -4.83 23.04 1.71
CA GLN B 117 -5.07 21.77 2.36
C GLN B 117 -5.80 21.90 3.67
N VAL B 118 -6.86 21.11 3.81
CA VAL B 118 -7.64 21.13 5.03
C VAL B 118 -7.51 19.82 5.79
N VAL B 119 -6.97 19.86 6.97
CA VAL B 119 -6.99 18.64 7.76
C VAL B 119 -8.06 18.73 8.83
N VAL B 120 -8.95 17.74 8.86
CA VAL B 120 -9.89 17.69 9.99
C VAL B 120 -9.65 16.44 10.78
N THR B 121 -9.33 16.62 12.06
CA THR B 121 -9.06 15.48 12.93
C THR B 121 -10.09 15.36 14.02
N VAL B 122 -10.84 14.28 14.05
CA VAL B 122 -11.85 14.10 15.10
C VAL B 122 -11.15 13.69 16.39
N LEU B 123 -11.36 14.43 17.46
CA LEU B 123 -10.61 14.20 18.69
C LEU B 123 -11.42 13.57 19.83
N GLN B 124 -12.74 13.66 19.77
CA GLN B 124 -13.58 13.11 20.82
C GLN B 124 -15.00 12.92 20.31
N HIS B 125 -15.57 11.76 20.59
CA HIS B 125 -16.86 11.37 20.04
C HIS B 125 -17.79 11.03 21.16
N ASP B 126 -18.90 11.74 21.24
CA ASP B 126 -19.77 11.62 22.40
C ASP B 126 -20.87 10.57 22.19
N LEU B 127 -20.74 9.77 21.14
CA LEU B 127 -21.73 8.73 20.84
C LEU B 127 -23.14 9.23 20.51
N GLU B 128 -23.30 10.53 20.20
CA GLU B 128 -24.62 11.06 19.80
C GLU B 128 -24.56 12.04 18.65
N ASN B 129 -23.72 13.07 18.76
CA ASN B 129 -23.59 14.02 17.65
C ASN B 129 -22.46 13.68 16.71
N ASP B 130 -22.80 13.32 15.46
CA ASP B 130 -21.81 12.81 14.49
C ASP B 130 -20.76 13.88 14.24
N PRO B 131 -19.49 13.47 14.22
CA PRO B 131 -18.47 14.46 13.91
C PRO B 131 -18.41 14.91 12.43
N ASP B 132 -19.18 14.27 11.54
CA ASP B 132 -19.11 14.66 10.12
C ASP B 132 -19.61 16.09 9.84
N ILE B 133 -20.83 16.41 10.26
CA ILE B 133 -21.37 17.76 10.13
C ILE B 133 -20.45 18.76 10.84
N LEU B 134 -20.07 18.44 12.09
CA LEU B 134 -19.23 19.33 12.88
C LEU B 134 -17.96 19.61 12.10
N GLY B 135 -17.47 18.53 11.49
CA GLY B 135 -16.28 18.54 10.66
C GLY B 135 -16.41 19.51 9.52
N MET B 136 -17.57 19.51 8.84
CA MET B 136 -17.82 20.43 7.75
C MET B 136 -17.73 21.84 8.28
N VAL B 137 -18.46 22.09 9.35
CA VAL B 137 -18.50 23.44 9.94
C VAL B 137 -17.09 23.94 10.34
N ALA B 138 -16.35 23.08 11.01
CA ALA B 138 -15.04 23.46 11.48
C ALA B 138 -14.08 23.72 10.32
N ALA B 139 -14.18 22.94 9.26
CA ALA B 139 -13.38 23.17 8.07
C ALA B 139 -13.70 24.58 7.54
N SER B 140 -14.98 24.83 7.33
CA SER B 140 -15.45 26.12 6.83
C SER B 140 -14.87 27.25 7.67
N ALA B 141 -15.00 27.10 8.98
CA ALA B 141 -14.53 28.09 9.89
C ALA B 141 -13.03 28.32 9.68
N ALA B 142 -12.26 27.24 9.69
CA ALA B 142 -10.80 27.36 9.60
C ALA B 142 -10.43 28.06 8.29
N LEU B 143 -11.10 27.67 7.21
CA LEU B 143 -10.80 28.29 5.93
C LEU B 143 -10.96 29.78 6.00
N CYS B 144 -12.11 30.26 6.46
CA CYS B 144 -12.29 31.68 6.40
C CYS B 144 -11.90 32.31 7.71
N LEU B 145 -10.70 31.98 8.12
CA LEU B 145 -10.07 32.50 9.29
C LEU B 145 -8.63 32.56 8.86
N SER B 146 -8.34 31.75 7.85
CA SER B 146 -7.01 31.63 7.24
C SER B 146 -6.65 32.83 6.40
N GLY B 147 -7.65 33.54 5.91
CA GLY B 147 -7.41 34.68 5.06
C GLY B 147 -7.23 34.29 3.61
N ALA B 148 -7.37 33.00 3.30
CA ALA B 148 -7.35 32.53 1.90
C ALA B 148 -8.52 33.13 1.11
N PRO B 149 -8.36 33.30 -0.21
CA PRO B 149 -9.50 33.86 -0.94
C PRO B 149 -10.65 32.85 -1.12
N PHE B 150 -11.45 32.69 -0.08
CA PHE B 150 -12.50 31.70 -0.05
C PHE B 150 -13.81 32.41 0.25
N MET B 151 -14.76 32.25 -0.66
CA MET B 151 -15.96 33.09 -0.69
C MET B 151 -17.02 32.70 0.32
N GLY B 152 -17.40 33.67 1.16
CA GLY B 152 -18.28 33.50 2.34
C GLY B 152 -17.92 32.25 3.12
N PRO B 153 -18.41 32.11 4.36
CA PRO B 153 -18.32 30.76 4.96
C PRO B 153 -19.44 29.88 4.44
N ILE B 154 -19.28 28.57 4.57
CA ILE B 154 -20.41 27.66 4.39
C ILE B 154 -20.90 27.15 5.73
N GLY B 155 -22.13 26.68 5.73
CA GLY B 155 -22.66 25.96 6.87
C GLY B 155 -23.07 24.61 6.35
N ALA B 156 -23.48 23.72 7.25
CA ALA B 156 -23.92 22.38 6.89
C ALA B 156 -24.95 21.92 7.91
N ALA B 157 -25.67 20.86 7.58
CA ALA B 157 -26.67 20.32 8.47
C ALA B 157 -27.09 18.96 7.98
N ARG B 158 -27.57 18.17 8.92
CA ARG B 158 -28.22 16.93 8.60
C ARG B 158 -29.67 17.10 8.95
N VAL B 159 -30.53 16.72 8.02
CA VAL B 159 -31.96 16.73 8.24
C VAL B 159 -32.48 15.29 8.33
N GLY B 160 -33.30 15.06 9.35
CA GLY B 160 -34.04 13.81 9.49
C GLY B 160 -35.52 14.08 9.30
N TRP B 161 -36.30 13.00 9.34
CA TRP B 161 -37.74 13.03 9.13
C TRP B 161 -38.38 12.07 10.06
N VAL B 162 -38.79 12.58 11.23
CA VAL B 162 -39.50 11.80 12.25
C VAL B 162 -40.82 12.47 12.60
N ASP B 163 -41.83 11.64 12.81
CA ASP B 163 -43.19 12.12 13.11
C ASP B 163 -43.61 13.10 12.04
N GLY B 164 -43.41 12.73 10.79
CA GLY B 164 -43.70 13.64 9.67
C GLY B 164 -43.26 15.07 9.95
N ALA B 165 -42.09 15.23 10.52
CA ALA B 165 -41.54 16.55 10.77
C ALA B 165 -40.04 16.53 10.50
N TYR B 166 -39.50 17.66 10.04
CA TYR B 166 -38.05 17.80 9.90
C TYR B 166 -37.40 17.86 11.27
N VAL B 167 -36.32 17.09 11.47
CA VAL B 167 -35.51 17.20 12.69
C VAL B 167 -34.09 17.58 12.25
N LEU B 168 -33.54 18.61 12.91
CA LEU B 168 -32.20 19.12 12.64
C LEU B 168 -31.11 18.39 13.44
N ASN B 169 -30.05 18.01 12.73
CA ASN B 169 -28.89 17.27 13.24
C ASN B 169 -29.27 16.16 14.20
N PRO B 170 -30.13 15.24 13.74
CA PRO B 170 -30.61 14.15 14.59
C PRO B 170 -29.46 13.39 15.18
N THR B 171 -29.58 13.03 16.44
CA THR B 171 -28.53 12.27 17.08
C THR B 171 -28.46 10.85 16.51
N LEU B 172 -27.39 10.12 16.79
CA LEU B 172 -27.30 8.76 16.28
C LEU B 172 -28.54 7.97 16.65
N ASP B 173 -29.04 8.19 17.87
CA ASP B 173 -30.26 7.54 18.33
C ASP B 173 -31.49 8.01 17.58
N GLU B 174 -31.63 9.32 17.40
CA GLU B 174 -32.77 9.85 16.64
C GLU B 174 -32.82 9.27 15.21
N MET B 175 -31.65 9.04 14.62
CA MET B 175 -31.61 8.53 13.26
C MET B 175 -32.20 7.12 13.13
N LYS B 176 -32.23 6.39 14.26
CA LYS B 176 -32.84 5.05 14.35
C LYS B 176 -34.35 5.03 14.06
N GLU B 177 -34.92 6.21 13.93
CA GLU B 177 -36.32 6.48 14.01
C GLU B 177 -36.70 7.18 12.74
N SER B 178 -35.69 7.74 12.05
CA SER B 178 -35.88 8.70 10.94
C SER B 178 -36.17 7.98 9.61
N LYS B 179 -36.89 8.64 8.69
CA LYS B 179 -37.13 8.06 7.38
C LYS B 179 -36.32 8.79 6.31
N MET B 180 -35.23 9.44 6.72
CA MET B 180 -34.44 10.24 5.81
C MET B 180 -33.15 10.69 6.48
N ASP B 181 -32.01 10.32 5.90
CA ASP B 181 -30.72 10.90 6.25
C ASP B 181 -30.26 11.79 5.12
N LEU B 182 -30.40 13.10 5.34
CA LEU B 182 -30.11 14.11 4.32
C LEU B 182 -28.99 15.01 4.83
N VAL B 183 -27.85 15.04 4.16
CA VAL B 183 -26.88 16.04 4.56
C VAL B 183 -26.79 17.13 3.52
N VAL B 184 -26.70 18.37 3.98
CA VAL B 184 -26.70 19.49 3.07
C VAL B 184 -25.67 20.52 3.49
N ALA B 185 -24.96 21.05 2.50
CA ALA B 185 -24.03 22.17 2.71
C ALA B 185 -24.24 23.25 1.69
N GLY B 186 -24.03 24.49 2.12
CA GLY B 186 -24.23 25.66 1.26
C GLY B 186 -23.79 26.94 1.94
N THR B 187 -23.92 28.05 1.23
CA THR B 187 -23.55 29.35 1.75
C THR B 187 -24.81 30.06 2.21
N ALA B 188 -24.68 31.34 2.55
CA ALA B 188 -25.84 32.14 2.93
C ALA B 188 -26.76 32.29 1.70
N ASP B 189 -26.12 32.54 0.55
CA ASP B 189 -26.83 32.75 -0.70
C ASP B 189 -27.29 31.45 -1.39
N ALA B 190 -26.41 30.46 -1.53
CA ALA B 190 -26.68 29.27 -2.34
C ALA B 190 -26.55 27.97 -1.57
N VAL B 191 -27.42 27.02 -1.87
CA VAL B 191 -27.26 25.67 -1.34
C VAL B 191 -26.32 24.94 -2.30
N MET B 192 -25.28 24.29 -1.80
CA MET B 192 -24.19 23.85 -2.67
C MET B 192 -23.98 22.35 -2.88
N MET B 193 -24.36 21.55 -1.89
CA MET B 193 -24.11 20.12 -1.92
C MET B 193 -25.23 19.39 -1.21
N VAL B 194 -25.68 18.29 -1.80
CA VAL B 194 -26.68 17.46 -1.19
C VAL B 194 -26.30 16.01 -1.39
N GLU B 195 -26.39 15.24 -0.32
CA GLU B 195 -26.12 13.83 -0.34
C GLU B 195 -27.17 13.21 0.55
N SER B 196 -27.88 12.19 0.07
CA SER B 196 -28.95 11.65 0.93
C SER B 196 -29.27 10.17 0.78
N GLU B 197 -29.87 9.63 1.84
CA GLU B 197 -30.53 8.34 1.77
C GLU B 197 -31.94 8.52 2.31
N ILE B 198 -32.94 8.07 1.56
CA ILE B 198 -34.33 8.44 1.77
C ILE B 198 -35.22 7.21 1.74
N GLN B 199 -36.16 7.11 2.66
CA GLN B 199 -37.15 6.03 2.67
C GLN B 199 -38.34 6.31 1.78
N GLU B 200 -38.16 6.26 0.45
CA GLU B 200 -39.30 6.36 -0.50
C GLU B 200 -40.22 7.58 -0.22
N LEU B 201 -39.62 8.75 -0.03
CA LEU B 201 -40.39 9.95 0.29
C LEU B 201 -40.59 10.82 -0.96
N SER B 202 -41.62 11.69 -0.92
CA SER B 202 -41.96 12.59 -2.03
C SER B 202 -40.95 13.69 -2.30
N GLU B 203 -40.89 14.13 -3.56
CA GLU B 203 -39.99 15.21 -3.96
C GLU B 203 -40.16 16.41 -3.08
N GLU B 204 -41.43 16.77 -2.80
CA GLU B 204 -41.79 17.89 -1.90
C GLU B 204 -41.12 17.72 -0.56
N ILE B 205 -41.25 16.53 0.04
CA ILE B 205 -40.66 16.23 1.34
C ILE B 205 -39.17 16.47 1.29
N VAL B 206 -38.51 15.84 0.32
CA VAL B 206 -37.06 15.94 0.19
C VAL B 206 -36.59 17.39 -0.03
N LEU B 207 -37.14 18.05 -1.02
CA LEU B 207 -36.79 19.44 -1.25
C LEU B 207 -37.14 20.35 -0.09
N GLY B 208 -38.16 19.96 0.66
CA GLY B 208 -38.51 20.70 1.85
C GLY B 208 -37.35 20.61 2.81
N GLY B 209 -36.80 19.42 2.96
CA GLY B 209 -35.69 19.24 3.88
C GLY B 209 -34.42 19.96 3.40
N VAL B 210 -34.28 20.13 2.08
CA VAL B 210 -33.17 20.91 1.54
C VAL B 210 -33.28 22.35 2.02
N ASN B 211 -34.46 22.97 1.88
CA ASN B 211 -34.61 24.33 2.34
C ASN B 211 -34.58 24.42 3.85
N PHE B 212 -35.11 23.42 4.52
CA PHE B 212 -35.08 23.39 5.97
C PHE B 212 -33.66 23.55 6.46
N ALA B 213 -32.76 22.74 5.89
CA ALA B 213 -31.35 22.78 6.26
C ALA B 213 -30.77 24.18 5.98
N HIS B 214 -31.10 24.69 4.80
CA HIS B 214 -30.53 25.93 4.34
C HIS B 214 -30.85 27.08 5.21
N GLN B 215 -32.03 27.08 5.82
CA GLN B 215 -32.37 28.08 6.82
C GLN B 215 -31.63 27.77 8.11
N GLN B 216 -31.77 26.55 8.59
CA GLN B 216 -31.23 26.18 9.90
C GLN B 216 -29.75 26.54 10.06
N MET B 217 -28.97 26.33 8.99
CA MET B 217 -27.53 26.45 9.04
C MET B 217 -27.01 27.89 9.08
N GLN B 218 -27.88 28.85 8.73
CA GLN B 218 -27.53 30.26 8.73
C GLN B 218 -26.98 30.69 10.09
N ALA B 219 -27.56 30.14 11.15
CA ALA B 219 -27.13 30.39 12.52
C ALA B 219 -25.62 30.22 12.66
N VAL B 220 -25.11 29.15 12.02
CA VAL B 220 -23.74 28.73 12.09
C VAL B 220 -22.89 29.60 11.20
N ILE B 221 -23.39 29.92 10.01
CA ILE B 221 -22.68 30.81 9.11
C ILE B 221 -22.43 32.17 9.80
N ASP B 222 -23.51 32.76 10.37
CA ASP B 222 -23.35 33.97 11.18
C ASP B 222 -22.28 33.81 12.27
N ALA B 223 -22.38 32.75 13.07
CA ALA B 223 -21.36 32.45 14.08
C ALA B 223 -19.90 32.46 13.57
N ILE B 224 -19.72 31.87 12.39
CA ILE B 224 -18.41 31.88 11.76
C ILE B 224 -17.98 33.30 11.39
N ILE B 225 -18.85 34.02 10.67
CA ILE B 225 -18.57 35.40 10.29
C ILE B 225 -18.23 36.26 11.51
N ASP B 226 -18.86 35.95 12.63
CA ASP B 226 -18.55 36.64 13.87
C ASP B 226 -17.15 36.35 14.36
N LEU B 227 -16.75 35.07 14.39
CA LEU B 227 -15.42 34.74 14.88
C LEU B 227 -14.36 35.27 13.93
N ALA B 228 -14.69 35.29 12.65
CA ALA B 228 -13.73 35.79 11.65
C ALA B 228 -13.38 37.28 11.85
N GLU B 229 -14.38 38.03 12.29
CA GLU B 229 -14.24 39.46 12.51
C GLU B 229 -13.43 39.77 13.76
N HIS B 230 -13.29 38.82 14.68
CA HIS B 230 -12.47 39.05 15.88
C HIS B 230 -11.10 38.47 15.75
N ALA B 231 -10.89 37.64 14.73
CA ALA B 231 -9.78 36.71 14.77
C ALA B 231 -9.21 36.26 13.43
N ALA B 232 -9.91 36.50 12.32
CA ALA B 232 -9.37 36.05 11.04
C ALA B 232 -8.13 36.84 10.70
N LYS B 233 -7.35 36.32 9.76
CA LYS B 233 -6.11 36.94 9.38
C LYS B 233 -6.35 38.03 8.35
N GLU B 234 -5.28 38.76 8.06
CA GLU B 234 -5.32 39.73 6.98
C GLU B 234 -5.55 38.98 5.63
N PRO B 235 -6.58 39.37 4.85
CA PRO B 235 -6.83 38.66 3.61
C PRO B 235 -5.59 38.54 2.77
N PHE B 236 -5.40 37.38 2.17
CA PHE B 236 -4.28 37.17 1.25
C PHE B 236 -4.60 37.91 -0.03
N ALA B 237 -3.79 38.91 -0.37
CA ALA B 237 -4.13 39.77 -1.52
C ALA B 237 -4.05 39.01 -2.85
N PHE B 238 -5.21 38.82 -3.44
CA PHE B 238 -5.36 38.15 -4.72
C PHE B 238 -6.75 38.46 -5.20
N GLU B 239 -6.90 39.35 -6.17
CA GLU B 239 -8.21 39.54 -6.75
C GLU B 239 -8.15 39.01 -8.17
N PRO B 240 -9.26 38.38 -8.65
CA PRO B 240 -9.31 37.70 -9.95
C PRO B 240 -8.94 38.61 -11.11
N GLU B 241 -9.18 38.14 -12.32
CA GLU B 241 -8.75 38.83 -13.50
C GLU B 241 -9.92 38.93 -14.45
N ASP B 242 -10.33 40.17 -14.76
CA ASP B 242 -11.37 40.36 -15.75
C ASP B 242 -10.91 39.75 -17.05
N THR B 243 -11.48 38.60 -17.34
CA THR B 243 -11.07 37.81 -18.49
C THR B 243 -11.99 38.09 -19.66
N ASP B 244 -13.17 38.64 -19.35
CA ASP B 244 -14.18 39.10 -20.32
C ASP B 244 -13.54 39.86 -21.48
N ALA B 245 -12.51 40.65 -21.16
CA ALA B 245 -11.73 41.41 -22.13
C ALA B 245 -11.19 40.53 -23.27
N ILE B 246 -10.17 39.75 -22.93
CA ILE B 246 -9.49 38.82 -23.85
C ILE B 246 -10.44 37.73 -24.38
N LYS B 247 -11.42 37.33 -23.57
CA LYS B 247 -12.34 36.23 -23.91
C LYS B 247 -13.21 36.58 -25.12
N ALA B 248 -13.75 37.80 -25.15
CA ALA B 248 -14.56 38.28 -26.29
C ALA B 248 -13.75 38.34 -27.60
N LYS B 249 -12.51 38.82 -27.48
CA LYS B 249 -11.56 38.84 -28.59
C LYS B 249 -11.13 37.43 -29.02
N MET B 250 -11.58 36.38 -28.34
CA MET B 250 -11.34 35.00 -28.79
C MET B 250 -12.57 34.51 -29.56
N LYS B 251 -13.75 34.86 -29.04
CA LYS B 251 -15.05 34.65 -29.69
C LYS B 251 -15.02 35.26 -31.10
N ASP B 252 -14.41 36.44 -31.22
CA ASP B 252 -14.14 37.09 -32.51
C ASP B 252 -13.33 36.30 -33.56
N LEU B 253 -12.81 35.14 -33.17
CA LEU B 253 -12.14 34.26 -34.12
C LEU B 253 -12.86 32.92 -34.15
N VAL B 254 -12.58 32.07 -33.16
CA VAL B 254 -13.04 30.68 -33.09
C VAL B 254 -14.52 30.47 -32.65
N GLY B 255 -15.26 31.58 -32.54
CA GLY B 255 -16.73 31.55 -32.37
C GLY B 255 -17.36 30.43 -33.19
N ALA B 256 -17.60 30.72 -34.46
CA ALA B 256 -18.05 29.70 -35.41
C ALA B 256 -17.04 28.56 -35.50
N ASP B 257 -15.75 28.88 -35.56
CA ASP B 257 -14.70 27.85 -35.75
C ASP B 257 -14.83 26.64 -34.81
N ILE B 258 -15.36 26.86 -33.60
CA ILE B 258 -15.72 25.77 -32.68
C ILE B 258 -17.15 25.31 -32.94
N ALA B 259 -18.11 26.19 -32.63
CA ALA B 259 -19.53 25.92 -32.85
C ALA B 259 -19.64 25.05 -34.08
N ALA B 260 -19.87 25.74 -35.20
CA ALA B 260 -19.79 25.26 -36.59
C ALA B 260 -19.52 23.77 -36.77
N ALA B 261 -18.65 23.22 -35.91
CA ALA B 261 -18.41 21.78 -35.95
C ALA B 261 -17.69 21.33 -34.69
N TYR B 262 -18.40 20.64 -33.80
CA TYR B 262 -17.73 19.86 -32.77
C TYR B 262 -16.91 18.81 -33.50
N LYS B 263 -17.55 17.73 -33.93
CA LYS B 263 -18.96 17.38 -33.73
C LYS B 263 -19.27 16.32 -34.78
N ILE B 264 -18.23 15.55 -35.17
CA ILE B 264 -18.29 14.59 -36.29
C ILE B 264 -19.60 13.77 -36.26
N GLN B 265 -20.00 13.25 -35.08
CA GLN B 265 -19.12 13.07 -33.91
C GLN B 265 -18.31 11.84 -34.23
N LYS B 266 -17.65 11.25 -33.26
CA LYS B 266 -16.86 10.05 -33.50
C LYS B 266 -15.62 10.42 -34.35
N LYS B 267 -14.51 9.75 -34.05
CA LYS B 267 -14.46 8.75 -32.97
C LYS B 267 -14.21 9.48 -31.65
N GLN B 268 -15.24 10.17 -31.17
CA GLN B 268 -15.10 11.26 -30.19
C GLN B 268 -14.00 12.26 -30.60
N ASP B 269 -13.83 12.49 -31.91
CA ASP B 269 -12.72 13.35 -32.41
C ASP B 269 -13.04 14.46 -33.44
N ARG B 270 -14.03 15.32 -33.20
CA ARG B 270 -14.44 15.82 -31.88
C ARG B 270 -13.14 16.31 -31.23
N TYR B 271 -12.50 15.48 -30.42
CA TYR B 271 -11.19 15.81 -29.87
C TYR B 271 -10.26 16.39 -30.95
N GLU B 272 -10.24 15.74 -32.12
CA GLU B 272 -9.40 16.21 -33.24
C GLU B 272 -9.71 17.68 -33.56
N ALA B 273 -10.88 17.94 -34.17
CA ALA B 273 -11.26 19.33 -34.46
C ALA B 273 -11.08 20.27 -33.26
N VAL B 274 -11.31 19.74 -32.04
CA VAL B 274 -11.19 20.52 -30.79
C VAL B 274 -9.78 21.06 -30.59
N GLY B 275 -8.80 20.17 -30.39
CA GLY B 275 -7.40 20.58 -30.28
C GLY B 275 -7.00 21.54 -31.39
N ALA B 276 -7.59 21.36 -32.58
CA ALA B 276 -7.29 22.20 -33.74
C ALA B 276 -7.53 23.64 -33.36
N ALA B 277 -8.81 23.96 -33.19
CA ALA B 277 -9.26 25.26 -32.66
C ALA B 277 -8.45 25.78 -31.48
N LYS B 278 -8.18 24.92 -30.50
CA LYS B 278 -7.37 25.33 -29.33
C LYS B 278 -6.04 25.93 -29.77
N LYS B 279 -5.15 25.09 -30.33
CA LYS B 279 -3.88 25.53 -30.94
C LYS B 279 -4.05 26.80 -31.80
N LYS B 280 -5.10 26.88 -32.61
CA LYS B 280 -5.31 28.04 -33.51
C LYS B 280 -5.25 29.36 -32.75
N ALA B 281 -6.16 29.54 -31.80
CA ALA B 281 -6.16 30.73 -30.95
C ALA B 281 -4.87 30.89 -30.16
N ILE B 282 -4.27 29.76 -29.75
CA ILE B 282 -3.06 29.77 -28.93
C ILE B 282 -2.02 30.70 -29.59
N ALA B 283 -1.52 30.29 -30.76
CA ALA B 283 -0.64 31.11 -31.57
C ALA B 283 -1.49 32.07 -32.37
N ALA B 284 -1.02 33.30 -32.50
CA ALA B 284 -1.82 34.38 -33.11
C ALA B 284 -2.85 34.99 -32.15
N LEU B 285 -3.15 34.30 -31.04
CA LEU B 285 -3.90 34.92 -29.95
C LEU B 285 -3.02 35.96 -29.23
N GLY B 286 -2.08 35.50 -28.43
CA GLY B 286 -1.09 36.38 -27.81
C GLY B 286 -0.04 35.62 -27.04
N LEU B 287 1.24 36.01 -27.18
CA LEU B 287 2.32 35.28 -26.52
C LEU B 287 3.71 35.96 -26.45
N SER B 288 4.72 35.33 -27.03
CA SER B 288 6.11 35.70 -26.80
C SER B 288 6.88 35.98 -28.11
N ASP B 289 7.96 36.73 -27.97
CA ASP B 289 8.67 37.30 -29.11
C ASP B 289 7.76 37.50 -30.34
N GLU B 290 6.81 38.45 -30.28
CA GLU B 290 6.65 39.49 -29.20
C GLU B 290 5.49 40.54 -29.29
N ASN B 291 5.16 41.13 -30.45
CA ASN B 291 5.69 40.83 -31.81
C ASN B 291 5.17 39.54 -32.45
N PRO B 292 3.82 39.41 -32.56
CA PRO B 292 2.84 40.33 -31.93
C PRO B 292 2.35 39.83 -30.55
N THR B 293 2.52 40.64 -29.51
CA THR B 293 2.04 40.34 -28.14
C THR B 293 2.62 38.98 -27.63
N GLY B 294 2.28 38.53 -26.43
CA GLY B 294 1.39 39.19 -25.48
C GLY B 294 0.30 38.25 -24.99
N TYR B 295 -0.18 38.47 -23.77
CA TYR B 295 -1.18 37.58 -23.16
C TYR B 295 -0.66 36.16 -22.94
N ASP B 296 -0.45 35.79 -21.69
CA ASP B 296 0.20 34.53 -21.30
C ASP B 296 -0.22 33.32 -22.14
N PRO B 297 0.75 32.52 -22.58
CA PRO B 297 0.50 31.31 -23.37
C PRO B 297 -0.22 30.20 -22.62
N LEU B 298 0.03 30.08 -21.31
CA LEU B 298 -0.63 29.09 -20.45
C LEU B 298 -2.04 29.53 -20.07
N LYS B 299 -2.14 30.76 -19.59
CA LYS B 299 -3.42 31.37 -19.20
C LYS B 299 -4.50 31.44 -20.31
N LEU B 300 -4.10 31.33 -21.58
CA LEU B 300 -5.04 31.26 -22.70
C LEU B 300 -5.77 29.93 -22.72
N GLY B 301 -5.06 28.86 -22.32
CA GLY B 301 -5.64 27.52 -22.24
C GLY B 301 -6.95 27.50 -21.49
N ALA B 302 -6.93 28.08 -20.30
CA ALA B 302 -8.11 28.15 -19.43
C ALA B 302 -9.22 29.02 -20.04
N ILE B 303 -8.83 30.16 -20.62
CA ILE B 303 -9.81 31.05 -21.24
C ILE B 303 -10.49 30.35 -22.41
N PHE B 304 -9.78 29.43 -23.03
CA PHE B 304 -10.33 28.66 -24.13
C PHE B 304 -11.46 27.75 -23.65
N LYS B 305 -11.14 26.88 -22.68
CA LYS B 305 -12.13 25.93 -22.14
C LYS B 305 -13.38 26.64 -21.67
N GLU B 306 -13.23 27.78 -21.00
CA GLU B 306 -14.35 28.63 -20.63
C GLU B 306 -15.18 29.02 -21.85
N LEU B 307 -14.51 29.39 -22.93
CA LEU B 307 -15.23 29.77 -24.14
C LEU B 307 -15.92 28.58 -24.77
N GLU B 308 -15.24 27.45 -24.84
CA GLU B 308 -15.89 26.22 -25.34
C GLU B 308 -17.19 26.00 -24.56
N ALA B 309 -17.03 25.72 -23.27
CA ALA B 309 -18.13 25.68 -22.31
C ALA B 309 -19.27 26.63 -22.69
N ASP B 310 -18.96 27.93 -22.74
CA ASP B 310 -19.92 28.96 -23.11
C ASP B 310 -20.58 28.58 -24.41
N VAL B 311 -19.81 28.63 -25.49
CA VAL B 311 -20.34 28.34 -26.83
C VAL B 311 -21.45 27.26 -26.78
N VAL B 312 -21.16 26.09 -26.17
CA VAL B 312 -22.14 24.99 -26.12
C VAL B 312 -23.45 25.49 -25.52
N ARG B 313 -23.41 25.80 -24.23
CA ARG B 313 -24.54 26.24 -23.42
C ARG B 313 -25.57 27.02 -24.23
N ARG B 314 -25.06 28.06 -24.89
CA ARG B 314 -25.85 28.94 -25.73
C ARG B 314 -26.49 28.15 -26.85
N GLY B 315 -25.73 27.25 -27.46
CA GLY B 315 -26.26 26.34 -28.48
C GLY B 315 -27.46 25.55 -28.00
N ILE B 316 -27.44 25.15 -26.74
CA ILE B 316 -28.53 24.35 -26.16
C ILE B 316 -29.69 25.24 -25.71
N LEU B 317 -29.35 26.39 -25.13
CA LEU B 317 -30.32 27.40 -24.73
C LEU B 317 -31.17 27.91 -25.90
N ASP B 318 -30.52 28.16 -27.04
CA ASP B 318 -31.19 28.68 -28.23
C ASP B 318 -31.42 27.54 -29.21
N THR B 319 -32.60 26.91 -29.15
CA THR B 319 -32.82 25.61 -29.85
C THR B 319 -31.59 24.76 -29.60
N GLY B 320 -31.60 23.94 -28.56
CA GLY B 320 -32.81 23.37 -27.97
C GLY B 320 -32.41 21.91 -28.07
N LEU B 321 -31.32 21.71 -28.84
CA LEU B 321 -30.74 20.42 -29.20
C LEU B 321 -29.30 20.36 -28.69
N ARG B 322 -28.87 19.15 -28.30
CA ARG B 322 -27.56 18.97 -27.68
C ARG B 322 -26.54 18.32 -28.61
N ILE B 323 -25.28 18.35 -28.20
CA ILE B 323 -24.19 17.78 -28.99
C ILE B 323 -24.54 16.48 -29.73
N ASP B 324 -25.06 15.46 -29.05
CA ASP B 324 -25.69 14.33 -29.79
C ASP B 324 -26.91 14.95 -30.40
N GLY B 325 -27.67 14.26 -31.23
CA GLY B 325 -28.76 14.94 -31.91
C GLY B 325 -30.03 15.18 -31.09
N ARG B 326 -29.96 15.05 -29.79
CA ARG B 326 -31.17 14.91 -28.99
C ARG B 326 -31.58 16.10 -28.14
N ASP B 327 -32.86 16.02 -27.79
CA ASP B 327 -33.61 16.98 -27.03
C ASP B 327 -33.12 17.10 -25.58
N VAL B 328 -33.51 18.15 -24.87
CA VAL B 328 -33.20 18.26 -23.44
C VAL B 328 -33.86 17.16 -22.60
N LYS B 329 -35.07 16.76 -23.03
CA LYS B 329 -35.92 15.83 -22.27
C LYS B 329 -35.62 14.37 -22.63
N THR B 330 -34.92 14.16 -23.74
CA THR B 330 -34.69 12.83 -24.28
C THR B 330 -33.63 11.98 -23.55
N VAL B 331 -34.09 10.87 -22.99
CA VAL B 331 -33.24 9.84 -22.42
C VAL B 331 -32.74 8.96 -23.58
N ARG B 332 -31.52 8.47 -23.48
CA ARG B 332 -30.91 7.63 -24.53
C ARG B 332 -31.53 6.24 -24.53
N PRO B 333 -31.43 5.52 -25.67
CA PRO B 333 -32.04 4.17 -25.73
C PRO B 333 -31.51 3.23 -24.62
N ILE B 334 -32.37 2.37 -24.12
CA ILE B 334 -32.02 1.63 -22.90
C ILE B 334 -32.32 0.15 -23.06
N LEU B 335 -31.40 -0.70 -22.61
CA LEU B 335 -31.68 -2.11 -22.62
C LEU B 335 -31.11 -2.82 -21.39
N GLY B 336 -31.99 -3.33 -20.54
CA GLY B 336 -31.65 -4.20 -19.43
C GLY B 336 -31.69 -5.66 -19.82
N GLU B 337 -30.87 -6.49 -19.22
CA GLU B 337 -30.80 -7.89 -19.59
C GLU B 337 -30.33 -8.71 -18.40
N VAL B 338 -31.18 -9.62 -17.95
CA VAL B 338 -30.91 -10.35 -16.68
C VAL B 338 -30.48 -11.79 -16.85
N GLY B 339 -29.85 -12.34 -15.83
CA GLY B 339 -29.30 -13.68 -15.93
C GLY B 339 -28.22 -13.88 -17.00
N ILE B 340 -27.35 -12.89 -17.18
CA ILE B 340 -26.28 -13.00 -18.19
C ILE B 340 -25.11 -13.89 -17.75
N LEU B 341 -24.99 -14.09 -16.45
CA LEU B 341 -23.96 -15.00 -15.94
C LEU B 341 -24.66 -16.04 -15.09
N PRO B 342 -25.33 -16.99 -15.74
CA PRO B 342 -26.34 -17.89 -15.17
C PRO B 342 -25.93 -18.59 -13.88
N ARG B 343 -24.65 -18.83 -13.64
CA ARG B 343 -24.21 -19.51 -12.42
C ARG B 343 -23.95 -18.54 -11.28
N THR B 344 -23.89 -17.25 -11.59
CA THR B 344 -23.71 -16.25 -10.54
C THR B 344 -25.05 -16.14 -9.85
N HIS B 345 -25.08 -15.76 -8.58
CA HIS B 345 -26.36 -15.74 -7.87
C HIS B 345 -27.40 -14.87 -8.49
N GLY B 346 -26.97 -13.76 -9.09
CA GLY B 346 -27.84 -12.89 -9.87
C GLY B 346 -26.99 -11.98 -10.74
N SER B 347 -27.43 -11.72 -11.97
CA SER B 347 -26.63 -10.87 -12.82
C SER B 347 -27.45 -10.03 -13.78
N ALA B 348 -26.93 -8.85 -14.13
CA ALA B 348 -27.61 -7.97 -15.04
C ALA B 348 -26.63 -7.30 -15.97
N LEU B 349 -27.08 -6.96 -17.17
CA LEU B 349 -26.34 -6.00 -17.97
C LEU B 349 -27.28 -4.82 -18.16
N PHE B 350 -26.88 -3.64 -17.71
CA PHE B 350 -27.69 -2.49 -17.98
C PHE B 350 -26.92 -1.56 -18.92
N THR B 351 -27.53 -1.24 -20.06
CA THR B 351 -26.93 -0.33 -21.03
C THR B 351 -27.87 0.79 -21.36
N ARG B 352 -27.35 2.02 -21.29
CA ARG B 352 -28.10 3.23 -21.64
C ARG B 352 -27.20 4.15 -22.45
N GLY B 353 -27.46 4.25 -23.75
CA GLY B 353 -26.60 5.03 -24.62
C GLY B 353 -25.21 4.43 -24.58
N GLU B 354 -24.23 5.19 -24.13
CA GLU B 354 -22.86 4.70 -24.15
C GLU B 354 -22.33 4.54 -22.72
N THR B 355 -23.25 4.33 -21.80
CA THR B 355 -22.90 3.97 -20.46
C THR B 355 -23.46 2.57 -20.22
N GLN B 356 -22.63 1.67 -19.67
CA GLN B 356 -22.98 0.27 -19.51
C GLN B 356 -22.39 -0.24 -18.18
N ALA B 357 -23.15 -1.08 -17.48
CA ALA B 357 -22.67 -1.71 -16.24
C ALA B 357 -23.00 -3.18 -16.20
N ILE B 358 -22.01 -4.04 -15.93
CA ILE B 358 -22.29 -5.44 -15.57
C ILE B 358 -22.43 -5.45 -14.06
N VAL B 359 -23.52 -5.96 -13.55
CA VAL B 359 -23.68 -5.96 -12.09
C VAL B 359 -24.00 -7.36 -11.61
N VAL B 360 -23.28 -7.84 -10.60
CA VAL B 360 -23.52 -9.18 -10.13
C VAL B 360 -23.78 -9.26 -8.62
N ALA B 361 -24.95 -9.77 -8.27
CA ALA B 361 -25.31 -10.04 -6.87
C ALA B 361 -24.73 -11.35 -6.39
N THR B 362 -24.23 -11.37 -5.15
CA THR B 362 -23.81 -12.59 -4.51
C THR B 362 -24.38 -12.63 -3.11
N LEU B 363 -25.03 -13.77 -2.79
CA LEU B 363 -25.68 -14.03 -1.50
C LEU B 363 -24.75 -14.73 -0.56
N GLY B 364 -24.69 -14.26 0.69
CA GLY B 364 -23.81 -14.84 1.71
C GLY B 364 -24.51 -15.18 3.01
N THR B 365 -23.76 -15.67 3.98
CA THR B 365 -24.31 -15.93 5.31
C THR B 365 -23.62 -14.98 6.26
N GLY B 366 -23.72 -15.23 7.56
CA GLY B 366 -23.15 -14.38 8.58
C GLY B 366 -21.65 -14.22 8.50
N ASP B 367 -20.96 -15.29 8.10
CA ASP B 367 -19.50 -15.29 7.99
C ASP B 367 -18.98 -14.38 6.88
N ASP B 368 -19.90 -13.82 6.08
CA ASP B 368 -19.58 -13.00 4.92
C ASP B 368 -19.80 -11.54 5.16
N GLU B 369 -20.46 -11.21 6.29
CA GLU B 369 -20.82 -9.78 6.50
C GLU B 369 -19.58 -9.02 6.98
N GLN B 370 -19.63 -7.69 6.86
CA GLN B 370 -18.44 -6.90 7.06
C GLN B 370 -18.32 -6.25 8.41
N PHE B 371 -17.20 -6.44 9.07
CA PHE B 371 -16.92 -5.73 10.31
C PHE B 371 -16.56 -4.29 9.96
N ILE B 372 -17.24 -3.35 10.61
CA ILE B 372 -16.89 -1.94 10.51
C ILE B 372 -16.61 -1.37 11.89
N ASP B 373 -15.34 -1.06 12.15
CA ASP B 373 -14.88 -0.46 13.38
C ASP B 373 -15.24 1.02 13.43
N ALA B 374 -16.52 1.35 13.53
CA ALA B 374 -16.96 2.74 13.67
C ALA B 374 -16.49 3.34 14.97
N LEU B 375 -16.25 4.65 14.95
CA LEU B 375 -15.94 5.37 16.16
C LEU B 375 -17.06 5.17 17.18
N GLU B 376 -18.29 5.26 16.66
CA GLU B 376 -19.50 5.19 17.49
C GLU B 376 -19.86 3.78 17.98
N GLY B 377 -18.89 2.88 17.88
CA GLY B 377 -19.05 1.47 18.19
C GLY B 377 -19.10 0.59 16.96
N THR B 378 -18.50 -0.56 17.08
CA THR B 378 -18.36 -1.44 15.95
C THR B 378 -19.69 -2.08 15.51
N TYR B 379 -19.98 -2.03 14.21
CA TYR B 379 -21.15 -2.74 13.65
C TYR B 379 -20.81 -3.79 12.57
N LYS B 380 -21.83 -4.56 12.17
CA LYS B 380 -21.69 -5.61 11.15
C LYS B 380 -22.56 -5.30 9.95
N GLU B 381 -21.92 -4.99 8.82
CA GLU B 381 -22.63 -4.58 7.60
C GLU B 381 -22.92 -5.78 6.72
N SER B 382 -24.18 -5.96 6.36
CA SER B 382 -24.55 -7.13 5.56
C SER B 382 -24.98 -6.83 4.12
N PHE B 383 -24.83 -5.57 3.71
CA PHE B 383 -25.17 -5.18 2.35
C PHE B 383 -23.95 -4.47 1.82
N LEU B 384 -23.22 -5.11 0.91
CA LEU B 384 -22.01 -4.53 0.40
C LEU B 384 -22.16 -4.27 -1.07
N LEU B 385 -21.76 -3.08 -1.51
CA LEU B 385 -21.81 -2.72 -2.92
C LEU B 385 -20.48 -2.11 -3.34
N HIS B 386 -19.81 -2.73 -4.30
CA HIS B 386 -18.53 -2.28 -4.80
C HIS B 386 -18.58 -1.85 -6.24
N TYR B 387 -18.03 -0.67 -6.51
CA TYR B 387 -18.17 -0.02 -7.82
C TYR B 387 -16.83 0.07 -8.52
N ASN B 388 -16.73 -0.38 -9.75
CA ASN B 388 -15.42 -0.44 -10.39
C ASN B 388 -15.42 0.34 -11.68
N PHE B 389 -14.43 1.23 -11.83
CA PHE B 389 -14.42 2.08 -13.00
C PHE B 389 -13.11 1.92 -13.75
N PRO B 390 -13.02 0.89 -14.59
CA PRO B 390 -11.77 0.61 -15.27
C PRO B 390 -11.59 1.49 -16.51
N PRO B 391 -10.35 1.85 -16.84
CA PRO B 391 -10.14 2.87 -17.89
C PRO B 391 -10.65 2.46 -19.27
N TYR B 392 -10.82 1.16 -19.52
CA TYR B 392 -11.33 0.78 -20.85
C TYR B 392 -12.77 1.24 -21.07
N SER B 393 -13.47 1.56 -20.00
CA SER B 393 -14.86 1.98 -20.11
C SER B 393 -14.95 3.27 -20.90
N VAL B 394 -13.90 4.08 -20.87
CA VAL B 394 -13.90 5.34 -21.62
C VAL B 394 -12.88 5.32 -22.77
N GLY B 395 -12.51 4.11 -23.18
CA GLY B 395 -11.56 3.89 -24.25
C GLY B 395 -10.14 4.36 -24.01
N GLU B 396 -9.78 4.53 -22.74
CA GLU B 396 -8.40 4.85 -22.31
C GLU B 396 -7.68 3.68 -21.62
N THR B 397 -6.36 3.84 -21.47
CA THR B 397 -5.53 2.95 -20.66
C THR B 397 -5.31 3.61 -19.31
N GLY B 398 -4.95 2.85 -18.29
CA GLY B 398 -4.61 3.48 -17.02
C GLY B 398 -4.38 2.51 -15.90
N ARG B 399 -3.73 2.99 -14.84
CA ARG B 399 -3.35 2.15 -13.70
C ARG B 399 -4.57 1.46 -13.14
N MET B 400 -4.46 0.16 -12.95
CA MET B 400 -5.56 -0.63 -12.40
C MET B 400 -5.25 -0.81 -10.93
N GLY B 401 -6.26 -1.14 -10.13
CA GLY B 401 -6.01 -1.67 -8.77
C GLY B 401 -6.28 -0.77 -7.57
N SER B 402 -7.23 -1.19 -6.74
CA SER B 402 -7.65 -0.53 -5.48
C SER B 402 -8.42 0.75 -5.79
N PRO B 403 -9.69 0.77 -5.38
CA PRO B 403 -10.61 1.87 -5.58
C PRO B 403 -10.01 3.21 -5.20
N GLY B 404 -10.21 4.24 -6.00
CA GLY B 404 -9.96 5.63 -5.56
C GLY B 404 -11.19 6.24 -4.93
N ARG B 405 -11.10 7.51 -4.51
CA ARG B 405 -12.21 8.18 -3.82
C ARG B 405 -13.51 8.18 -4.64
N ARG B 406 -13.36 8.46 -5.94
CA ARG B 406 -14.51 8.61 -6.79
C ARG B 406 -15.35 7.33 -6.83
N GLU B 407 -14.66 6.19 -6.83
CA GLU B 407 -15.29 4.88 -6.90
C GLU B 407 -15.93 4.51 -5.59
N ILE B 408 -15.34 5.00 -4.51
CA ILE B 408 -15.89 4.75 -3.21
C ILE B 408 -17.15 5.57 -3.08
N GLY B 409 -17.08 6.81 -3.53
CA GLY B 409 -18.27 7.68 -3.59
C GLY B 409 -19.38 7.10 -4.43
N HIS B 410 -19.11 6.83 -5.71
CA HIS B 410 -20.17 6.33 -6.57
C HIS B 410 -20.78 5.07 -6.05
N GLY B 411 -19.95 4.09 -5.72
CA GLY B 411 -20.43 2.95 -4.95
C GLY B 411 -21.40 3.38 -3.86
N LYS B 412 -20.97 4.31 -2.99
CA LYS B 412 -21.79 4.72 -1.84
C LYS B 412 -23.12 5.29 -2.30
N LEU B 413 -23.09 6.09 -3.34
CA LEU B 413 -24.32 6.69 -3.89
C LEU B 413 -25.37 5.63 -4.24
N ALA B 414 -24.96 4.73 -5.14
CA ALA B 414 -25.74 3.57 -5.53
C ALA B 414 -26.16 2.79 -4.28
N TRP B 415 -25.30 2.73 -3.29
CA TRP B 415 -25.66 2.00 -2.10
C TRP B 415 -26.82 2.66 -1.44
N ARG B 416 -26.73 3.97 -1.22
CA ARG B 416 -27.82 4.69 -0.56
C ARG B 416 -29.12 4.51 -1.36
N ALA B 417 -28.99 4.49 -2.69
CA ALA B 417 -30.14 4.38 -3.55
C ALA B 417 -30.89 3.06 -3.32
N LEU B 418 -30.13 1.99 -3.13
CA LEU B 418 -30.75 0.70 -3.13
C LEU B 418 -31.16 0.26 -1.75
N ARG B 419 -30.38 0.62 -0.74
CA ARG B 419 -30.58 0.03 0.58
C ARG B 419 -32.02 0.04 1.06
N PRO B 420 -32.69 1.20 0.98
CA PRO B 420 -34.01 1.34 1.60
C PRO B 420 -35.04 0.38 1.02
N MET B 421 -34.73 -0.26 -0.11
CA MET B 421 -35.68 -1.20 -0.70
C MET B 421 -35.38 -2.64 -0.36
N LEU B 422 -34.24 -2.90 0.27
CA LEU B 422 -33.91 -4.24 0.74
C LEU B 422 -34.95 -4.82 1.70
N PRO B 423 -35.15 -6.15 1.66
CA PRO B 423 -36.05 -6.79 2.62
C PRO B 423 -35.41 -6.83 3.98
N THR B 424 -36.22 -6.98 5.02
CA THR B 424 -35.71 -6.99 6.39
C THR B 424 -35.04 -8.33 6.67
N LYS B 425 -34.13 -8.36 7.65
CA LYS B 425 -33.43 -9.59 8.02
C LYS B 425 -34.41 -10.74 8.03
N GLU B 426 -35.41 -10.64 8.91
CA GLU B 426 -36.43 -11.68 9.09
C GLU B 426 -36.88 -12.32 7.79
N ASP B 427 -37.22 -11.49 6.81
CA ASP B 427 -37.75 -11.97 5.55
C ASP B 427 -36.71 -12.60 4.66
N PHE B 428 -35.47 -12.14 4.80
CA PHE B 428 -34.39 -12.56 3.89
C PHE B 428 -33.04 -12.49 4.60
N PRO B 429 -32.66 -13.54 5.35
CA PRO B 429 -31.47 -13.56 6.23
C PRO B 429 -30.14 -13.84 5.53
N TYR B 430 -29.89 -13.15 4.42
CA TYR B 430 -28.67 -13.28 3.63
C TYR B 430 -27.88 -12.00 3.70
N THR B 431 -26.57 -12.05 3.50
CA THR B 431 -25.89 -10.79 3.25
C THR B 431 -25.84 -10.70 1.75
N ILE B 432 -25.84 -9.51 1.20
CA ILE B 432 -25.83 -9.32 -0.25
C ILE B 432 -24.60 -8.50 -0.64
N ARG B 433 -23.77 -9.02 -1.54
CA ARG B 433 -22.74 -8.18 -2.14
C ARG B 433 -22.91 -8.00 -3.62
N LEU B 434 -23.13 -6.75 -4.00
CA LEU B 434 -23.25 -6.35 -5.39
C LEU B 434 -21.90 -5.87 -5.84
N VAL B 435 -21.43 -6.36 -6.98
CA VAL B 435 -20.34 -5.64 -7.63
C VAL B 435 -20.70 -5.13 -9.00
N SER B 436 -20.45 -3.85 -9.20
CA SER B 436 -20.79 -3.20 -10.46
C SER B 436 -19.54 -2.91 -11.24
N GLU B 437 -19.47 -3.48 -12.42
CA GLU B 437 -18.35 -3.27 -13.32
C GLU B 437 -18.74 -2.35 -14.45
N ILE B 438 -18.26 -1.12 -14.38
CA ILE B 438 -18.60 -0.13 -15.43
C ILE B 438 -17.78 -0.42 -16.69
N THR B 439 -18.44 -0.94 -17.72
CA THR B 439 -17.72 -1.40 -18.92
C THR B 439 -17.74 -0.37 -20.06
N GLU B 440 -18.62 0.63 -19.97
CA GLU B 440 -18.66 1.74 -20.90
C GLU B 440 -19.16 2.92 -20.11
N SER B 441 -18.65 4.11 -20.39
CA SER B 441 -19.13 5.28 -19.69
C SER B 441 -19.22 6.56 -20.53
N ASN B 442 -20.42 7.14 -20.50
CA ASN B 442 -20.67 8.44 -21.04
C ASN B 442 -21.81 9.14 -20.31
N GLY B 443 -21.65 9.33 -19.01
CA GLY B 443 -22.68 9.94 -18.20
C GLY B 443 -23.44 8.95 -17.31
N SER B 444 -23.61 9.36 -16.06
CA SER B 444 -23.83 8.50 -14.90
C SER B 444 -23.78 7.00 -14.99
N SER B 445 -22.56 6.51 -14.85
CA SER B 445 -22.30 5.13 -14.57
C SER B 445 -22.87 4.73 -13.19
N SER B 446 -22.89 5.68 -12.25
CA SER B 446 -23.46 5.39 -10.92
C SER B 446 -24.96 5.09 -10.99
N MET B 447 -25.68 5.83 -11.80
CA MET B 447 -27.07 5.51 -12.02
C MET B 447 -27.22 4.17 -12.73
N ALA B 448 -26.38 3.94 -13.73
CA ALA B 448 -26.33 2.63 -14.38
C ALA B 448 -26.10 1.57 -13.32
N THR B 449 -25.27 1.89 -12.33
CA THR B 449 -25.05 0.94 -11.24
C THR B 449 -26.35 0.63 -10.52
N VAL B 450 -27.11 1.65 -10.12
CA VAL B 450 -28.33 1.36 -9.34
C VAL B 450 -29.35 0.52 -10.11
N CYS B 451 -29.53 0.85 -11.39
CA CYS B 451 -30.48 0.14 -12.24
C CYS B 451 -30.08 -1.32 -12.45
N GLY B 452 -28.81 -1.53 -12.75
CA GLY B 452 -28.29 -2.86 -12.93
C GLY B 452 -28.41 -3.66 -11.65
N SER B 453 -28.19 -3.01 -10.52
CA SER B 453 -28.35 -3.67 -9.24
C SER B 453 -29.77 -4.14 -8.97
N SER B 454 -30.73 -3.22 -9.16
CA SER B 454 -32.16 -3.55 -9.05
C SER B 454 -32.44 -4.83 -9.80
N LEU B 455 -32.00 -4.89 -11.06
CA LEU B 455 -32.16 -6.10 -11.87
C LEU B 455 -31.37 -7.30 -11.32
N ALA B 456 -30.12 -7.09 -11.00
CA ALA B 456 -29.29 -8.20 -10.55
C ALA B 456 -29.82 -8.87 -9.29
N MET B 457 -30.33 -8.05 -8.37
CA MET B 457 -31.00 -8.57 -7.17
C MET B 457 -32.25 -9.36 -7.54
N MET B 458 -33.10 -8.81 -8.39
CA MET B 458 -34.29 -9.55 -8.81
C MET B 458 -33.92 -10.89 -9.46
N ASP B 459 -32.94 -10.88 -10.35
CA ASP B 459 -32.44 -12.13 -10.93
C ASP B 459 -32.01 -13.11 -9.82
N ALA B 460 -31.40 -12.56 -8.75
CA ALA B 460 -30.86 -13.34 -7.64
C ALA B 460 -31.92 -13.92 -6.74
N GLY B 461 -33.15 -13.38 -6.91
CA GLY B 461 -34.33 -13.72 -6.14
C GLY B 461 -34.42 -13.00 -4.81
N VAL B 462 -34.04 -11.73 -4.75
CA VAL B 462 -34.19 -11.01 -3.48
C VAL B 462 -35.53 -10.27 -3.46
N PRO B 463 -36.38 -10.57 -2.47
CA PRO B 463 -37.68 -9.93 -2.32
C PRO B 463 -37.54 -8.43 -2.02
N LEU B 464 -36.96 -7.70 -2.98
CA LEU B 464 -36.90 -6.25 -2.97
C LEU B 464 -38.33 -5.68 -2.86
N VAL B 465 -38.56 -4.74 -1.95
CA VAL B 465 -39.94 -4.25 -1.76
C VAL B 465 -40.47 -3.52 -2.98
N ARG B 466 -39.59 -2.92 -3.77
CA ARG B 466 -39.96 -2.19 -5.00
C ARG B 466 -38.65 -1.97 -5.73
N PRO B 467 -38.68 -1.97 -7.08
CA PRO B 467 -37.42 -1.85 -7.82
C PRO B 467 -36.98 -0.40 -7.99
N VAL B 468 -35.70 -0.18 -8.27
CA VAL B 468 -35.16 1.18 -8.21
C VAL B 468 -34.47 1.62 -9.52
N SER B 469 -34.68 2.88 -9.91
CA SER B 469 -34.09 3.44 -11.12
C SER B 469 -33.37 4.73 -10.78
N GLY B 470 -32.49 5.17 -11.68
CA GLY B 470 -31.72 6.36 -11.44
C GLY B 470 -31.45 7.07 -12.73
N ILE B 471 -31.40 8.41 -12.68
CA ILE B 471 -31.06 9.23 -13.84
C ILE B 471 -30.13 10.33 -13.39
N ALA B 472 -29.19 10.73 -14.23
CA ALA B 472 -28.34 11.86 -13.90
C ALA B 472 -28.74 13.07 -14.73
N MET B 473 -28.92 14.19 -14.05
CA MET B 473 -29.41 15.43 -14.66
C MET B 473 -28.39 16.55 -14.65
N GLY B 474 -28.63 17.54 -15.51
CA GLY B 474 -27.85 18.77 -15.50
C GLY B 474 -28.77 19.99 -15.51
N LEU B 475 -28.20 21.15 -15.23
CA LEU B 475 -28.90 22.42 -15.38
C LEU B 475 -28.03 23.55 -15.93
N ILE B 476 -28.40 24.07 -17.09
CA ILE B 476 -27.83 25.30 -17.63
C ILE B 476 -28.66 26.48 -17.14
N LEU B 477 -27.99 27.48 -16.60
CA LEU B 477 -28.65 28.66 -16.10
C LEU B 477 -27.98 29.92 -16.63
N GLU B 478 -28.70 30.65 -17.49
CA GLU B 478 -28.28 31.99 -17.89
C GLU B 478 -29.21 33.02 -17.27
N GLN B 479 -28.75 34.28 -17.23
CA GLN B 479 -29.53 35.40 -16.68
C GLN B 479 -30.96 35.50 -17.29
N ASP B 480 -31.08 35.09 -18.55
CA ASP B 480 -32.30 35.28 -19.33
C ASP B 480 -33.23 34.05 -19.46
N GLY B 481 -32.84 32.94 -18.86
CA GLY B 481 -33.58 31.68 -18.97
C GLY B 481 -32.70 30.52 -18.55
N PHE B 482 -33.27 29.30 -18.50
CA PHE B 482 -32.53 28.13 -18.07
C PHE B 482 -33.01 26.87 -18.80
N ALA B 483 -32.12 25.89 -18.97
CA ALA B 483 -32.49 24.57 -19.46
C ALA B 483 -32.17 23.52 -18.39
N VAL B 484 -33.00 22.48 -18.32
CA VAL B 484 -32.73 21.34 -17.47
C VAL B 484 -32.52 20.14 -18.38
N LEU B 485 -31.36 19.48 -18.26
CA LEU B 485 -30.98 18.36 -19.13
C LEU B 485 -31.19 16.99 -18.50
N SER B 486 -31.69 16.04 -19.28
CA SER B 486 -31.95 14.72 -18.77
C SER B 486 -30.89 13.75 -19.30
N ASP B 487 -30.55 12.78 -18.46
CA ASP B 487 -29.55 11.77 -18.80
C ASP B 487 -28.35 12.41 -19.49
N ILE B 488 -27.54 13.15 -18.71
CA ILE B 488 -26.46 13.90 -19.32
C ILE B 488 -25.26 13.07 -19.71
N LEU B 489 -24.66 13.48 -20.82
CA LEU B 489 -23.42 12.96 -21.39
C LEU B 489 -22.23 13.32 -20.49
N GLY B 490 -21.06 12.74 -20.79
CA GLY B 490 -19.83 13.13 -20.11
C GLY B 490 -19.48 14.57 -20.40
N ASP B 491 -19.55 14.94 -21.68
CA ASP B 491 -19.25 16.30 -22.14
C ASP B 491 -20.14 17.36 -21.52
N GLU B 492 -21.27 16.91 -20.96
CA GLU B 492 -22.26 17.79 -20.36
C GLU B 492 -22.05 18.06 -18.88
N ASP B 493 -21.15 17.28 -18.28
CA ASP B 493 -20.94 17.31 -16.85
C ASP B 493 -20.50 18.70 -16.37
N HIS B 494 -19.56 19.30 -17.08
CA HIS B 494 -18.99 20.56 -16.63
C HIS B 494 -19.74 21.78 -17.07
N LEU B 495 -20.50 21.70 -18.17
CA LEU B 495 -21.31 22.83 -18.62
C LEU B 495 -22.38 23.27 -17.61
N GLY B 496 -23.05 22.31 -16.96
CA GLY B 496 -24.03 22.60 -15.94
C GLY B 496 -23.53 23.52 -14.83
N ASP B 497 -24.40 24.41 -14.38
CA ASP B 497 -24.13 25.18 -13.16
C ASP B 497 -24.45 24.30 -11.97
N MET B 498 -25.23 23.25 -12.22
CA MET B 498 -25.57 22.31 -11.22
C MET B 498 -25.78 20.95 -11.86
N ASP B 499 -25.15 19.94 -11.27
CA ASP B 499 -25.35 18.54 -11.63
C ASP B 499 -26.03 17.85 -10.47
N PHE B 500 -26.94 16.93 -10.80
CA PHE B 500 -27.63 16.19 -9.76
C PHE B 500 -28.04 14.82 -10.22
N LYS B 501 -28.13 13.91 -9.26
CA LYS B 501 -28.43 12.54 -9.57
C LYS B 501 -29.59 12.06 -8.72
N VAL B 502 -30.63 11.51 -9.36
CA VAL B 502 -31.81 11.07 -8.62
C VAL B 502 -32.14 9.62 -8.89
N ALA B 503 -32.48 8.92 -7.82
CA ALA B 503 -32.86 7.54 -7.87
C ALA B 503 -33.94 7.36 -6.87
N GLY B 504 -34.85 6.45 -7.20
CA GLY B 504 -35.91 6.07 -6.32
C GLY B 504 -36.80 5.05 -6.97
N THR B 505 -37.95 4.83 -6.34
CA THR B 505 -38.89 3.83 -6.75
C THR B 505 -40.03 4.51 -7.42
N SER B 506 -41.00 3.71 -7.82
CA SER B 506 -42.19 4.22 -8.49
C SER B 506 -43.10 4.96 -7.51
N GLU B 507 -42.64 5.13 -6.27
CA GLU B 507 -43.47 5.72 -5.23
C GLU B 507 -42.76 6.75 -4.38
N GLY B 508 -41.55 7.11 -4.74
CA GLY B 508 -40.79 8.05 -3.93
C GLY B 508 -39.28 8.00 -4.13
N LEU B 509 -38.59 8.99 -3.57
CA LEU B 509 -37.16 9.12 -3.75
C LEU B 509 -36.48 8.26 -2.74
N THR B 510 -35.26 7.85 -3.08
CA THR B 510 -34.46 7.05 -2.17
C THR B 510 -33.08 7.66 -2.08
N SER B 511 -32.62 8.32 -3.13
CA SER B 511 -31.38 9.08 -3.01
C SER B 511 -31.38 10.28 -3.94
N LEU B 512 -31.02 11.43 -3.39
CA LEU B 512 -30.85 12.62 -4.20
C LEU B 512 -29.48 13.18 -3.89
N GLN B 513 -28.70 13.44 -4.93
CA GLN B 513 -27.41 14.04 -4.71
C GLN B 513 -27.31 15.24 -5.60
N MET B 514 -26.74 16.32 -5.06
CA MET B 514 -26.69 17.55 -5.80
C MET B 514 -25.37 18.23 -5.66
N ASP B 515 -24.84 18.70 -6.78
CA ASP B 515 -23.61 19.48 -6.76
C ASP B 515 -23.85 20.76 -7.51
N ILE B 516 -23.60 21.89 -6.84
CA ILE B 516 -23.95 23.18 -7.41
C ILE B 516 -22.79 24.16 -7.47
N LYS B 517 -22.60 24.76 -8.64
CA LYS B 517 -21.43 25.59 -8.89
C LYS B 517 -21.65 27.07 -8.66
N ILE B 518 -22.91 27.55 -8.68
CA ILE B 518 -23.17 28.99 -8.63
C ILE B 518 -24.52 29.33 -8.01
N ALA B 519 -24.62 30.53 -7.44
CA ALA B 519 -25.84 30.97 -6.73
C ALA B 519 -27.03 31.21 -7.64
N GLY B 520 -28.21 31.09 -7.06
CA GLY B 520 -29.42 31.55 -7.75
C GLY B 520 -30.17 30.41 -8.40
N ILE B 521 -29.91 29.20 -7.93
CA ILE B 521 -30.73 28.07 -8.36
C ILE B 521 -31.99 27.96 -7.48
N THR B 522 -32.96 28.83 -7.78
CA THR B 522 -34.12 29.08 -6.94
C THR B 522 -35.03 27.88 -6.71
N PRO B 523 -35.42 27.61 -5.45
CA PRO B 523 -36.37 26.54 -5.12
C PRO B 523 -37.45 26.29 -6.16
N ALA B 524 -37.79 27.31 -6.94
CA ALA B 524 -38.79 27.12 -8.00
C ALA B 524 -38.21 26.32 -9.18
N ILE B 525 -36.95 26.58 -9.49
CA ILE B 525 -36.23 25.87 -10.55
C ILE B 525 -35.99 24.41 -10.13
N MET B 526 -35.50 24.23 -8.89
CA MET B 526 -35.26 22.92 -8.30
C MET B 526 -36.50 22.03 -8.34
N GLU B 527 -37.67 22.59 -8.02
CA GLU B 527 -38.95 21.90 -8.09
C GLU B 527 -39.09 21.22 -9.46
N GLN B 528 -38.84 22.00 -10.51
CA GLN B 528 -39.01 21.58 -11.90
C GLN B 528 -37.99 20.58 -12.31
N ALA B 529 -36.73 20.86 -11.93
CA ALA B 529 -35.60 19.96 -12.20
C ALA B 529 -35.96 18.55 -11.76
N LEU B 530 -36.46 18.43 -10.53
CA LEU B 530 -36.80 17.15 -9.97
C LEU B 530 -37.94 16.50 -10.69
N ALA B 531 -38.87 17.31 -11.16
CA ALA B 531 -40.07 16.82 -11.77
C ALA B 531 -39.71 16.24 -13.13
N GLN B 532 -38.84 16.92 -13.86
CA GLN B 532 -38.34 16.35 -15.10
C GLN B 532 -37.58 15.03 -14.84
N ALA B 533 -36.76 14.99 -13.80
CA ALA B 533 -36.07 13.77 -13.43
C ALA B 533 -37.08 12.67 -13.03
N LYS B 534 -38.10 13.04 -12.25
CA LYS B 534 -39.18 12.12 -11.96
C LYS B 534 -39.59 11.42 -13.24
N GLU B 535 -39.85 12.20 -14.29
CA GLU B 535 -40.31 11.66 -15.56
C GLU B 535 -39.27 10.74 -16.18
N GLY B 536 -38.02 11.13 -16.08
CA GLY B 536 -36.91 10.34 -16.65
C GLY B 536 -36.74 8.97 -15.97
N ARG B 537 -36.65 8.97 -14.64
CA ARG B 537 -36.41 7.74 -13.92
C ARG B 537 -37.61 6.82 -14.07
N ALA B 538 -38.78 7.44 -14.16
CA ALA B 538 -40.00 6.70 -14.47
C ALA B 538 -39.81 6.01 -15.83
N HIS B 539 -39.45 6.77 -16.86
CA HIS B 539 -39.27 6.16 -18.18
C HIS B 539 -38.26 5.05 -18.15
N ILE B 540 -37.12 5.31 -17.52
CA ILE B 540 -36.06 4.31 -17.38
C ILE B 540 -36.55 3.04 -16.71
N LEU B 541 -37.21 3.20 -15.57
CA LEU B 541 -37.84 2.08 -14.88
C LEU B 541 -38.71 1.28 -15.86
N GLY B 542 -39.49 1.99 -16.66
CA GLY B 542 -40.34 1.37 -17.66
C GLY B 542 -39.53 0.41 -18.51
N GLU B 543 -38.48 0.95 -19.09
CA GLU B 543 -37.59 0.17 -19.93
C GLU B 543 -36.87 -0.93 -19.19
N MET B 544 -36.71 -0.69 -17.89
CA MET B 544 -35.97 -1.60 -17.03
C MET B 544 -36.80 -2.86 -16.82
N ASN B 545 -38.00 -2.68 -16.33
CA ASN B 545 -38.66 -3.89 -15.90
C ASN B 545 -39.36 -4.63 -17.06
N LYS B 546 -39.13 -4.20 -18.29
CA LYS B 546 -39.45 -5.12 -19.39
C LYS B 546 -38.34 -6.16 -19.52
N ALA B 547 -37.26 -6.01 -18.75
CA ALA B 547 -36.32 -7.10 -18.62
C ALA B 547 -36.74 -8.00 -17.48
N MET B 548 -37.26 -7.41 -16.39
CA MET B 548 -37.52 -8.21 -15.22
C MET B 548 -38.85 -7.93 -14.54
N ASP B 549 -39.06 -6.74 -13.96
CA ASP B 549 -40.39 -6.36 -13.32
C ASP B 549 -40.80 -6.90 -11.92
N ALA B 550 -40.37 -8.09 -11.54
CA ALA B 550 -40.52 -8.56 -10.16
C ALA B 550 -39.41 -9.56 -9.80
N PRO B 551 -39.08 -9.67 -8.50
CA PRO B 551 -38.07 -10.63 -8.06
C PRO B 551 -38.43 -12.07 -8.37
N ARG B 552 -37.41 -12.87 -8.71
CA ARG B 552 -37.60 -14.29 -8.89
C ARG B 552 -38.13 -14.87 -7.61
N ALA B 553 -38.91 -15.93 -7.77
CA ALA B 553 -39.48 -16.65 -6.65
C ALA B 553 -38.39 -17.16 -5.70
N ASP B 554 -37.27 -17.60 -6.28
CA ASP B 554 -36.24 -18.33 -5.53
C ASP B 554 -34.84 -17.83 -5.78
N VAL B 555 -33.93 -18.18 -4.88
CA VAL B 555 -32.52 -17.87 -5.07
C VAL B 555 -31.94 -18.83 -6.09
N GLY B 556 -30.80 -18.48 -6.68
CA GLY B 556 -30.16 -19.36 -7.67
C GLY B 556 -29.77 -20.73 -7.12
N ASP B 557 -29.63 -21.68 -8.04
CA ASP B 557 -29.26 -23.07 -7.70
C ASP B 557 -27.88 -23.19 -7.07
N PHE B 558 -27.11 -22.12 -7.16
CA PHE B 558 -25.76 -22.07 -6.58
C PHE B 558 -25.72 -21.32 -5.28
N ALA B 559 -26.81 -20.60 -5.00
CA ALA B 559 -26.90 -19.77 -3.80
C ALA B 559 -27.19 -20.67 -2.61
N PRO B 560 -26.61 -20.32 -1.46
CA PRO B 560 -26.89 -21.13 -0.28
C PRO B 560 -28.31 -20.84 0.16
N LYS B 561 -28.91 -21.78 0.91
CA LYS B 561 -30.26 -21.57 1.40
C LYS B 561 -30.26 -21.24 2.89
N ILE B 562 -30.84 -20.09 3.21
CA ILE B 562 -31.01 -19.65 4.59
C ILE B 562 -32.47 -19.41 4.80
N GLU B 563 -33.02 -20.07 5.79
CA GLU B 563 -34.39 -19.83 6.17
C GLU B 563 -34.35 -19.52 7.65
N THR B 564 -35.42 -18.91 8.16
CA THR B 564 -35.42 -18.39 9.53
C THR B 564 -36.70 -18.79 10.29
N ILE B 565 -36.57 -19.11 11.57
CA ILE B 565 -37.67 -19.64 12.41
C ILE B 565 -37.59 -19.14 13.84
N ASN B 566 -38.75 -18.90 14.45
CA ASN B 566 -38.80 -18.44 15.84
C ASN B 566 -39.26 -19.51 16.82
N ILE B 567 -38.57 -19.60 17.96
CA ILE B 567 -38.96 -20.47 19.07
C ILE B 567 -39.01 -19.72 20.41
N PRO B 568 -39.88 -20.20 21.34
CA PRO B 568 -39.95 -19.69 22.72
C PRO B 568 -38.57 -19.58 23.36
N THR B 569 -38.30 -18.50 24.10
CA THR B 569 -37.00 -18.28 24.73
C THR B 569 -36.70 -19.32 25.83
N ASP B 570 -37.72 -19.71 26.58
CA ASP B 570 -37.56 -20.71 27.65
C ASP B 570 -37.33 -22.13 27.10
N LYS B 571 -37.24 -22.27 25.78
CA LYS B 571 -37.11 -23.60 25.14
C LYS B 571 -35.70 -23.85 24.55
N ILE B 572 -34.95 -22.78 24.38
CA ILE B 572 -33.57 -22.83 23.84
C ILE B 572 -32.72 -23.92 24.51
N ARG B 573 -32.85 -24.05 25.83
CA ARG B 573 -32.10 -25.06 26.59
C ARG B 573 -32.36 -26.51 26.09
N GLU B 574 -33.64 -26.80 25.77
CA GLU B 574 -34.02 -28.15 25.29
C GLU B 574 -33.58 -28.45 23.87
N VAL B 575 -33.44 -27.42 23.05
CA VAL B 575 -33.02 -27.59 21.66
C VAL B 575 -31.49 -27.68 21.57
N ILE B 576 -30.78 -26.82 22.30
CA ILE B 576 -29.31 -26.92 22.37
C ILE B 576 -28.93 -28.23 23.09
N GLY B 577 -29.64 -28.57 24.17
CA GLY B 577 -29.45 -29.83 24.89
C GLY B 577 -28.19 -29.79 25.75
N SER B 578 -28.02 -30.76 26.66
CA SER B 578 -26.83 -30.77 27.52
C SER B 578 -25.45 -30.69 26.85
N GLY B 579 -25.13 -29.46 26.43
CA GLY B 579 -23.84 -29.04 25.91
C GLY B 579 -23.21 -29.79 24.76
N GLY B 580 -23.58 -29.51 23.51
CA GLY B 580 -24.91 -29.17 23.07
C GLY B 580 -25.38 -30.46 22.39
N LYS B 581 -25.48 -31.51 23.21
CA LYS B 581 -25.86 -32.89 22.87
C LYS B 581 -26.92 -32.98 21.74
N VAL B 582 -27.99 -32.20 21.84
CA VAL B 582 -29.10 -32.31 20.89
C VAL B 582 -28.75 -31.57 19.59
N ILE B 583 -28.45 -30.29 19.70
CA ILE B 583 -28.17 -29.49 18.51
C ILE B 583 -27.02 -29.98 17.65
N ARG B 584 -25.98 -30.54 18.26
CA ARG B 584 -24.86 -31.11 17.51
C ARG B 584 -25.35 -32.27 16.63
N GLU B 585 -26.18 -33.10 17.24
CA GLU B 585 -26.77 -34.25 16.59
C GLU B 585 -27.63 -33.78 15.44
N ILE B 586 -28.39 -32.72 15.65
CA ILE B 586 -29.21 -32.14 14.59
C ILE B 586 -28.32 -31.62 13.45
N VAL B 587 -27.25 -30.92 13.80
CA VAL B 587 -26.38 -30.32 12.79
C VAL B 587 -25.60 -31.40 12.07
N ALA B 588 -25.04 -32.35 12.84
CA ALA B 588 -24.35 -33.49 12.22
C ALA B 588 -25.29 -34.25 11.26
N THR B 589 -26.42 -34.75 11.75
CA THR B 589 -27.34 -35.53 10.91
C THR B 589 -27.95 -34.76 9.72
N THR B 590 -28.72 -33.69 9.98
CA THR B 590 -29.36 -32.95 8.86
C THR B 590 -28.36 -32.25 7.93
N GLY B 591 -27.19 -31.92 8.46
CA GLY B 591 -26.14 -31.23 7.71
C GLY B 591 -26.45 -29.76 7.45
N ALA B 592 -27.36 -29.20 8.25
CA ALA B 592 -27.62 -27.78 8.21
C ALA B 592 -26.93 -27.11 9.38
N LYS B 593 -26.47 -25.87 9.15
CA LYS B 593 -26.00 -24.97 10.20
C LYS B 593 -27.23 -24.43 10.90
N VAL B 594 -27.22 -24.44 12.21
CA VAL B 594 -28.34 -23.93 12.99
C VAL B 594 -27.77 -22.88 13.95
N ASP B 595 -28.21 -21.64 13.81
CA ASP B 595 -27.79 -20.55 14.70
C ASP B 595 -28.98 -20.09 15.52
N ILE B 596 -28.97 -20.42 16.82
CA ILE B 596 -29.98 -19.94 17.79
C ILE B 596 -29.41 -18.76 18.57
N ASN B 597 -30.07 -17.60 18.50
CA ASN B 597 -29.47 -16.35 18.99
C ASN B 597 -30.47 -15.18 19.13
N ASP B 598 -30.97 -14.84 20.33
CA ASP B 598 -30.95 -15.59 21.58
C ASP B 598 -32.38 -15.44 22.02
N ASP B 599 -32.98 -14.39 21.48
CA ASP B 599 -34.42 -14.11 21.56
C ASP B 599 -35.24 -15.32 21.09
N GLY B 600 -34.56 -16.34 20.57
CA GLY B 600 -35.23 -17.53 20.09
C GLY B 600 -35.38 -17.48 18.59
N VAL B 601 -34.54 -16.65 17.96
CA VAL B 601 -34.52 -16.51 16.51
C VAL B 601 -33.47 -17.47 15.92
N VAL B 602 -33.96 -18.61 15.42
CA VAL B 602 -33.11 -19.65 14.81
C VAL B 602 -32.99 -19.54 13.29
N LYS B 603 -31.78 -19.22 12.79
CA LYS B 603 -31.57 -19.22 11.33
C LYS B 603 -30.80 -20.46 10.87
N VAL B 604 -31.46 -21.20 9.97
CA VAL B 604 -31.02 -22.49 9.48
C VAL B 604 -30.48 -22.30 8.06
N SER B 605 -29.28 -22.81 7.77
CA SER B 605 -28.72 -22.75 6.41
C SER B 605 -28.05 -24.05 5.95
N ALA B 606 -28.04 -24.26 4.63
CA ALA B 606 -27.41 -25.41 3.98
C ALA B 606 -27.47 -25.20 2.47
N SER B 607 -27.04 -26.18 1.69
CA SER B 607 -27.16 -26.09 0.23
C SER B 607 -28.53 -26.53 -0.33
N ASP B 608 -29.19 -27.49 0.30
CA ASP B 608 -30.54 -27.90 -0.15
C ASP B 608 -31.64 -27.03 0.46
N GLY B 609 -32.81 -27.02 -0.15
CA GLY B 609 -33.97 -26.62 0.61
C GLY B 609 -34.36 -27.72 1.60
N ALA B 610 -33.95 -28.96 1.31
CA ALA B 610 -34.41 -30.13 2.04
C ALA B 610 -33.69 -30.19 3.36
N LYS B 611 -32.37 -30.09 3.30
CA LYS B 611 -31.57 -30.13 4.51
C LYS B 611 -32.14 -29.13 5.51
N ILE B 612 -32.44 -27.92 5.03
CA ILE B 612 -33.02 -26.90 5.89
C ILE B 612 -34.36 -27.31 6.50
N LYS B 613 -35.24 -27.90 5.71
CA LYS B 613 -36.53 -28.33 6.23
C LYS B 613 -36.36 -29.52 7.17
N ALA B 614 -35.44 -30.43 6.86
CA ALA B 614 -35.11 -31.55 7.75
C ALA B 614 -34.76 -31.03 9.14
N ALA B 615 -33.80 -30.10 9.16
CA ALA B 615 -33.42 -29.43 10.39
C ALA B 615 -34.65 -28.79 11.05
N ILE B 616 -35.31 -27.88 10.36
CA ILE B 616 -36.45 -27.16 10.93
C ILE B 616 -37.49 -28.10 11.51
N ASP B 617 -37.83 -29.18 10.79
CA ASP B 617 -38.80 -30.19 11.27
C ASP B 617 -38.35 -30.77 12.60
N TRP B 618 -37.09 -31.19 12.65
CA TRP B 618 -36.48 -31.72 13.86
C TRP B 618 -36.71 -30.78 15.04
N ILE B 619 -36.28 -29.52 14.90
CA ILE B 619 -36.40 -28.51 15.95
C ILE B 619 -37.83 -28.39 16.45
N LYS B 620 -38.78 -28.22 15.53
CA LYS B 620 -40.20 -28.00 15.86
C LYS B 620 -40.83 -29.15 16.65
N SER B 621 -40.39 -30.39 16.41
CA SER B 621 -40.85 -31.55 17.16
C SER B 621 -40.45 -31.42 18.62
N ILE B 622 -39.28 -30.84 18.87
CA ILE B 622 -38.81 -30.57 20.23
C ILE B 622 -39.54 -29.37 20.84
N THR B 623 -40.00 -28.43 20.02
CA THR B 623 -40.63 -27.20 20.54
C THR B 623 -42.16 -27.21 20.66
N ASP B 624 -42.87 -27.77 19.66
CA ASP B 624 -44.34 -27.64 19.52
C ASP B 624 -45.12 -28.65 20.36
N GLY C 4 32.44 -21.22 -10.07
CA GLY C 4 32.77 -20.00 -9.29
C GLY C 4 33.81 -20.31 -8.24
N SER C 5 35.07 -19.96 -8.58
CA SER C 5 36.24 -19.98 -7.64
C SER C 5 36.44 -18.58 -7.05
N MET C 6 36.70 -18.54 -5.74
CA MET C 6 36.50 -17.30 -4.96
C MET C 6 37.81 -16.75 -4.43
N PHE C 7 37.85 -15.47 -4.11
CA PHE C 7 39.04 -14.92 -3.48
C PHE C 7 38.72 -14.01 -2.28
N ASP C 8 38.30 -14.64 -1.19
CA ASP C 8 38.16 -13.99 0.12
C ASP C 8 39.33 -14.48 0.83
N ILE C 9 40.01 -13.72 1.70
CA ILE C 9 39.77 -12.37 2.25
C ILE C 9 38.68 -12.27 3.34
N LYS C 10 39.14 -12.47 4.58
CA LYS C 10 38.32 -12.68 5.77
C LYS C 10 39.12 -12.08 6.91
N ARG C 11 38.46 -11.56 7.95
CA ARG C 11 39.18 -11.05 9.10
C ARG C 11 38.61 -11.68 10.36
N LYS C 12 38.40 -13.02 10.31
CA LYS C 12 37.89 -13.88 11.42
C LYS C 12 38.70 -13.53 12.64
N THR C 13 38.25 -12.51 13.33
CA THR C 13 39.15 -11.93 14.23
C THR C 13 38.52 -11.49 15.51
N ILE C 14 39.30 -10.72 16.23
CA ILE C 14 38.92 -10.12 17.47
C ILE C 14 37.95 -10.93 18.32
N GLU C 15 38.43 -11.36 19.47
CA GLU C 15 37.49 -11.55 20.50
C GLU C 15 37.08 -10.11 20.54
N TRP C 16 35.79 -9.84 20.42
CA TRP C 16 35.31 -8.52 20.66
C TRP C 16 34.24 -8.68 21.66
N GLY C 17 34.47 -8.10 22.83
CA GLY C 17 33.56 -8.27 23.95
C GLY C 17 33.40 -9.73 24.28
N GLY C 18 34.48 -10.49 24.09
CA GLY C 18 34.44 -11.92 24.38
C GLY C 18 33.60 -12.70 23.41
N LYS C 19 33.15 -12.09 22.31
CA LYS C 19 32.46 -12.87 21.24
C LYS C 19 33.34 -12.85 19.99
N THR C 20 33.22 -13.85 19.14
CA THR C 20 34.04 -13.87 17.95
C THR C 20 33.37 -13.09 16.82
N LEU C 21 34.07 -12.11 16.27
CA LEU C 21 33.49 -11.40 15.14
C LEU C 21 34.21 -11.66 13.84
N VAL C 22 33.49 -12.21 12.85
CA VAL C 22 34.08 -12.44 11.55
C VAL C 22 33.59 -11.46 10.48
N LEU C 23 34.56 -10.89 9.74
CA LEU C 23 34.28 -10.00 8.61
C LEU C 23 34.79 -10.62 7.33
N GLU C 24 33.90 -11.04 6.42
CA GLU C 24 34.29 -11.77 5.20
C GLU C 24 33.87 -11.04 3.93
N THR C 25 34.75 -11.02 2.93
CA THR C 25 34.41 -10.41 1.64
C THR C 25 34.99 -11.22 0.46
N GLY C 26 34.49 -11.05 -0.75
CA GLY C 26 35.00 -11.82 -1.85
C GLY C 26 34.24 -13.09 -2.23
N ARG C 27 33.48 -13.67 -1.30
CA ARG C 27 32.69 -14.87 -1.66
C ARG C 27 31.27 -14.53 -2.14
N ILE C 28 30.56 -13.70 -1.40
CA ILE C 28 29.15 -13.42 -1.70
C ILE C 28 28.91 -12.00 -2.19
N ALA C 29 28.08 -11.87 -3.22
CA ALA C 29 27.60 -10.58 -3.76
C ALA C 29 28.77 -9.74 -4.34
N ARG C 30 29.51 -10.37 -5.23
CA ARG C 30 30.75 -9.82 -5.73
C ARG C 30 30.54 -8.63 -6.66
N GLN C 31 29.27 -8.42 -7.03
CA GLN C 31 28.86 -7.42 -7.98
C GLN C 31 28.47 -6.08 -7.30
N ALA C 32 28.25 -6.10 -5.99
CA ALA C 32 28.03 -4.88 -5.23
C ALA C 32 29.38 -4.18 -5.12
N ASP C 33 29.38 -2.88 -4.86
CA ASP C 33 30.65 -2.21 -4.70
C ASP C 33 31.41 -2.75 -3.47
N GLY C 34 30.69 -2.97 -2.39
CA GLY C 34 31.24 -3.67 -1.24
C GLY C 34 30.21 -4.66 -0.69
N ALA C 35 30.69 -5.80 -0.19
CA ALA C 35 29.78 -6.80 0.37
C ALA C 35 30.47 -7.56 1.49
N VAL C 36 29.91 -7.47 2.69
CA VAL C 36 30.50 -8.16 3.82
C VAL C 36 29.52 -9.15 4.47
N LEU C 37 29.97 -10.37 4.66
CA LEU C 37 29.28 -11.34 5.48
C LEU C 37 29.80 -11.29 6.92
N ALA C 38 29.06 -10.59 7.79
CA ALA C 38 29.48 -10.48 9.18
C ALA C 38 28.82 -11.49 10.15
N THR C 39 29.67 -12.02 11.02
CA THR C 39 29.21 -13.00 11.98
C THR C 39 29.69 -12.61 13.37
N MET C 40 28.76 -12.55 14.30
CA MET C 40 29.14 -12.35 15.67
C MET C 40 28.71 -13.57 16.44
N GLY C 41 29.64 -14.53 16.49
CA GLY C 41 29.46 -15.87 17.03
C GLY C 41 28.06 -16.37 16.81
N GLU C 42 27.82 -17.05 15.70
CA GLU C 42 26.46 -17.57 15.35
C GLU C 42 25.39 -16.59 14.78
N THR C 43 25.37 -15.30 15.12
CA THR C 43 24.49 -14.37 14.38
C THR C 43 25.20 -13.91 13.11
N VAL C 44 24.50 -14.05 11.97
CA VAL C 44 25.10 -13.78 10.65
C VAL C 44 24.25 -12.83 9.85
N VAL C 45 24.85 -11.77 9.32
CA VAL C 45 24.17 -10.84 8.41
C VAL C 45 25.00 -10.59 7.18
N LEU C 46 24.34 -10.31 6.08
CA LEU C 46 25.02 -9.82 4.86
C LEU C 46 24.76 -8.32 4.59
N ALA C 47 25.81 -7.55 4.49
CA ALA C 47 25.70 -6.13 4.22
C ALA C 47 26.25 -5.73 2.87
N THR C 48 25.47 -5.02 2.08
CA THR C 48 25.96 -4.52 0.79
C THR C 48 25.97 -3.00 0.65
N ALA C 49 27.01 -2.49 0.01
CA ALA C 49 27.03 -1.09 -0.39
C ALA C 49 27.22 -0.97 -1.89
N VAL C 50 26.34 -0.23 -2.56
CA VAL C 50 26.54 0.16 -3.96
C VAL C 50 26.25 1.67 -4.08
N PHE C 51 26.97 2.31 -5.00
CA PHE C 51 26.83 3.74 -5.28
C PHE C 51 26.91 4.09 -6.78
N ALA C 52 26.07 5.03 -7.21
CA ALA C 52 26.11 5.57 -8.57
C ALA C 52 27.46 6.21 -8.92
N LYS C 53 27.93 6.01 -10.15
CA LYS C 53 29.20 6.65 -10.52
C LYS C 53 29.01 8.05 -11.08
N SER C 54 27.77 8.55 -11.07
CA SER C 54 27.54 9.94 -11.48
C SER C 54 26.28 10.48 -10.81
N GLN C 55 26.08 11.79 -10.91
CA GLN C 55 25.00 12.45 -10.21
C GLN C 55 23.78 12.59 -11.12
N LYS C 56 22.58 12.49 -10.55
CA LYS C 56 21.37 12.77 -11.30
C LYS C 56 21.35 14.30 -11.54
N PRO C 57 21.09 14.74 -12.78
CA PRO C 57 21.06 16.11 -13.24
C PRO C 57 20.99 17.20 -12.15
N GLY C 58 19.80 17.57 -11.69
CA GLY C 58 19.73 18.56 -10.63
C GLY C 58 19.44 17.86 -9.31
N GLN C 59 20.43 17.17 -8.73
CA GLN C 59 20.17 16.42 -7.51
C GLN C 59 19.72 17.32 -6.36
N ASP C 60 20.63 18.07 -5.72
CA ASP C 60 20.21 18.97 -4.64
C ASP C 60 20.51 18.48 -3.24
N PHE C 61 20.33 17.18 -2.99
CA PHE C 61 20.64 16.62 -1.67
C PHE C 61 21.22 15.21 -1.83
N PHE C 62 21.96 14.78 -0.81
CA PHE C 62 22.67 13.51 -0.85
C PHE C 62 21.69 12.36 -0.63
N PRO C 63 21.49 11.52 -1.65
CA PRO C 63 20.50 10.44 -1.62
C PRO C 63 21.07 9.09 -1.08
N LEU C 64 21.10 8.98 0.23
CA LEU C 64 21.56 7.78 0.89
C LEU C 64 20.35 6.97 1.29
N THR C 65 20.38 5.65 1.08
CA THR C 65 19.30 4.82 1.58
C THR C 65 19.86 3.64 2.33
N VAL C 66 19.30 3.37 3.50
CA VAL C 66 19.68 2.18 4.22
C VAL C 66 18.50 1.23 4.40
N ASN C 67 18.68 -0.01 4.02
CA ASN C 67 17.66 -1.01 4.27
C ASN C 67 18.16 -2.13 5.14
N TYR C 68 17.77 -2.10 6.41
CA TYR C 68 17.96 -3.22 7.28
C TYR C 68 16.71 -4.07 7.13
N GLN C 69 16.92 -5.38 6.95
CA GLN C 69 15.83 -6.29 6.82
C GLN C 69 16.06 -7.62 7.43
N GLU C 70 15.04 -8.13 8.11
CA GLU C 70 15.12 -9.46 8.71
C GLU C 70 14.44 -10.52 7.86
N LYS C 71 15.07 -11.68 7.76
CA LYS C 71 14.44 -12.78 7.09
C LYS C 71 14.08 -13.82 8.15
N THR C 72 12.79 -14.13 8.27
CA THR C 72 12.33 -15.02 9.34
C THR C 72 12.98 -16.42 9.34
N PHE C 73 13.60 -16.83 8.25
CA PHE C 73 14.31 -18.12 8.24
C PHE C 73 15.53 -18.05 9.13
N ALA C 74 15.96 -16.84 9.47
CA ALA C 74 17.17 -16.64 10.26
C ALA C 74 16.99 -17.22 11.68
N ALA C 75 15.74 -17.51 12.00
CA ALA C 75 15.43 -18.01 13.33
C ALA C 75 14.55 -19.24 13.14
N GLY C 76 14.61 -19.81 11.95
CA GLY C 76 13.95 -21.04 11.62
C GLY C 76 12.46 -20.89 11.74
N LYS C 77 11.95 -19.74 11.36
CA LYS C 77 10.52 -19.50 11.36
C LYS C 77 9.98 -19.15 9.99
N ILE C 78 8.70 -19.44 9.80
CA ILE C 78 7.95 -18.99 8.64
C ILE C 78 7.08 -17.80 9.02
N PRO C 79 7.10 -16.72 8.22
CA PRO C 79 6.31 -15.53 8.56
C PRO C 79 4.87 -15.85 8.91
N GLY C 80 4.36 -15.14 9.91
CA GLY C 80 3.03 -15.45 10.44
C GLY C 80 1.85 -14.91 9.63
N GLY C 81 2.14 -13.94 8.77
CA GLY C 81 1.13 -13.38 7.90
C GLY C 81 0.09 -14.32 7.23
N PHE C 82 -0.86 -13.70 6.54
CA PHE C 82 -1.71 -14.47 5.67
C PHE C 82 -0.90 -14.94 4.44
N PHE C 83 0.16 -14.16 4.17
CA PHE C 83 0.96 -14.37 2.98
C PHE C 83 2.23 -15.18 3.23
N LYS C 84 2.66 -15.30 4.49
CA LYS C 84 3.78 -16.19 4.81
C LYS C 84 5.06 -15.78 4.09
N ARG C 85 5.13 -14.51 3.69
CA ARG C 85 6.33 -13.94 3.12
C ARG C 85 6.65 -12.66 3.88
N GLU C 86 7.92 -12.37 4.13
CA GLU C 86 8.16 -11.12 4.87
C GLU C 86 7.84 -9.95 3.93
N GLY C 87 7.27 -8.87 4.48
CA GLY C 87 6.72 -7.75 3.69
C GLY C 87 7.18 -6.38 4.17
N ARG C 88 6.25 -5.49 4.48
CA ARG C 88 6.66 -4.10 4.75
C ARG C 88 7.45 -4.06 6.05
N PRO C 89 8.39 -3.12 6.19
CA PRO C 89 9.29 -3.18 7.33
C PRO C 89 8.58 -3.18 8.67
N SER C 90 9.05 -3.94 9.64
CA SER C 90 8.59 -3.82 11.02
C SER C 90 9.10 -2.54 11.76
N GLU C 91 8.63 -2.33 12.97
CA GLU C 91 9.17 -1.26 13.78
C GLU C 91 10.68 -1.44 13.88
N LYS C 92 11.13 -2.64 14.27
CA LYS C 92 12.58 -2.93 14.41
C LYS C 92 13.31 -2.59 13.13
N GLU C 93 12.79 -3.08 12.01
CA GLU C 93 13.42 -2.84 10.72
C GLU C 93 13.55 -1.36 10.42
N THR C 94 12.50 -0.59 10.70
CA THR C 94 12.56 0.84 10.41
C THR C 94 13.55 1.50 11.32
N LEU C 95 13.53 1.16 12.61
CA LEU C 95 14.40 1.82 13.58
C LEU C 95 15.86 1.55 13.30
N VAL C 96 16.18 0.28 13.05
CA VAL C 96 17.57 -0.13 12.87
C VAL C 96 18.11 0.49 11.60
N SER C 97 17.28 0.64 10.56
CA SER C 97 17.80 1.34 9.37
C SER C 97 18.18 2.76 9.70
N ARG C 98 17.39 3.42 10.55
CA ARG C 98 17.70 4.78 10.94
C ARG C 98 18.98 4.80 11.75
N LEU C 99 19.10 3.84 12.65
CA LEU C 99 20.24 3.69 13.50
C LEU C 99 21.52 3.62 12.71
N ILE C 100 21.49 2.96 11.56
CA ILE C 100 22.65 2.83 10.70
C ILE C 100 22.84 4.10 9.87
N ASP C 101 21.73 4.64 9.40
CA ASP C 101 21.71 5.81 8.54
C ASP C 101 22.41 6.95 9.25
N ARG C 102 21.98 7.20 10.49
CA ARG C 102 22.35 8.36 11.25
C ARG C 102 23.86 8.68 11.33
N PRO C 103 24.70 7.74 11.79
CA PRO C 103 26.13 8.00 11.85
C PRO C 103 26.87 8.11 10.51
N ILE C 104 26.44 7.39 9.47
CA ILE C 104 27.23 7.35 8.25
C ILE C 104 26.91 8.51 7.31
N ARG C 105 25.63 8.90 7.30
CA ARG C 105 25.18 9.95 6.38
C ARG C 105 26.14 11.13 6.35
N PRO C 106 26.49 11.69 7.53
CA PRO C 106 27.29 12.90 7.45
C PRO C 106 28.76 12.65 7.23
N LEU C 107 29.15 11.39 6.99
CA LEU C 107 30.54 11.07 6.79
C LEU C 107 30.95 10.95 5.33
N PHE C 108 30.05 11.31 4.43
CA PHE C 108 30.40 11.30 3.03
C PHE C 108 31.03 12.64 2.71
N VAL C 109 32.14 12.58 1.97
CA VAL C 109 32.83 13.76 1.45
C VAL C 109 31.89 14.90 0.98
N LYS C 110 32.22 16.12 1.38
CA LYS C 110 31.41 17.30 1.10
C LYS C 110 31.10 17.39 -0.38
N GLY C 111 29.84 17.69 -0.70
CA GLY C 111 29.44 17.82 -2.10
C GLY C 111 28.98 16.54 -2.78
N PHE C 112 29.42 15.37 -2.32
CA PHE C 112 28.96 14.09 -2.85
C PHE C 112 27.44 13.89 -2.77
N LYS C 113 26.83 13.67 -3.92
CA LYS C 113 25.38 13.53 -4.01
C LYS C 113 24.95 12.46 -5.01
N ASN C 114 25.73 11.40 -5.08
CA ASN C 114 25.39 10.24 -5.90
C ASN C 114 24.57 9.25 -5.08
N GLU C 115 23.76 8.43 -5.74
CA GLU C 115 22.96 7.43 -5.06
C GLU C 115 23.86 6.48 -4.27
N VAL C 116 23.55 6.29 -3.00
CA VAL C 116 24.20 5.23 -2.25
C VAL C 116 23.17 4.37 -1.52
N GLN C 117 23.28 3.05 -1.64
CA GLN C 117 22.30 2.24 -0.92
C GLN C 117 22.95 1.13 -0.13
N VAL C 118 22.59 1.01 1.12
CA VAL C 118 23.17 -0.03 1.95
C VAL C 118 22.10 -1.06 2.30
N VAL C 119 22.29 -2.30 1.92
CA VAL C 119 21.30 -3.29 2.31
C VAL C 119 21.88 -4.16 3.40
N VAL C 120 21.20 -4.29 4.52
CA VAL C 120 21.65 -5.26 5.50
C VAL C 120 20.61 -6.34 5.70
N THR C 121 21.00 -7.57 5.43
CA THR C 121 20.05 -8.67 5.52
C THR C 121 20.42 -9.60 6.65
N VAL C 122 19.53 -9.77 7.62
CA VAL C 122 19.79 -10.71 8.69
C VAL C 122 19.53 -12.12 8.19
N LEU C 123 20.53 -12.99 8.29
CA LEU C 123 20.48 -14.34 7.72
C LEU C 123 20.35 -15.42 8.76
N GLN C 124 20.79 -15.16 9.97
CA GLN C 124 20.76 -16.16 11.02
C GLN C 124 20.92 -15.46 12.36
N HIS C 125 20.07 -15.85 13.31
CA HIS C 125 19.94 -15.19 14.59
C HIS C 125 20.10 -16.22 15.65
N ASP C 126 21.12 -16.05 16.48
CA ASP C 126 21.49 -17.12 17.41
C ASP C 126 20.78 -17.00 18.73
N LEU C 127 19.75 -16.13 18.80
CA LEU C 127 18.95 -15.87 19.99
C LEU C 127 19.76 -15.38 21.18
N GLU C 128 20.92 -14.77 20.94
CA GLU C 128 21.72 -14.16 22.01
C GLU C 128 22.33 -12.86 21.59
N ASN C 129 23.07 -12.87 20.49
CA ASN C 129 23.67 -11.65 19.95
C ASN C 129 22.81 -10.98 18.93
N ASP C 130 22.30 -9.79 19.26
CA ASP C 130 21.38 -9.05 18.41
C ASP C 130 22.05 -8.70 17.11
N PRO C 131 21.36 -8.88 15.98
CA PRO C 131 21.89 -8.47 14.70
C PRO C 131 22.06 -6.96 14.53
N ASP C 132 21.37 -6.12 15.31
CA ASP C 132 21.43 -4.66 15.05
C ASP C 132 22.84 -4.07 15.07
N ILE C 133 23.55 -4.19 16.18
CA ILE C 133 24.92 -3.75 16.29
C ILE C 133 25.78 -4.33 15.16
N LEU C 134 25.70 -5.66 15.01
CA LEU C 134 26.47 -6.35 14.00
C LEU C 134 26.15 -5.74 12.66
N GLY C 135 24.88 -5.45 12.45
CA GLY C 135 24.39 -4.80 11.27
C GLY C 135 25.05 -3.47 11.02
N MET C 136 25.19 -2.65 12.07
CA MET C 136 25.85 -1.37 11.91
C MET C 136 27.26 -1.59 11.44
N VAL C 137 27.95 -2.51 12.14
CA VAL C 137 29.35 -2.85 11.87
C VAL C 137 29.52 -3.30 10.41
N ALA C 138 28.69 -4.26 10.01
CA ALA C 138 28.71 -4.85 8.70
C ALA C 138 28.55 -3.80 7.61
N ALA C 139 27.59 -2.90 7.82
CA ALA C 139 27.31 -1.79 6.92
C ALA C 139 28.57 -0.93 6.74
N SER C 140 29.16 -0.53 7.87
CA SER C 140 30.36 0.27 7.90
C SER C 140 31.42 -0.41 7.09
N ALA C 141 31.63 -1.69 7.38
CA ALA C 141 32.66 -2.46 6.71
C ALA C 141 32.41 -2.44 5.19
N ALA C 142 31.18 -2.73 4.77
CA ALA C 142 30.88 -2.82 3.35
C ALA C 142 31.13 -1.48 2.68
N LEU C 143 30.70 -0.40 3.33
CA LEU C 143 30.91 0.92 2.76
C LEU C 143 32.37 1.17 2.54
N CYS C 144 33.20 0.96 3.54
CA CYS C 144 34.57 1.34 3.29
C CYS C 144 35.33 0.16 2.83
N LEU C 145 34.86 -0.37 1.71
CA LEU C 145 35.42 -1.53 1.05
C LEU C 145 34.95 -1.27 -0.36
N SER C 146 33.88 -0.48 -0.46
CA SER C 146 33.20 -0.17 -1.71
C SER C 146 33.99 0.81 -2.58
N GLY C 147 34.82 1.60 -1.92
CA GLY C 147 35.56 2.63 -2.60
C GLY C 147 34.79 3.93 -2.64
N ALA C 148 33.59 3.97 -2.10
CA ALA C 148 32.82 5.21 -2.07
C ALA C 148 33.54 6.27 -1.23
N PRO C 149 33.33 7.57 -1.53
CA PRO C 149 34.04 8.56 -0.68
C PRO C 149 33.42 8.70 0.70
N PHE C 150 33.73 7.73 1.57
CA PHE C 150 33.15 7.62 2.88
C PHE C 150 34.28 7.67 3.89
N MET C 151 34.19 8.60 4.82
CA MET C 151 35.32 8.92 5.65
C MET C 151 35.50 8.03 6.86
N GLY C 152 36.72 7.45 6.95
CA GLY C 152 37.17 6.46 7.96
C GLY C 152 36.08 5.42 8.15
N PRO C 153 36.36 4.26 8.77
CA PRO C 153 35.21 3.43 9.14
C PRO C 153 34.47 3.95 10.35
N ILE C 154 33.23 3.56 10.58
CA ILE C 154 32.63 3.75 11.91
C ILE C 154 32.56 2.41 12.59
N GLY C 155 32.45 2.40 13.90
CA GLY C 155 32.14 1.21 14.67
C GLY C 155 30.89 1.54 15.45
N ALA C 156 30.41 0.57 16.24
CA ALA C 156 29.22 0.71 17.07
C ALA C 156 29.26 -0.24 18.22
N ALA C 157 28.44 0.01 19.24
CA ALA C 157 28.34 -0.86 20.40
C ALA C 157 27.10 -0.53 21.19
N ARG C 158 26.68 -1.53 21.93
CA ARG C 158 25.62 -1.39 22.91
C ARG C 158 26.32 -1.59 24.24
N VAL C 159 25.99 -0.71 25.16
CA VAL C 159 26.47 -0.80 26.51
C VAL C 159 25.28 -1.08 27.38
N GLY C 160 25.42 -2.02 28.33
CA GLY C 160 24.38 -2.27 29.33
C GLY C 160 24.97 -1.85 30.67
N TRP C 161 24.22 -2.07 31.73
CA TRP C 161 24.62 -1.72 33.08
C TRP C 161 24.02 -2.76 33.98
N VAL C 162 24.81 -3.78 34.32
CA VAL C 162 24.36 -4.77 35.30
C VAL C 162 25.29 -4.72 36.51
N ASP C 163 24.71 -4.91 37.69
CA ASP C 163 25.48 -4.99 38.92
C ASP C 163 26.51 -3.87 39.05
N GLY C 164 26.10 -2.67 38.70
CA GLY C 164 26.97 -1.51 38.74
C GLY C 164 28.17 -1.56 37.83
N ALA C 165 28.11 -2.24 36.70
CA ALA C 165 29.26 -2.22 35.80
C ALA C 165 28.83 -2.13 34.35
N TYR C 166 29.67 -1.52 33.53
CA TYR C 166 29.43 -1.50 32.09
C TYR C 166 29.52 -2.90 31.48
N VAL C 167 28.52 -3.25 30.67
CA VAL C 167 28.51 -4.52 29.95
C VAL C 167 28.60 -4.25 28.44
N LEU C 168 29.59 -4.84 27.77
CA LEU C 168 29.71 -4.63 26.31
C LEU C 168 28.96 -5.63 25.46
N ASN C 169 28.11 -5.11 24.56
CA ASN C 169 27.25 -5.93 23.69
C ASN C 169 26.59 -7.05 24.45
N PRO C 170 25.80 -6.65 25.46
CA PRO C 170 25.07 -7.63 26.26
C PRO C 170 24.15 -8.43 25.38
N THR C 171 24.07 -9.71 25.66
CA THR C 171 23.23 -10.59 24.91
C THR C 171 21.81 -10.36 25.37
N LEU C 172 20.83 -10.84 24.60
CA LEU C 172 19.43 -10.66 24.90
C LEU C 172 19.13 -11.10 26.31
N ASP C 173 19.77 -12.19 26.76
CA ASP C 173 19.58 -12.61 28.16
C ASP C 173 20.23 -11.62 29.14
N GLU C 174 21.46 -11.20 28.86
CA GLU C 174 22.13 -10.22 29.71
C GLU C 174 21.25 -8.96 29.87
N MET C 175 20.60 -8.53 28.79
CA MET C 175 19.81 -7.29 28.83
C MET C 175 18.63 -7.37 29.79
N LYS C 176 18.20 -8.58 30.12
CA LYS C 176 17.06 -8.76 31.04
C LYS C 176 17.37 -8.38 32.47
N GLU C 177 18.63 -8.06 32.72
CA GLU C 177 19.14 -7.83 34.04
C GLU C 177 19.63 -6.40 34.05
N SER C 178 19.93 -5.86 32.87
CA SER C 178 20.54 -4.53 32.67
C SER C 178 19.59 -3.36 32.93
N LYS C 179 20.13 -2.26 33.45
CA LYS C 179 19.30 -1.08 33.80
C LYS C 179 19.50 0.02 32.77
N MET C 180 19.93 -0.36 31.59
CA MET C 180 20.32 0.62 30.59
C MET C 180 20.49 -0.10 29.26
N ASP C 181 19.79 0.35 28.23
CA ASP C 181 20.14 -0.02 26.86
C ASP C 181 20.65 1.22 26.18
N LEU C 182 21.96 1.28 25.99
CA LEU C 182 22.63 2.39 25.36
C LEU C 182 23.31 1.98 24.07
N VAL C 183 22.86 2.46 22.91
CA VAL C 183 23.64 2.16 21.72
C VAL C 183 24.36 3.39 21.24
N VAL C 184 25.61 3.18 20.84
CA VAL C 184 26.48 4.28 20.46
C VAL C 184 27.21 3.94 19.18
N ALA C 185 27.37 4.93 18.30
CA ALA C 185 28.18 4.77 17.10
C ALA C 185 29.05 5.99 16.82
N GLY C 186 30.23 5.73 16.29
CA GLY C 186 31.18 6.77 15.93
C GLY C 186 32.43 6.26 15.21
N THR C 187 33.23 7.23 14.79
CA THR C 187 34.52 7.00 14.14
C THR C 187 35.58 6.84 15.22
N ALA C 188 36.85 6.75 14.82
CA ALA C 188 37.91 6.61 15.80
C ALA C 188 38.09 7.91 16.57
N ASP C 189 37.90 9.02 15.90
CA ASP C 189 38.01 10.35 16.50
C ASP C 189 36.76 10.76 17.31
N ALA C 190 35.55 10.61 16.75
CA ALA C 190 34.38 11.20 17.41
C ALA C 190 33.27 10.19 17.70
N VAL C 191 32.56 10.38 18.79
CA VAL C 191 31.23 9.77 18.93
C VAL C 191 30.23 10.54 18.06
N MET C 192 29.46 9.80 17.26
CA MET C 192 28.56 10.38 16.27
C MET C 192 27.06 10.26 16.61
N MET C 193 26.63 9.15 17.23
CA MET C 193 25.23 8.86 17.38
C MET C 193 25.01 8.16 18.67
N VAL C 194 24.00 8.57 19.41
CA VAL C 194 23.68 7.89 20.67
C VAL C 194 22.20 7.79 20.73
N GLU C 195 21.72 6.63 21.17
CA GLU C 195 20.29 6.35 21.25
C GLU C 195 20.17 5.51 22.48
N SER C 196 19.29 5.82 23.43
CA SER C 196 19.29 4.98 24.64
C SER C 196 17.94 4.87 25.32
N GLU C 197 17.78 3.89 26.18
CA GLU C 197 16.62 3.78 27.07
C GLU C 197 17.24 3.50 28.42
N ILE C 198 16.85 4.25 29.45
CA ILE C 198 17.63 4.27 30.68
C ILE C 198 16.78 4.20 31.95
N GLN C 199 17.12 3.29 32.85
CA GLN C 199 16.42 3.21 34.14
C GLN C 199 16.89 4.24 35.17
N GLU C 200 16.55 5.51 35.00
CA GLU C 200 16.85 6.54 36.02
C GLU C 200 18.34 6.58 36.43
N LEU C 201 19.25 6.56 35.48
CA LEU C 201 20.68 6.62 35.80
C LEU C 201 21.26 8.04 35.68
N SER C 202 22.32 8.30 36.43
CA SER C 202 22.98 9.62 36.48
C SER C 202 23.68 9.94 35.19
N GLU C 203 23.78 11.25 34.89
CA GLU C 203 24.51 11.75 33.72
C GLU C 203 25.94 11.18 33.69
N GLU C 204 26.55 11.11 34.86
CA GLU C 204 27.87 10.51 35.08
C GLU C 204 27.88 9.11 34.50
N ILE C 205 26.95 8.27 34.96
CA ILE C 205 26.96 6.86 34.57
C ILE C 205 26.71 6.72 33.09
N VAL C 206 25.72 7.43 32.60
CA VAL C 206 25.35 7.41 31.19
C VAL C 206 26.54 7.80 30.30
N LEU C 207 27.07 9.00 30.51
CA LEU C 207 28.20 9.48 29.73
C LEU C 207 29.41 8.57 29.87
N GLY C 208 29.55 7.97 31.05
CA GLY C 208 30.59 7.00 31.29
C GLY C 208 30.49 5.86 30.33
N GLY C 209 29.24 5.42 30.10
CA GLY C 209 28.92 4.36 29.19
C GLY C 209 29.17 4.76 27.77
N VAL C 210 28.96 6.03 27.44
CA VAL C 210 29.26 6.51 26.09
C VAL C 210 30.76 6.44 25.80
N ASN C 211 31.60 6.82 26.77
CA ASN C 211 33.03 6.70 26.57
C ASN C 211 33.50 5.25 26.55
N PHE C 212 32.86 4.44 27.40
CA PHE C 212 33.13 3.04 27.44
C PHE C 212 32.94 2.42 26.05
N ALA C 213 31.83 2.74 25.40
CA ALA C 213 31.56 2.21 24.07
C ALA C 213 32.59 2.74 23.09
N HIS C 214 32.90 4.03 23.20
CA HIS C 214 33.75 4.65 22.23
C HIS C 214 35.09 3.99 22.19
N GLN C 215 35.60 3.61 23.35
CA GLN C 215 36.89 2.91 23.38
C GLN C 215 36.73 1.47 22.92
N GLN C 216 35.68 0.82 23.41
CA GLN C 216 35.39 -0.56 23.05
C GLN C 216 35.26 -0.82 21.57
N MET C 217 34.77 0.15 20.82
CA MET C 217 34.52 -0.11 19.41
C MET C 217 35.77 0.00 18.51
N GLN C 218 36.83 0.57 19.06
CA GLN C 218 38.06 0.78 18.30
C GLN C 218 38.62 -0.54 17.79
N ALA C 219 38.45 -1.61 18.57
CA ALA C 219 38.88 -2.94 18.13
C ALA C 219 38.29 -3.26 16.73
N VAL C 220 37.02 -2.90 16.57
CA VAL C 220 36.27 -3.20 15.39
C VAL C 220 36.62 -2.23 14.28
N ILE C 221 36.81 -0.96 14.60
CA ILE C 221 37.25 -0.01 13.59
C ILE C 221 38.61 -0.46 13.00
N ASP C 222 39.57 -0.76 13.88
CA ASP C 222 40.83 -1.38 13.53
C ASP C 222 40.64 -2.54 12.53
N ALA C 223 39.82 -3.51 12.94
CA ALA C 223 39.53 -4.70 12.16
C ALA C 223 39.07 -4.33 10.76
N ILE C 224 38.17 -3.36 10.65
CA ILE C 224 37.68 -2.91 9.37
C ILE C 224 38.80 -2.32 8.51
N ILE C 225 39.54 -1.35 9.08
CA ILE C 225 40.69 -0.73 8.40
C ILE C 225 41.59 -1.82 7.81
N ASP C 226 41.82 -2.86 8.60
CA ASP C 226 42.67 -3.97 8.20
C ASP C 226 42.08 -4.68 6.98
N LEU C 227 40.79 -5.02 7.03
CA LEU C 227 40.19 -5.76 5.93
C LEU C 227 40.18 -4.93 4.68
N ALA C 228 40.02 -3.61 4.84
CA ALA C 228 39.96 -2.69 3.70
C ALA C 228 41.27 -2.68 2.92
N GLU C 229 42.40 -2.77 3.62
CA GLU C 229 43.67 -2.73 2.94
C GLU C 229 43.98 -4.06 2.21
N HIS C 230 43.31 -5.14 2.57
CA HIS C 230 43.51 -6.39 1.85
C HIS C 230 42.56 -6.58 0.70
N ALA C 231 41.51 -5.76 0.66
CA ALA C 231 40.36 -6.06 -0.14
C ALA C 231 39.50 -4.88 -0.57
N ALA C 232 39.78 -3.67 -0.12
CA ALA C 232 38.93 -2.57 -0.57
C ALA C 232 39.22 -2.28 -2.04
N LYS C 233 38.37 -1.48 -2.66
CA LYS C 233 38.53 -1.14 -4.04
C LYS C 233 39.39 0.10 -4.17
N GLU C 234 39.77 0.42 -5.41
CA GLU C 234 40.33 1.71 -5.77
C GLU C 234 39.36 2.82 -5.31
N PRO C 235 39.83 3.83 -4.57
CA PRO C 235 38.90 4.88 -4.17
C PRO C 235 38.22 5.47 -5.38
N PHE C 236 36.93 5.73 -5.29
CA PHE C 236 36.23 6.35 -6.41
C PHE C 236 36.68 7.81 -6.46
N ALA C 237 37.33 8.19 -7.56
CA ALA C 237 37.93 9.53 -7.71
C ALA C 237 36.84 10.57 -7.66
N PHE C 238 36.91 11.41 -6.65
CA PHE C 238 35.95 12.47 -6.44
C PHE C 238 36.63 13.30 -5.40
N GLU C 239 36.37 14.59 -5.48
CA GLU C 239 36.84 15.57 -4.50
C GLU C 239 36.18 16.89 -4.86
N PRO C 240 35.77 17.65 -3.83
CA PRO C 240 35.27 19.03 -4.05
C PRO C 240 36.51 19.90 -4.15
N GLU C 241 36.46 21.11 -4.73
CA GLU C 241 35.29 21.99 -5.02
C GLU C 241 35.37 23.20 -4.09
N ASP C 242 36.56 23.42 -3.54
CA ASP C 242 36.75 24.27 -2.40
C ASP C 242 35.90 25.51 -2.48
N THR C 243 35.11 25.64 -1.44
CA THR C 243 34.15 26.69 -1.29
C THR C 243 34.80 27.84 -0.52
N ASP C 244 35.84 27.53 0.26
CA ASP C 244 36.54 28.53 1.07
C ASP C 244 36.87 29.76 0.23
N ALA C 245 37.36 29.50 -0.99
CA ALA C 245 37.77 30.55 -1.92
C ALA C 245 36.63 31.48 -2.24
N ILE C 246 35.64 30.97 -3.00
CA ILE C 246 34.43 31.70 -3.38
C ILE C 246 33.62 32.23 -2.19
N LYS C 247 33.65 31.53 -1.07
CA LYS C 247 33.19 32.06 0.22
C LYS C 247 33.93 33.32 0.65
N ALA C 248 35.25 33.36 0.41
CA ALA C 248 36.06 34.53 0.73
C ALA C 248 35.67 35.73 -0.13
N LYS C 249 35.47 35.52 -1.42
CA LYS C 249 35.00 36.61 -2.28
C LYS C 249 33.58 37.09 -1.93
N MET C 250 32.87 36.35 -1.07
CA MET C 250 31.51 36.71 -0.70
C MET C 250 31.45 37.10 0.78
N LYS C 251 32.37 36.55 1.57
CA LYS C 251 32.55 36.94 2.97
C LYS C 251 32.93 38.42 3.06
N ASP C 252 33.65 38.93 2.06
CA ASP C 252 33.94 40.38 1.94
C ASP C 252 32.74 41.18 1.46
N LEU C 253 32.09 40.70 0.40
CA LEU C 253 30.98 41.41 -0.22
C LEU C 253 29.80 41.68 0.71
N VAL C 254 29.20 40.61 1.24
CA VAL C 254 28.03 40.74 2.13
C VAL C 254 28.30 40.54 3.63
N GLY C 255 29.54 40.17 4.00
CA GLY C 255 29.86 39.85 5.40
C GLY C 255 29.27 40.85 6.38
N ALA C 256 29.95 41.99 6.50
CA ALA C 256 29.45 43.19 7.19
C ALA C 256 27.93 43.38 7.08
N ASP C 257 27.42 43.12 5.86
CA ASP C 257 26.01 43.26 5.51
C ASP C 257 25.16 42.38 6.41
N ILE C 258 24.98 41.11 6.06
CA ILE C 258 24.30 40.13 6.96
C ILE C 258 24.65 40.27 8.46
N ALA C 259 25.92 40.52 8.73
CA ALA C 259 26.47 40.73 10.07
C ALA C 259 25.68 41.75 10.90
N ALA C 260 25.77 43.03 10.56
CA ALA C 260 24.92 44.03 11.19
C ALA C 260 23.45 43.79 10.87
N ALA C 261 23.19 43.30 9.65
CA ALA C 261 21.87 42.91 9.18
C ALA C 261 21.18 41.87 10.03
N TYR C 262 21.63 41.75 11.28
CA TYR C 262 21.09 40.80 12.24
C TYR C 262 20.58 41.39 13.57
N LYS C 263 21.22 42.44 14.06
CA LYS C 263 20.86 42.98 15.38
C LYS C 263 20.67 44.49 15.39
N ILE C 264 19.78 45.07 14.56
CA ILE C 264 18.45 44.60 14.09
C ILE C 264 17.43 44.97 15.22
N GLN C 265 16.27 44.37 15.44
CA GLN C 265 15.94 42.96 15.40
C GLN C 265 14.41 43.00 15.29
N LYS C 266 13.78 41.85 15.04
CA LYS C 266 12.35 41.81 14.74
C LYS C 266 12.02 42.52 13.42
N LYS C 267 11.22 41.82 12.61
CA LYS C 267 10.89 42.13 11.23
C LYS C 267 10.58 40.73 10.74
N GLN C 268 10.60 39.80 11.71
CA GLN C 268 10.88 38.38 11.54
C GLN C 268 12.22 38.26 10.83
N ASP C 269 13.09 37.36 11.30
CA ASP C 269 14.48 37.18 10.79
C ASP C 269 15.16 38.35 10.00
N ARG C 270 15.05 39.58 10.51
CA ARG C 270 15.71 40.79 9.95
C ARG C 270 15.50 40.71 8.43
N TYR C 271 15.15 41.79 7.77
CA TYR C 271 14.71 41.61 6.39
C TYR C 271 15.55 42.31 5.32
N GLU C 272 15.57 43.65 5.35
CA GLU C 272 16.17 44.45 4.28
C GLU C 272 17.60 43.94 3.98
N ALA C 273 18.57 44.33 4.79
CA ALA C 273 19.94 43.87 4.59
C ALA C 273 20.03 42.34 4.43
N VAL C 274 19.14 41.60 5.10
CA VAL C 274 19.06 40.15 4.95
C VAL C 274 18.93 39.78 3.46
N GLY C 275 17.72 39.83 2.94
CA GLY C 275 17.50 39.54 1.52
C GLY C 275 18.37 40.40 0.60
N ALA C 276 18.73 41.59 1.08
CA ALA C 276 19.58 42.53 0.36
C ALA C 276 20.86 41.79 0.08
N ALA C 277 21.66 41.57 1.12
CA ALA C 277 22.84 40.68 1.05
C ALA C 277 22.66 39.48 0.12
N LYS C 278 21.58 38.73 0.32
CA LYS C 278 21.20 37.60 -0.54
C LYS C 278 21.34 37.96 -2.02
N LYS C 279 20.33 38.62 -2.57
CA LYS C 279 20.35 38.92 -4.00
C LYS C 279 21.55 39.80 -4.41
N LYS C 280 22.01 40.69 -3.51
CA LYS C 280 23.16 41.57 -3.74
C LYS C 280 24.41 40.77 -4.11
N ALA C 281 24.85 39.90 -3.19
CA ALA C 281 25.97 39.00 -3.46
C ALA C 281 25.70 38.12 -4.68
N ILE C 282 24.45 37.67 -4.85
CA ILE C 282 24.05 36.97 -6.07
C ILE C 282 24.46 37.79 -7.30
N ALA C 283 23.88 38.98 -7.45
CA ALA C 283 24.21 39.92 -8.51
C ALA C 283 25.72 40.05 -8.73
N ALA C 284 26.43 40.75 -7.85
CA ALA C 284 27.87 40.92 -8.02
C ALA C 284 28.60 39.65 -8.51
N LEU C 285 27.97 38.48 -8.34
CA LEU C 285 28.58 37.21 -8.72
C LEU C 285 27.54 36.23 -9.29
N GLY C 286 28.01 35.11 -9.83
CA GLY C 286 27.13 33.99 -10.22
C GLY C 286 26.68 33.89 -11.68
N LEU C 287 27.64 33.68 -12.58
CA LEU C 287 27.43 33.87 -14.02
C LEU C 287 27.05 35.33 -14.23
N SER C 288 26.21 35.60 -15.22
CA SER C 288 25.85 36.99 -15.60
C SER C 288 27.05 37.95 -15.82
N ASP C 289 27.83 37.77 -16.89
CA ASP C 289 27.64 36.89 -18.08
C ASP C 289 27.50 37.49 -19.51
N GLU C 290 27.66 38.79 -19.78
CA GLU C 290 27.94 39.89 -18.82
C GLU C 290 29.26 39.82 -18.05
N ASN C 291 29.99 38.70 -18.23
CA ASN C 291 31.06 38.24 -17.32
C ASN C 291 30.98 36.71 -17.10
N PRO C 292 32.06 35.94 -17.42
CA PRO C 292 32.03 34.54 -17.03
C PRO C 292 32.10 34.47 -15.52
N THR C 293 32.72 33.43 -14.98
CA THR C 293 32.79 33.25 -13.50
C THR C 293 31.67 33.98 -12.72
N GLY C 294 30.85 33.26 -11.95
CA GLY C 294 30.87 31.81 -11.89
C GLY C 294 29.53 31.44 -11.34
N TYR C 295 29.52 30.78 -10.18
CA TYR C 295 28.29 30.44 -9.44
C TYR C 295 27.53 29.31 -10.11
N ASP C 296 26.21 29.44 -10.10
CA ASP C 296 25.28 28.50 -10.70
C ASP C 296 24.08 28.75 -9.82
N PRO C 297 23.97 30.00 -9.30
CA PRO C 297 23.21 30.41 -8.11
C PRO C 297 22.37 29.30 -7.42
N LEU C 298 22.70 28.04 -7.69
CA LEU C 298 22.40 26.91 -6.82
C LEU C 298 23.62 26.73 -5.93
N LYS C 299 24.79 26.55 -6.54
CA LYS C 299 26.05 26.43 -5.80
C LYS C 299 26.37 27.70 -4.95
N LEU C 300 26.07 28.89 -5.48
CA LEU C 300 26.27 30.15 -4.74
C LEU C 300 25.23 30.29 -3.61
N GLY C 301 24.01 29.86 -3.90
CA GLY C 301 22.95 29.81 -2.90
C GLY C 301 23.32 29.00 -1.68
N ALA C 302 23.91 27.83 -1.92
CA ALA C 302 24.47 26.95 -0.89
C ALA C 302 25.56 27.66 -0.08
N ILE C 303 26.50 28.30 -0.77
CA ILE C 303 27.60 29.02 -0.12
C ILE C 303 27.07 30.17 0.75
N PHE C 304 25.89 30.66 0.39
CA PHE C 304 25.25 31.68 1.19
C PHE C 304 24.73 31.13 2.53
N LYS C 305 24.00 30.01 2.47
CA LYS C 305 23.51 29.34 3.68
C LYS C 305 24.66 29.15 4.68
N GLU C 306 25.78 28.60 4.20
CA GLU C 306 26.96 28.39 5.02
C GLU C 306 27.46 29.71 5.61
N LEU C 307 27.45 30.76 4.81
CA LEU C 307 27.96 32.06 5.25
C LEU C 307 27.02 32.66 6.31
N GLU C 308 25.72 32.59 6.02
CA GLU C 308 24.68 33.05 6.92
C GLU C 308 24.92 32.40 8.27
N ALA C 309 24.74 31.07 8.32
CA ALA C 309 25.04 30.26 9.50
C ALA C 309 26.28 30.74 10.27
N ASP C 310 27.39 30.88 9.55
CA ASP C 310 28.65 31.34 10.14
C ASP C 310 28.52 32.63 10.96
N VAL C 311 27.84 33.62 10.41
CA VAL C 311 27.64 34.88 11.12
C VAL C 311 26.62 34.80 12.31
N VAL C 312 25.48 34.14 12.09
CA VAL C 312 24.58 33.73 13.19
C VAL C 312 25.35 33.09 14.36
N ARG C 313 26.11 32.04 14.06
CA ARG C 313 26.89 31.34 15.08
C ARG C 313 27.84 32.27 15.82
N ARG C 314 28.61 33.04 15.05
CA ARG C 314 29.51 34.06 15.58
C ARG C 314 28.74 35.05 16.47
N GLY C 315 27.56 35.45 15.99
CA GLY C 315 26.62 36.26 16.76
C GLY C 315 26.33 35.70 18.14
N ILE C 316 26.26 34.38 18.25
CA ILE C 316 25.93 33.69 19.50
C ILE C 316 27.14 33.53 20.40
N LEU C 317 28.30 33.25 19.80
CA LEU C 317 29.52 33.12 20.56
C LEU C 317 29.96 34.42 21.22
N ASP C 318 29.75 35.53 20.51
CA ASP C 318 30.05 36.87 21.02
C ASP C 318 28.76 37.52 21.51
N THR C 319 28.47 37.37 22.82
CA THR C 319 27.16 37.73 23.38
C THR C 319 26.12 37.28 22.36
N GLY C 320 25.58 36.09 22.56
CA GLY C 320 25.34 35.46 23.86
C GLY C 320 23.82 35.44 23.82
N LEU C 321 23.32 36.04 22.73
CA LEU C 321 21.93 36.23 22.37
C LEU C 321 21.65 35.52 21.06
N ARG C 322 20.44 34.98 20.96
CA ARG C 322 20.08 34.08 19.89
C ARG C 322 19.21 34.76 18.84
N ILE C 323 18.94 34.08 17.73
CA ILE C 323 17.96 34.58 16.77
C ILE C 323 16.69 35.16 17.44
N ASP C 324 16.04 34.40 18.33
CA ASP C 324 14.81 34.89 18.98
C ASP C 324 15.07 35.81 20.16
N GLY C 325 16.32 36.25 20.28
CA GLY C 325 16.71 37.20 21.30
C GLY C 325 16.72 36.64 22.71
N ARG C 326 16.94 35.33 22.84
CA ARG C 326 17.09 34.78 24.18
C ARG C 326 18.50 34.31 24.47
N ASP C 327 18.73 34.16 25.77
CA ASP C 327 19.98 33.72 26.34
C ASP C 327 20.26 32.27 25.93
N VAL C 328 21.52 31.83 26.00
CA VAL C 328 21.82 30.44 25.72
C VAL C 328 21.05 29.47 26.61
N LYS C 329 20.85 29.85 27.88
CA LYS C 329 20.30 28.98 28.91
C LYS C 329 18.78 29.06 28.99
N THR C 330 18.20 30.08 28.38
CA THR C 330 16.77 30.34 28.50
C THR C 330 15.86 29.38 27.71
N VAL C 331 14.99 28.68 28.44
CA VAL C 331 13.94 27.84 27.86
C VAL C 331 12.78 28.75 27.49
N ARG C 332 12.06 28.44 26.42
CA ARG C 332 10.85 29.22 26.05
C ARG C 332 9.72 29.06 27.08
N PRO C 333 8.77 30.03 27.11
CA PRO C 333 7.58 29.90 27.97
C PRO C 333 6.84 28.55 27.78
N ILE C 334 6.28 28.04 28.86
CA ILE C 334 5.72 26.70 28.83
C ILE C 334 4.38 26.61 29.52
N LEU C 335 3.41 25.99 28.87
CA LEU C 335 2.14 25.80 29.54
C LEU C 335 1.55 24.43 29.23
N GLY C 336 1.44 23.63 30.30
CA GLY C 336 0.85 22.29 30.25
C GLY C 336 -0.59 22.41 30.65
N GLU C 337 -1.45 21.57 30.08
CA GLU C 337 -2.87 21.68 30.33
C GLU C 337 -3.50 20.30 30.24
N VAL C 338 -4.09 19.86 31.36
CA VAL C 338 -4.60 18.51 31.52
C VAL C 338 -6.08 18.40 31.26
N GLY C 339 -6.55 17.18 31.03
CA GLY C 339 -7.95 16.90 30.79
C GLY C 339 -8.64 17.71 29.68
N ILE C 340 -7.95 18.01 28.59
CA ILE C 340 -8.52 18.87 27.55
C ILE C 340 -9.60 18.18 26.73
N LEU C 341 -9.61 16.85 26.73
CA LEU C 341 -10.66 16.12 26.07
C LEU C 341 -11.28 15.16 27.07
N PRO C 342 -12.05 15.71 28.01
CA PRO C 342 -12.51 15.07 29.25
C PRO C 342 -13.18 13.70 29.11
N ARG C 343 -13.66 13.32 27.93
CA ARG C 343 -14.19 11.95 27.79
C ARG C 343 -13.08 10.95 27.42
N THR C 344 -11.96 11.46 26.93
CA THR C 344 -10.84 10.58 26.62
C THR C 344 -10.29 10.09 27.94
N HIS C 345 -9.67 8.91 27.94
CA HIS C 345 -9.17 8.35 29.17
C HIS C 345 -8.18 9.26 29.84
N GLY C 346 -7.35 9.96 29.07
CA GLY C 346 -6.46 10.98 29.63
C GLY C 346 -5.89 11.85 28.53
N SER C 347 -5.87 13.15 28.76
CA SER C 347 -5.44 14.05 27.70
C SER C 347 -4.64 15.22 28.24
N ALA C 348 -3.75 15.76 27.42
CA ALA C 348 -2.99 16.93 27.81
C ALA C 348 -2.67 17.71 26.56
N LEU C 349 -2.50 19.01 26.72
CA LEU C 349 -1.89 19.81 25.67
C LEU C 349 -0.60 20.34 26.27
N PHE C 350 0.51 20.07 25.63
CA PHE C 350 1.75 20.66 26.09
C PHE C 350 2.21 21.68 25.05
N THR C 351 2.45 22.91 25.49
CA THR C 351 2.98 23.95 24.61
C THR C 351 4.25 24.59 25.15
N ARG C 352 5.29 24.58 24.32
CA ARG C 352 6.56 25.21 24.65
C ARG C 352 7.00 26.07 23.48
N GLY C 353 6.93 27.39 23.65
CA GLY C 353 7.25 28.30 22.57
C GLY C 353 6.37 28.03 21.35
N GLU C 354 6.96 27.56 20.27
CA GLU C 354 6.17 27.32 19.07
C GLU C 354 6.11 25.85 18.71
N THR C 355 6.29 25.02 19.72
CA THR C 355 6.16 23.58 19.60
C THR C 355 4.99 23.18 20.50
N GLN C 356 4.11 22.33 19.98
CA GLN C 356 2.87 21.98 20.68
C GLN C 356 2.46 20.56 20.26
N ALA C 357 2.01 19.78 21.25
CA ALA C 357 1.58 18.39 21.06
C ALA C 357 0.29 18.18 21.80
N ILE C 358 -0.72 17.60 21.13
CA ILE C 358 -1.90 17.07 21.82
C ILE C 358 -1.63 15.62 22.10
N VAL C 359 -1.70 15.24 23.37
CA VAL C 359 -1.43 13.84 23.70
C VAL C 359 -2.57 13.15 24.40
N VAL C 360 -3.00 12.03 23.82
CA VAL C 360 -4.11 11.29 24.42
C VAL C 360 -3.81 9.83 24.79
N ALA C 361 -3.85 9.58 26.09
CA ALA C 361 -3.77 8.23 26.67
C ALA C 361 -5.08 7.45 26.48
N THR C 362 -4.96 6.16 26.22
CA THR C 362 -6.13 5.30 26.10
C THR C 362 -5.76 3.98 26.76
N LEU C 363 -6.64 3.55 27.69
CA LEU C 363 -6.43 2.33 28.47
C LEU C 363 -7.17 1.15 27.90
N GLY C 364 -6.48 0.02 27.82
CA GLY C 364 -7.03 -1.20 27.22
C GLY C 364 -6.66 -2.45 27.96
N THR C 365 -7.14 -3.57 27.46
CA THR C 365 -6.97 -4.88 28.12
C THR C 365 -6.08 -5.77 27.25
N GLY C 366 -6.20 -7.08 27.41
CA GLY C 366 -5.28 -7.97 26.72
C GLY C 366 -5.45 -8.01 25.22
N ASP C 367 -6.68 -7.86 24.73
CA ASP C 367 -6.88 -7.91 23.27
C ASP C 367 -6.40 -6.65 22.55
N ASP C 368 -5.88 -5.71 23.33
CA ASP C 368 -5.39 -4.43 22.79
C ASP C 368 -3.87 -4.42 22.70
N GLU C 369 -3.22 -5.37 23.36
CA GLU C 369 -1.74 -5.41 23.26
C GLU C 369 -1.27 -5.96 21.95
N GLN C 370 -0.14 -5.44 21.47
CA GLN C 370 0.33 -5.64 20.12
C GLN C 370 1.22 -6.85 19.93
N PHE C 371 0.91 -7.67 18.94
CA PHE C 371 1.82 -8.77 18.60
C PHE C 371 3.05 -8.24 17.87
N ILE C 372 4.21 -8.62 18.36
CA ILE C 372 5.45 -8.31 17.67
C ILE C 372 6.18 -9.61 17.43
N ASP C 373 6.31 -10.11 16.21
CA ASP C 373 7.03 -11.37 16.17
C ASP C 373 8.47 -11.14 15.83
N ALA C 374 9.22 -10.76 16.85
CA ALA C 374 10.67 -10.61 16.82
C ALA C 374 11.30 -11.87 16.30
N LEU C 375 12.46 -11.78 15.68
CA LEU C 375 13.14 -12.99 15.31
C LEU C 375 13.35 -13.83 16.54
N GLU C 376 13.79 -13.18 17.63
CA GLU C 376 14.25 -13.93 18.80
C GLU C 376 13.12 -14.60 19.59
N GLY C 377 11.90 -14.52 19.08
CA GLY C 377 10.75 -14.91 19.86
C GLY C 377 9.67 -13.83 19.81
N THR C 378 8.47 -14.29 19.52
CA THR C 378 7.34 -13.39 19.43
C THR C 378 6.92 -12.95 20.83
N TYR C 379 6.67 -11.65 21.01
CA TYR C 379 6.26 -11.13 22.33
C TYR C 379 4.99 -10.28 22.20
N LYS C 380 4.42 -9.82 23.33
CA LYS C 380 3.20 -9.02 23.30
C LYS C 380 3.46 -7.68 23.91
N GLU C 381 3.38 -6.60 23.13
CA GLU C 381 3.70 -5.27 23.62
C GLU C 381 2.46 -4.61 24.20
N SER C 382 2.55 -4.12 25.44
CA SER C 382 1.37 -3.49 26.08
C SER C 382 1.49 -1.99 26.32
N PHE C 383 2.55 -1.38 25.84
CA PHE C 383 2.72 0.07 25.94
C PHE C 383 3.02 0.55 24.54
N LEU C 384 2.08 1.28 23.97
CA LEU C 384 2.18 1.73 22.58
C LEU C 384 2.25 3.23 22.52
N LEU C 385 3.21 3.74 21.77
CA LEU C 385 3.29 5.21 21.58
C LEU C 385 3.38 5.59 20.12
N HIS C 386 2.34 6.26 19.63
CA HIS C 386 2.33 6.71 18.24
C HIS C 386 2.35 8.20 18.09
N TYR C 387 3.33 8.67 17.31
CA TYR C 387 3.66 10.07 17.13
C TYR C 387 3.30 10.48 15.70
N ASN C 388 2.56 11.58 15.56
CA ASN C 388 2.06 12.04 14.28
C ASN C 388 2.54 13.43 14.02
N PHE C 389 3.09 13.69 12.85
CA PHE C 389 3.65 15.00 12.58
C PHE C 389 3.02 15.54 11.32
N PRO C 390 1.83 16.15 11.44
CA PRO C 390 1.12 16.65 10.29
C PRO C 390 1.74 17.97 9.77
N PRO C 391 1.70 18.18 8.45
CA PRO C 391 2.44 19.30 7.91
C PRO C 391 1.94 20.66 8.40
N TYR C 392 0.67 20.74 8.85
CA TYR C 392 0.15 22.02 9.34
C TYR C 392 0.92 22.55 10.53
N SER C 393 1.60 21.64 11.24
CA SER C 393 2.31 21.98 12.45
C SER C 393 3.34 23.05 12.14
N VAL C 394 3.89 23.00 10.93
CA VAL C 394 4.92 23.95 10.53
C VAL C 394 4.44 24.90 9.45
N GLY C 395 3.13 25.04 9.34
CA GLY C 395 2.53 25.92 8.35
C GLY C 395 2.55 25.42 6.91
N GLU C 396 2.97 24.17 6.68
CA GLU C 396 3.05 23.60 5.32
C GLU C 396 1.90 22.64 4.95
N THR C 397 1.80 22.33 3.65
CA THR C 397 0.94 21.25 3.15
C THR C 397 1.76 20.01 2.85
N GLY C 398 1.17 18.84 2.93
CA GLY C 398 1.92 17.62 2.58
C GLY C 398 1.02 16.42 2.51
N ARG C 399 1.54 15.31 1.95
CA ARG C 399 0.76 14.07 1.93
C ARG C 399 0.57 13.66 3.36
N MET C 400 -0.66 13.26 3.69
CA MET C 400 -1.02 12.74 5.01
C MET C 400 -1.10 11.24 4.75
N GLY C 401 -1.12 10.44 5.83
CA GLY C 401 -1.22 8.98 5.73
C GLY C 401 0.06 8.13 5.79
N SER C 402 0.04 7.19 6.74
CA SER C 402 1.11 6.20 7.05
C SER C 402 2.43 6.81 7.49
N PRO C 403 2.73 6.67 8.78
CA PRO C 403 3.87 7.33 9.39
C PRO C 403 5.20 6.96 8.74
N GLY C 404 6.04 7.97 8.49
CA GLY C 404 7.36 7.74 7.88
C GLY C 404 8.43 7.61 8.94
N ARG C 405 9.66 7.27 8.54
CA ARG C 405 10.72 6.86 9.50
C ARG C 405 10.92 7.81 10.67
N ARG C 406 10.90 9.10 10.39
CA ARG C 406 11.16 10.09 11.41
C ARG C 406 10.10 10.06 12.52
N GLU C 407 8.86 9.76 12.13
CA GLU C 407 7.75 9.69 13.09
C GLU C 407 7.82 8.43 13.90
N ILE C 408 8.33 7.37 13.27
CA ILE C 408 8.51 6.12 13.94
C ILE C 408 9.66 6.29 14.92
N GLY C 409 10.73 6.94 14.47
CA GLY C 409 11.83 7.31 15.35
C GLY C 409 11.38 8.12 16.55
N HIS C 410 10.83 9.31 16.30
CA HIS C 410 10.41 10.16 17.39
C HIS C 410 9.46 9.51 18.31
N GLY C 411 8.39 8.91 17.82
CA GLY C 411 7.58 8.05 18.68
C GLY C 411 8.46 7.17 19.57
N LYS C 412 9.39 6.41 18.95
CA LYS C 412 10.21 5.45 19.68
C LYS C 412 11.03 6.13 20.74
N LEU C 413 11.58 7.31 20.42
CA LEU C 413 12.37 8.08 21.38
C LEU C 413 11.55 8.40 22.64
N ALA C 414 10.44 9.08 22.44
CA ALA C 414 9.50 9.38 23.49
C ALA C 414 9.14 8.10 24.23
N TRP C 415 9.01 7.00 23.50
CA TRP C 415 8.67 5.74 24.14
C TRP C 415 9.76 5.34 25.09
N ARG C 416 11.01 5.38 24.64
CA ARG C 416 12.12 5.03 25.50
C ARG C 416 12.13 5.91 26.73
N ALA C 417 11.80 7.19 26.54
CA ALA C 417 11.80 8.15 27.62
C ALA C 417 10.79 7.80 28.70
N LEU C 418 9.64 7.29 28.32
CA LEU C 418 8.62 7.09 29.31
C LEU C 418 8.61 5.70 29.94
N ARG C 419 8.99 4.71 29.15
CA ARG C 419 8.80 3.34 29.60
C ARG C 419 9.35 3.00 31.01
N PRO C 420 10.56 3.49 31.31
CA PRO C 420 11.17 3.16 32.59
C PRO C 420 10.41 3.67 33.81
N MET C 421 9.45 4.55 33.60
CA MET C 421 8.63 5.05 34.71
C MET C 421 7.24 4.41 34.78
N LEU C 422 6.97 3.43 33.93
CA LEU C 422 5.67 2.73 33.96
C LEU C 422 5.45 1.82 35.19
N PRO C 423 4.21 1.79 35.70
CA PRO C 423 3.93 0.92 36.83
C PRO C 423 4.00 -0.54 36.41
N THR C 424 4.12 -1.45 37.36
CA THR C 424 4.11 -2.87 37.01
C THR C 424 2.71 -3.34 36.59
N LYS C 425 2.64 -4.43 35.83
CA LYS C 425 1.38 -5.11 35.57
C LYS C 425 0.56 -5.27 36.84
N GLU C 426 1.18 -5.83 37.89
CA GLU C 426 0.44 -6.04 39.16
C GLU C 426 -0.35 -4.83 39.58
N ASP C 427 0.29 -3.67 39.58
CA ASP C 427 -0.27 -2.42 40.07
C ASP C 427 -1.27 -1.85 39.09
N PHE C 428 -1.05 -2.11 37.81
CA PHE C 428 -1.80 -1.45 36.76
C PHE C 428 -1.95 -2.34 35.53
N PRO C 429 -2.94 -3.26 35.54
CA PRO C 429 -3.10 -4.33 34.52
C PRO C 429 -3.76 -3.87 33.21
N TYR C 430 -3.27 -2.77 32.64
CA TYR C 430 -3.87 -2.16 31.45
C TYR C 430 -2.90 -2.09 30.35
N THR C 431 -3.36 -2.15 29.11
CA THR C 431 -2.57 -1.76 27.97
C THR C 431 -2.63 -0.23 27.87
N ILE C 432 -1.50 0.42 27.66
CA ILE C 432 -1.54 1.85 27.47
C ILE C 432 -1.16 2.24 26.05
N ARG C 433 -2.07 2.93 25.35
CA ARG C 433 -1.69 3.55 24.08
C ARG C 433 -1.77 5.06 24.13
N LEU C 434 -0.60 5.67 23.96
CA LEU C 434 -0.49 7.11 23.84
C LEU C 434 -0.43 7.43 22.37
N VAL C 435 -1.20 8.41 21.93
CA VAL C 435 -0.90 8.96 20.60
C VAL C 435 -0.62 10.44 20.69
N SER C 436 0.47 10.87 20.09
CA SER C 436 0.86 12.25 20.20
C SER C 436 0.76 12.95 18.83
N GLU C 437 -0.08 13.96 18.81
CA GLU C 437 -0.37 14.70 17.60
C GLU C 437 0.31 16.04 17.66
N ILE C 438 1.37 16.22 16.89
CA ILE C 438 2.19 17.44 16.93
C ILE C 438 1.51 18.54 16.14
N THR C 439 0.95 19.53 16.83
CA THR C 439 0.08 20.54 16.19
C THR C 439 0.81 21.84 15.84
N GLU C 440 1.99 22.05 16.42
CA GLU C 440 2.89 23.15 16.11
C GLU C 440 4.28 22.60 16.30
N SER C 441 5.24 23.07 15.52
CA SER C 441 6.62 22.59 15.70
C SER C 441 7.74 23.59 15.42
N ASN C 442 8.58 23.80 16.43
CA ASN C 442 9.76 24.63 16.28
C ASN C 442 10.87 24.23 17.24
N GLY C 443 11.34 22.99 17.10
CA GLY C 443 12.30 22.45 18.04
C GLY C 443 11.69 21.44 19.03
N SER C 444 12.40 20.33 19.16
CA SER C 444 11.86 19.07 19.69
C SER C 444 10.39 18.93 20.03
N SER C 445 9.66 18.54 19.01
CA SER C 445 8.33 18.01 19.18
C SER C 445 8.38 16.67 19.93
N SER C 446 9.46 15.90 19.74
CA SER C 446 9.59 14.63 20.46
C SER C 446 9.65 14.82 21.98
N MET C 447 10.41 15.84 22.42
CA MET C 447 10.46 16.18 23.82
C MET C 447 9.10 16.68 24.28
N ALA C 448 8.46 17.52 23.47
CA ALA C 448 7.12 17.97 23.80
C ALA C 448 6.26 16.72 23.94
N THR C 449 6.50 15.70 23.11
CA THR C 449 5.70 14.48 23.21
C THR C 449 5.91 13.80 24.56
N VAL C 450 7.14 13.72 25.04
CA VAL C 450 7.35 13.08 26.35
C VAL C 450 6.59 13.79 27.43
N CYS C 451 6.72 15.11 27.50
CA CYS C 451 6.06 15.92 28.54
C CYS C 451 4.56 15.80 28.51
N GLY C 452 3.98 15.89 27.31
CA GLY C 452 2.57 15.73 27.08
C GLY C 452 2.09 14.37 27.55
N SER C 453 2.88 13.37 27.24
CA SER C 453 2.59 11.98 27.64
C SER C 453 2.55 11.81 29.16
N SER C 454 3.62 12.27 29.81
CA SER C 454 3.72 12.21 31.26
C SER C 454 2.50 12.85 31.91
N LEU C 455 2.07 14.00 31.39
CA LEU C 455 0.85 14.62 31.88
C LEU C 455 -0.38 13.81 31.54
N ALA C 456 -0.50 13.40 30.28
CA ALA C 456 -1.71 12.72 29.81
C ALA C 456 -1.93 11.40 30.55
N MET C 457 -0.85 10.67 30.82
CA MET C 457 -0.94 9.48 31.64
C MET C 457 -1.46 9.82 33.05
N MET C 458 -0.91 10.83 33.68
CA MET C 458 -1.40 11.26 34.98
C MET C 458 -2.88 11.59 34.96
N ASP C 459 -3.29 12.38 33.97
CA ASP C 459 -4.71 12.68 33.75
C ASP C 459 -5.53 11.38 33.72
N ALA C 460 -4.98 10.37 33.02
CA ALA C 460 -5.63 9.08 32.78
C ALA C 460 -5.70 8.20 34.01
N GLY C 461 -4.94 8.61 35.03
CA GLY C 461 -4.84 7.92 36.29
C GLY C 461 -3.84 6.77 36.31
N VAL C 462 -2.72 6.89 35.60
CA VAL C 462 -1.75 5.80 35.64
C VAL C 462 -0.67 6.03 36.68
N PRO C 463 -0.58 5.14 37.69
CA PRO C 463 0.39 5.26 38.79
C PRO C 463 1.84 5.19 38.28
N LEU C 464 2.19 6.20 37.49
CA LEU C 464 3.52 6.46 37.00
C LEU C 464 4.44 6.63 38.24
N VAL C 465 5.60 5.98 38.26
CA VAL C 465 6.42 6.08 39.48
C VAL C 465 6.95 7.48 39.72
N ARG C 466 7.14 8.26 38.66
CA ARG C 466 7.65 9.64 38.71
C ARG C 466 7.35 10.24 37.33
N PRO C 467 7.13 11.56 37.24
CA PRO C 467 6.82 12.14 35.94
C PRO C 467 8.09 12.39 35.13
N VAL C 468 7.98 12.58 33.82
CA VAL C 468 9.18 12.69 32.98
C VAL C 468 9.15 13.95 32.12
N SER C 469 10.32 14.59 31.97
CA SER C 469 10.47 15.81 31.18
C SER C 469 11.57 15.61 30.17
N GLY C 470 11.58 16.46 29.14
CA GLY C 470 12.57 16.31 28.08
C GLY C 470 12.92 17.65 27.51
N ILE C 471 14.17 17.82 27.10
CA ILE C 471 14.64 19.07 26.49
C ILE C 471 15.57 18.71 25.37
N ALA C 472 15.51 19.50 24.30
CA ALA C 472 16.44 19.31 23.16
C ALA C 472 17.42 20.45 23.12
N MET C 473 18.70 20.11 23.04
CA MET C 473 19.81 21.04 23.23
C MET C 473 20.63 21.17 21.96
N GLY C 474 21.45 22.21 21.86
CA GLY C 474 22.36 22.35 20.75
C GLY C 474 23.73 22.80 21.22
N LEU C 475 24.72 22.67 20.33
CA LEU C 475 26.09 23.08 20.64
C LEU C 475 26.79 23.78 19.47
N ILE C 476 27.22 25.04 19.69
CA ILE C 476 28.10 25.71 18.75
C ILE C 476 29.52 25.53 19.21
N LEU C 477 30.39 25.12 18.29
CA LEU C 477 31.78 24.91 18.59
C LEU C 477 32.71 25.60 17.61
N GLU C 478 33.38 26.65 18.07
CA GLU C 478 34.49 27.24 17.32
C GLU C 478 35.82 26.94 18.02
N GLN C 479 36.93 27.23 17.32
CA GLN C 479 38.28 26.93 17.83
C GLN C 479 38.59 27.61 19.18
N ASP C 480 38.00 28.78 19.40
CA ASP C 480 38.31 29.62 20.56
C ASP C 480 37.29 29.55 21.73
N GLY C 481 36.24 28.76 21.56
CA GLY C 481 35.16 28.67 22.53
C GLY C 481 33.95 27.94 21.99
N PHE C 482 32.98 27.72 22.86
CA PHE C 482 31.77 26.97 22.53
C PHE C 482 30.57 27.57 23.27
N ALA C 483 29.39 27.48 22.66
CA ALA C 483 28.13 27.74 23.39
C ALA C 483 27.28 26.47 23.43
N VAL C 484 26.62 26.22 24.55
CA VAL C 484 25.63 25.18 24.63
C VAL C 484 24.21 25.82 24.81
N LEU C 485 23.34 25.51 23.85
CA LEU C 485 21.99 26.09 23.74
C LEU C 485 20.90 25.22 24.36
N SER C 486 19.94 25.83 25.02
CA SER C 486 18.90 25.04 25.64
C SER C 486 17.61 25.24 24.90
N ASP C 487 16.84 24.16 24.79
CA ASP C 487 15.57 24.17 24.07
C ASP C 487 15.70 24.89 22.72
N ILE C 488 16.39 24.25 21.79
CA ILE C 488 16.71 24.91 20.52
C ILE C 488 15.51 25.12 19.62
N LEU C 489 15.59 26.20 18.85
CA LEU C 489 14.63 26.47 17.77
C LEU C 489 14.95 25.53 16.61
N GLY C 490 14.03 25.40 15.66
CA GLY C 490 14.29 24.64 14.46
C GLY C 490 15.52 25.18 13.77
N ASP C 491 15.50 26.48 13.49
CA ASP C 491 16.59 27.17 12.77
C ASP C 491 17.96 26.78 13.29
N GLU C 492 18.00 26.40 14.57
CA GLU C 492 19.23 26.21 15.33
C GLU C 492 19.80 24.81 15.21
N ASP C 493 18.99 23.87 14.72
CA ASP C 493 19.45 22.51 14.56
C ASP C 493 20.45 22.44 13.41
N HIS C 494 20.24 23.24 12.37
CA HIS C 494 21.18 23.35 11.28
C HIS C 494 22.57 23.76 11.75
N LEU C 495 22.69 24.92 12.38
CA LEU C 495 24.04 25.44 12.71
C LEU C 495 24.82 24.74 13.81
N GLY C 496 24.12 24.11 14.74
CA GLY C 496 24.81 23.35 15.82
C GLY C 496 25.69 22.24 15.28
N ASP C 497 26.84 22.03 15.90
CA ASP C 497 27.76 20.96 15.53
C ASP C 497 27.31 19.67 16.18
N MET C 498 26.39 19.83 17.12
CA MET C 498 25.88 18.69 17.86
C MET C 498 24.52 19.01 18.41
N ASP C 499 23.57 18.10 18.14
CA ASP C 499 22.21 18.22 18.68
C ASP C 499 21.98 17.06 19.58
N PHE C 500 21.31 17.30 20.71
CA PHE C 500 21.01 16.20 21.61
C PHE C 500 19.74 16.37 22.39
N LYS C 501 19.14 15.26 22.74
CA LYS C 501 17.86 15.27 23.40
C LYS C 501 17.95 14.48 24.71
N VAL C 502 17.57 15.10 25.82
CA VAL C 502 17.64 14.41 27.11
C VAL C 502 16.31 14.45 27.83
N ALA C 503 15.95 13.30 28.38
CA ALA C 503 14.70 13.20 29.07
C ALA C 503 14.96 12.39 30.30
N GLY C 504 14.23 12.69 31.35
CA GLY C 504 14.31 11.88 32.56
C GLY C 504 13.45 12.41 33.66
N THR C 505 13.70 11.92 34.87
CA THR C 505 12.93 12.25 36.04
C THR C 505 13.76 13.12 36.91
N SER C 506 13.19 13.43 38.06
CA SER C 506 13.82 14.26 39.10
C SER C 506 15.08 13.60 39.67
N GLU C 507 15.36 12.38 39.21
CA GLU C 507 16.27 11.49 39.89
C GLU C 507 17.23 10.77 38.99
N GLY C 508 17.18 11.06 37.69
CA GLY C 508 18.03 10.34 36.73
C GLY C 508 17.52 10.40 35.31
N LEU C 509 18.36 9.97 34.38
CA LEU C 509 18.02 10.02 32.97
C LEU C 509 17.19 8.82 32.61
N THR C 510 16.40 8.98 31.57
CA THR C 510 15.60 7.88 31.05
C THR C 510 15.78 7.75 29.57
N SER C 511 16.22 8.79 28.89
CA SER C 511 16.67 8.61 27.50
C SER C 511 17.63 9.71 27.10
N LEU C 512 18.76 9.32 26.52
CA LEU C 512 19.69 10.29 25.95
C LEU C 512 19.92 9.95 24.49
N GLN C 513 19.69 10.92 23.65
CA GLN C 513 19.94 10.74 22.24
C GLN C 513 20.86 11.85 21.74
N MET C 514 21.84 11.48 20.94
CA MET C 514 22.78 12.45 20.44
C MET C 514 23.00 12.31 18.94
N ASP C 515 23.08 13.44 18.24
CA ASP C 515 23.63 13.41 16.90
C ASP C 515 24.71 14.45 16.72
N ILE C 516 25.88 13.97 16.32
CA ILE C 516 27.07 14.79 16.23
C ILE C 516 27.70 14.78 14.84
N LYS C 517 28.03 15.99 14.35
CA LYS C 517 28.53 16.15 12.98
C LYS C 517 30.04 16.34 12.84
N ILE C 518 30.74 16.53 13.96
CA ILE C 518 32.17 16.87 13.92
C ILE C 518 32.94 16.33 15.10
N ALA C 519 34.25 16.10 14.90
CA ALA C 519 35.13 15.68 16.01
C ALA C 519 35.45 16.86 16.88
N GLY C 520 36.01 16.62 18.06
CA GLY C 520 36.38 17.73 18.95
C GLY C 520 35.40 17.99 20.07
N ILE C 521 34.48 17.05 20.22
CA ILE C 521 33.39 17.19 21.15
C ILE C 521 33.81 16.48 22.45
N THR C 522 34.54 17.22 23.27
CA THR C 522 35.25 16.60 24.40
C THR C 522 34.30 16.13 25.51
N PRO C 523 34.56 14.94 26.10
CA PRO C 523 34.04 14.47 27.37
C PRO C 523 33.75 15.59 28.35
N ALA C 524 34.66 16.55 28.44
CA ALA C 524 34.50 17.65 29.38
C ALA C 524 33.38 18.63 28.97
N ILE C 525 33.26 18.85 27.66
CA ILE C 525 32.19 19.66 27.09
C ILE C 525 30.85 18.93 27.25
N MET C 526 30.81 17.66 26.93
CA MET C 526 29.60 16.86 27.06
C MET C 526 29.06 16.85 28.48
N GLU C 527 29.96 16.73 29.47
CA GLU C 527 29.59 16.80 30.88
C GLU C 527 28.77 18.06 31.15
N GLN C 528 29.27 19.20 30.65
CA GLN C 528 28.63 20.52 30.81
C GLN C 528 27.33 20.63 30.07
N ALA C 529 27.34 20.18 28.83
CA ALA C 529 26.16 20.15 28.01
C ALA C 529 25.04 19.46 28.76
N LEU C 530 25.32 18.30 29.29
CA LEU C 530 24.31 17.55 30.00
C LEU C 530 23.83 18.24 31.24
N ALA C 531 24.75 18.93 31.90
CA ALA C 531 24.45 19.57 33.16
C ALA C 531 23.54 20.77 32.94
N GLN C 532 23.79 21.50 31.86
CA GLN C 532 22.88 22.55 31.44
C GLN C 532 21.48 21.97 31.13
N ALA C 533 21.43 20.85 30.42
CA ALA C 533 20.17 20.18 30.14
C ALA C 533 19.52 19.71 31.43
N LYS C 534 20.29 19.15 32.35
CA LYS C 534 19.77 18.80 33.65
C LYS C 534 18.99 19.96 34.22
N GLU C 535 19.58 21.16 34.16
CA GLU C 535 18.91 22.36 34.67
C GLU C 535 17.60 22.63 33.93
N GLY C 536 17.66 22.46 32.61
CA GLY C 536 16.54 22.70 31.69
C GLY C 536 15.36 21.80 31.95
N ARG C 537 15.60 20.50 31.95
CA ARG C 537 14.50 19.55 32.09
C ARG C 537 13.91 19.63 33.46
N ALA C 538 14.75 19.98 34.43
CA ALA C 538 14.29 20.29 35.78
C ALA C 538 13.33 21.48 35.72
N HIS C 539 13.74 22.56 35.05
CA HIS C 539 12.90 23.74 34.88
C HIS C 539 11.58 23.38 34.27
N ILE C 540 11.63 22.63 33.18
CA ILE C 540 10.43 22.26 32.46
C ILE C 540 9.53 21.38 33.32
N LEU C 541 10.08 20.39 33.99
CA LEU C 541 9.27 19.59 34.91
C LEU C 541 8.54 20.49 35.90
N GLY C 542 9.27 21.49 36.43
CA GLY C 542 8.69 22.46 37.36
C GLY C 542 7.42 23.04 36.74
N GLU C 543 7.59 23.60 35.56
CA GLU C 543 6.51 24.17 34.78
C GLU C 543 5.41 23.16 34.47
N MET C 544 5.83 21.93 34.31
CA MET C 544 4.94 20.87 33.89
C MET C 544 3.98 20.58 35.03
N ASN C 545 4.54 20.22 36.17
CA ASN C 545 3.68 19.71 37.18
C ASN C 545 2.99 20.81 37.98
N LYS C 546 3.12 22.07 37.58
CA LYS C 546 2.16 23.04 38.11
C LYS C 546 0.82 22.86 37.39
N ALA C 547 0.83 22.11 36.28
CA ALA C 547 -0.44 21.73 35.69
C ALA C 547 -0.96 20.45 36.38
N MET C 548 -0.06 19.49 36.62
CA MET C 548 -0.54 18.35 37.39
C MET C 548 0.21 17.81 38.61
N ASP C 549 1.45 17.37 38.46
CA ASP C 549 2.28 16.91 39.64
C ASP C 549 2.10 15.51 40.25
N ALA C 550 0.89 14.95 40.25
CA ALA C 550 0.76 13.53 40.59
C ALA C 550 -0.39 12.87 39.85
N PRO C 551 -0.30 11.54 39.63
CA PRO C 551 -1.38 10.81 38.94
C PRO C 551 -2.70 10.98 39.63
N ARG C 552 -3.79 10.93 38.89
CA ARG C 552 -5.09 10.78 39.50
C ARG C 552 -5.17 9.44 40.19
N ALA C 553 -5.85 9.44 41.34
CA ALA C 553 -6.09 8.25 42.14
C ALA C 553 -6.82 7.22 41.29
N ASP C 554 -7.79 7.66 40.50
CA ASP C 554 -8.61 6.72 39.72
C ASP C 554 -8.56 6.92 38.23
N VAL C 555 -8.90 5.87 37.48
CA VAL C 555 -9.02 5.99 36.03
C VAL C 555 -10.33 6.69 35.66
N GLY C 556 -10.37 7.31 34.48
CA GLY C 556 -11.55 8.09 34.07
C GLY C 556 -12.84 7.29 33.99
N ASP C 557 -13.95 8.00 34.09
CA ASP C 557 -15.31 7.41 34.07
C ASP C 557 -15.60 6.59 32.82
N PHE C 558 -14.81 6.85 31.79
CA PHE C 558 -14.98 6.18 30.51
C PHE C 558 -14.00 5.04 30.32
N ALA C 559 -12.99 4.98 31.20
CA ALA C 559 -12.01 3.90 31.12
C ALA C 559 -12.61 2.69 31.78
N PRO C 560 -12.36 1.50 31.21
CA PRO C 560 -12.85 0.30 31.89
C PRO C 560 -12.15 0.14 33.24
N LYS C 561 -12.96 -0.11 34.26
CA LYS C 561 -12.45 -0.44 35.57
C LYS C 561 -12.48 -1.95 35.56
N ILE C 562 -11.43 -2.59 36.10
CA ILE C 562 -11.31 -4.03 36.03
C ILE C 562 -11.19 -4.60 37.42
N GLU C 563 -12.12 -5.45 37.77
CA GLU C 563 -12.06 -6.08 39.07
C GLU C 563 -11.97 -7.59 38.85
N THR C 564 -11.41 -8.28 39.84
CA THR C 564 -11.13 -9.71 39.68
C THR C 564 -11.61 -10.55 40.89
N ILE C 565 -12.18 -11.72 40.58
CA ILE C 565 -12.77 -12.65 41.57
C ILE C 565 -12.63 -14.09 41.06
N ASN C 566 -12.54 -15.05 41.98
CA ASN C 566 -12.40 -16.46 41.61
C ASN C 566 -13.67 -17.28 41.74
N ILE C 567 -13.88 -18.20 40.79
CA ILE C 567 -14.98 -19.18 40.89
C ILE C 567 -14.48 -20.63 40.72
N PRO C 568 -15.18 -21.60 41.34
CA PRO C 568 -14.84 -23.02 41.15
C PRO C 568 -14.79 -23.42 39.68
N THR C 569 -13.84 -24.27 39.30
CA THR C 569 -13.72 -24.75 37.91
C THR C 569 -14.94 -25.59 37.48
N ASP C 570 -15.42 -26.43 38.38
CA ASP C 570 -16.61 -27.26 38.18
C ASP C 570 -17.92 -26.46 38.09
N LYS C 571 -17.82 -25.12 38.14
CA LYS C 571 -18.97 -24.22 38.07
C LYS C 571 -18.93 -23.36 36.80
N ILE C 572 -17.77 -23.29 36.13
CA ILE C 572 -17.63 -22.47 34.92
C ILE C 572 -18.75 -22.71 33.91
N ARG C 573 -19.12 -23.99 33.74
CA ARG C 573 -20.20 -24.36 32.83
C ARG C 573 -21.56 -23.72 33.14
N GLU C 574 -21.87 -23.59 34.44
CA GLU C 574 -23.10 -22.91 34.94
C GLU C 574 -23.17 -21.41 34.64
N VAL C 575 -22.00 -20.78 34.61
CA VAL C 575 -21.89 -19.34 34.44
C VAL C 575 -21.96 -19.01 32.94
N ILE C 576 -21.23 -19.75 32.11
CA ILE C 576 -21.33 -19.61 30.65
C ILE C 576 -22.71 -20.03 30.17
N GLY C 577 -23.23 -21.14 30.70
CA GLY C 577 -24.59 -21.60 30.38
C GLY C 577 -24.72 -22.19 28.98
N SER C 578 -25.91 -22.71 28.67
CA SER C 578 -26.19 -23.39 27.39
C SER C 578 -25.96 -22.49 26.17
N GLY C 579 -24.81 -22.64 25.55
CA GLY C 579 -24.49 -21.86 24.35
C GLY C 579 -24.05 -20.43 24.62
N GLY C 580 -23.62 -20.16 25.84
CA GLY C 580 -23.32 -18.79 26.27
C GLY C 580 -24.55 -18.03 26.79
N LYS C 581 -25.73 -18.63 26.63
CA LYS C 581 -27.02 -18.06 27.02
C LYS C 581 -27.03 -17.26 28.33
N VAL C 582 -26.40 -17.77 29.38
CA VAL C 582 -26.41 -17.07 30.68
C VAL C 582 -25.45 -15.88 30.62
N ILE C 583 -24.16 -16.19 30.45
CA ILE C 583 -23.07 -15.20 30.49
C ILE C 583 -23.38 -13.89 29.73
N ARG C 584 -23.85 -14.05 28.50
CA ARG C 584 -24.15 -12.94 27.64
C ARG C 584 -25.41 -12.21 28.11
N GLU C 585 -26.33 -12.93 28.79
CA GLU C 585 -27.48 -12.30 29.44
C GLU C 585 -26.97 -11.36 30.52
N ILE C 586 -26.00 -11.86 31.30
CA ILE C 586 -25.38 -11.07 32.36
C ILE C 586 -24.63 -9.86 31.78
N VAL C 587 -23.91 -10.07 30.69
CA VAL C 587 -23.17 -8.99 30.03
C VAL C 587 -24.10 -7.97 29.37
N ALA C 588 -25.14 -8.45 28.70
CA ALA C 588 -26.13 -7.56 28.12
C ALA C 588 -26.86 -6.73 29.18
N THR C 589 -27.43 -7.38 30.19
CA THR C 589 -28.16 -6.67 31.26
C THR C 589 -27.29 -5.74 32.13
N THR C 590 -26.28 -6.30 32.81
CA THR C 590 -25.41 -5.52 33.70
C THR C 590 -24.51 -4.49 32.96
N GLY C 591 -24.27 -4.75 31.67
CA GLY C 591 -23.43 -3.88 30.86
C GLY C 591 -21.95 -4.05 31.11
N ALA C 592 -21.58 -5.13 31.80
CA ALA C 592 -20.18 -5.43 32.09
C ALA C 592 -19.69 -6.59 31.26
N LYS C 593 -18.44 -6.49 30.80
CA LYS C 593 -17.76 -7.58 30.11
C LYS C 593 -17.22 -8.51 31.18
N VAL C 594 -17.39 -9.80 30.95
CA VAL C 594 -17.04 -10.86 31.87
C VAL C 594 -16.05 -11.82 31.16
N ASP C 595 -14.83 -11.91 31.68
CA ASP C 595 -13.81 -12.81 31.10
C ASP C 595 -13.40 -13.95 32.07
N ILE C 596 -13.93 -15.14 31.83
CA ILE C 596 -13.58 -16.34 32.60
C ILE C 596 -12.55 -17.15 31.83
N ASN C 597 -11.40 -17.44 32.43
CA ASN C 597 -10.32 -18.14 31.72
C ASN C 597 -9.16 -18.58 32.64
N ASP C 598 -9.03 -19.85 33.03
CA ASP C 598 -9.93 -20.99 32.81
C ASP C 598 -9.96 -21.74 34.13
N ASP C 599 -8.77 -21.85 34.75
CA ASP C 599 -8.54 -22.21 36.14
C ASP C 599 -9.50 -21.51 37.12
N GLY C 600 -10.28 -20.56 36.60
CA GLY C 600 -11.48 -20.09 37.28
C GLY C 600 -11.43 -18.61 37.53
N VAL C 601 -10.51 -17.94 36.83
CA VAL C 601 -10.24 -16.53 37.08
C VAL C 601 -11.19 -15.63 36.28
N VAL C 602 -12.21 -15.12 36.96
CA VAL C 602 -13.19 -14.19 36.38
C VAL C 602 -12.83 -12.70 36.55
N LYS C 603 -12.50 -12.03 35.45
CA LYS C 603 -12.26 -10.58 35.53
C LYS C 603 -13.33 -9.75 34.84
N VAL C 604 -14.04 -8.96 35.64
CA VAL C 604 -15.20 -8.18 35.22
C VAL C 604 -14.76 -6.72 34.94
N SER C 605 -15.17 -6.16 33.81
CA SER C 605 -14.87 -4.76 33.48
C SER C 605 -16.07 -4.00 32.87
N ALA C 606 -16.04 -2.67 33.03
CA ALA C 606 -17.04 -1.73 32.50
C ALA C 606 -16.63 -0.34 32.90
N SER C 607 -17.34 0.68 32.41
CA SER C 607 -17.03 2.07 32.79
C SER C 607 -17.69 2.55 34.11
N ASP C 608 -18.85 1.99 34.47
CA ASP C 608 -19.40 2.16 35.85
C ASP C 608 -18.93 1.08 36.77
N GLY C 609 -18.67 1.47 38.00
CA GLY C 609 -18.51 0.51 39.09
C GLY C 609 -19.84 -0.19 39.39
N ALA C 610 -20.93 0.45 39.00
CA ALA C 610 -22.27 -0.10 39.26
C ALA C 610 -22.55 -1.33 38.40
N LYS C 611 -22.01 -1.31 37.19
CA LYS C 611 -22.16 -2.40 36.25
C LYS C 611 -21.33 -3.57 36.73
N ILE C 612 -20.08 -3.31 37.09
CA ILE C 612 -19.20 -4.36 37.60
C ILE C 612 -19.74 -5.05 38.87
N LYS C 613 -20.29 -4.27 39.79
CA LYS C 613 -20.80 -4.84 41.03
C LYS C 613 -22.08 -5.64 40.74
N ALA C 614 -22.92 -5.10 39.86
CA ALA C 614 -24.16 -5.80 39.45
C ALA C 614 -23.83 -7.16 38.87
N ALA C 615 -22.88 -7.17 37.94
CA ALA C 615 -22.36 -8.38 37.34
C ALA C 615 -21.85 -9.32 38.41
N ILE C 616 -20.88 -8.87 39.22
CA ILE C 616 -20.28 -9.69 40.28
C ILE C 616 -21.33 -10.35 41.18
N ASP C 617 -22.34 -9.57 41.58
CA ASP C 617 -23.45 -10.11 42.40
C ASP C 617 -24.19 -11.22 41.70
N TRP C 618 -24.54 -10.97 40.43
CA TRP C 618 -25.18 -11.95 39.56
C TRP C 618 -24.39 -13.24 39.52
N ILE C 619 -23.10 -13.15 39.20
CA ILE C 619 -22.21 -14.30 39.08
C ILE C 619 -22.24 -15.18 40.34
N LYS C 620 -22.09 -14.54 41.51
CA LYS C 620 -22.00 -15.27 42.79
C LYS C 620 -23.27 -16.03 43.17
N SER C 621 -24.43 -15.53 42.74
CA SER C 621 -25.70 -16.23 42.99
C SER C 621 -25.76 -17.56 42.24
N ILE C 622 -25.12 -17.60 41.08
CA ILE C 622 -25.00 -18.86 40.33
C ILE C 622 -23.94 -19.81 40.94
N THR C 623 -22.95 -19.22 41.60
CA THR C 623 -21.78 -19.91 42.15
C THR C 623 -21.89 -20.39 43.63
N ASP C 624 -22.69 -19.69 44.44
CA ASP C 624 -23.16 -20.12 45.78
C ASP C 624 -22.11 -20.09 46.89
#